data_4XEC
# 
_entry.id   4XEC 
# 
_audit_conform.dict_name       mmcif_pdbx.dic 
_audit_conform.dict_version    5.379 
_audit_conform.dict_location   http://mmcif.pdb.org/dictionaries/ascii/mmcif_pdbx.dic 
# 
loop_
_database_2.database_id 
_database_2.database_code 
_database_2.pdbx_database_accession 
_database_2.pdbx_DOI 
PDB   4XEC         pdb_00004xec 10.2210/pdb4xec/pdb 
WWPDB D_1000205535 ?            ?                   
# 
_pdbx_database_status.status_code                     REL 
_pdbx_database_status.status_code_sf                  REL 
_pdbx_database_status.status_code_mr                  ? 
_pdbx_database_status.entry_id                        4XEC 
_pdbx_database_status.recvd_initial_deposition_date   2014-12-23 
_pdbx_database_status.SG_entry                        N 
_pdbx_database_status.deposit_site                    RCSB 
_pdbx_database_status.process_site                    RCSB 
_pdbx_database_status.status_code_cs                  ? 
_pdbx_database_status.methods_development_category    ? 
_pdbx_database_status.pdb_format_compatible           Y 
_pdbx_database_status.status_code_nmr_data            ? 
# 
loop_
_audit_author.name 
_audit_author.pdbx_ordinal 
'Reeve, S.M.'    1 
'Anderson, A.C.' 2 
# 
_citation.abstract                  ? 
_citation.abstract_id_CAS           ? 
_citation.book_id_ISBN              ? 
_citation.book_publisher            ? 
_citation.book_publisher_city       ? 
_citation.book_title                ? 
_citation.coordinate_linkage        ? 
_citation.country                   US 
_citation.database_id_Medline       ? 
_citation.details                   ? 
_citation.id                        primary 
_citation.journal_abbrev            J.Am.Chem.Soc. 
_citation.journal_id_ASTM           JACSAT 
_citation.journal_id_CSD            ? 
_citation.journal_id_ISSN           1520-5126 
_citation.journal_full              ? 
_citation.journal_issue             ? 
_citation.journal_volume            137 
_citation.language                  ? 
_citation.page_first                8983 
_citation.page_last                 8990 
_citation.title                     
'Nonracemic Antifolates Stereoselectively Recruit Alternate Cofactors and Overcome Resistance in S. aureus.' 
_citation.year                      2015 
_citation.database_id_CSD           ? 
_citation.pdbx_database_id_DOI      10.1021/jacs.5b01442 
_citation.pdbx_database_id_PubMed   26098608 
_citation.unpublished_flag          ? 
# 
loop_
_citation_author.citation_id 
_citation_author.name 
_citation_author.ordinal 
_citation_author.identifier_ORCID 
primary 'Keshipeddy, S.' 1 ? 
primary 'Reeve, S.M.'    2 ? 
primary 'Anderson, A.C.' 3 ? 
primary 'Wright, D.L.'   4 ? 
# 
_cell.angle_alpha                  90.00 
_cell.angle_alpha_esd              ? 
_cell.angle_beta                   90.00 
_cell.angle_beta_esd               ? 
_cell.angle_gamma                  120.00 
_cell.angle_gamma_esd              ? 
_cell.entry_id                     4XEC 
_cell.details                      ? 
_cell.formula_units_Z              ? 
_cell.length_a                     78.902 
_cell.length_a_esd                 ? 
_cell.length_b                     78.902 
_cell.length_b_esd                 ? 
_cell.length_c                     108.118 
_cell.length_c_esd                 ? 
_cell.volume                       ? 
_cell.volume_esd                   ? 
_cell.Z_PDB                        12 
_cell.reciprocal_angle_alpha       ? 
_cell.reciprocal_angle_beta        ? 
_cell.reciprocal_angle_gamma       ? 
_cell.reciprocal_angle_alpha_esd   ? 
_cell.reciprocal_angle_beta_esd    ? 
_cell.reciprocal_angle_gamma_esd   ? 
_cell.reciprocal_length_a          ? 
_cell.reciprocal_length_b          ? 
_cell.reciprocal_length_c          ? 
_cell.reciprocal_length_a_esd      ? 
_cell.reciprocal_length_b_esd      ? 
_cell.reciprocal_length_c_esd      ? 
_cell.pdbx_unique_axis             ? 
# 
_symmetry.entry_id                         4XEC 
_symmetry.cell_setting                     ? 
_symmetry.Int_Tables_number                178 
_symmetry.space_group_name_Hall            ? 
_symmetry.space_group_name_H-M             'P 61 2 2' 
_symmetry.pdbx_full_space_group_name_H-M   ? 
# 
loop_
_entity.id 
_entity.type 
_entity.src_method 
_entity.pdbx_description 
_entity.formula_weight 
_entity.pdbx_number_of_molecules 
_entity.pdbx_ec 
_entity.pdbx_mutation 
_entity.pdbx_fragment 
_entity.details 
1 polymer     man 'Dihydrofolate reductase'                                                                  18015.557 1  1.5.1.3 
? ? ? 
2 non-polymer syn '6-ethyl-5-{(3R)-3-[3-methoxy-5-(pyridin-4-yl)phenyl]but-1-yn-1-yl}pyrimidine-2,4-diamine' 373.451   1  ?       
? ? ? 
3 non-polymer syn 'ACETATE ION'                                                                              59.044    1  ?       
? ? ? 
4 non-polymer syn 'NADPH DIHYDRO-NICOTINAMIDE-ADENINE-DINUCLEOTIDE PHOSPHATE'                                745.421   1  ?       
? ? ? 
5 water       nat water                                                                                      18.015    38 ?       
? ? ? 
# 
_entity_name_com.entity_id   1 
_entity_name_com.name        DHFR 
# 
_entity_poly.entity_id                      1 
_entity_poly.type                           'polypeptide(L)' 
_entity_poly.nstd_linkage                   no 
_entity_poly.nstd_monomer                   no 
_entity_poly.pdbx_seq_one_letter_code       
;TLSILVAHDLQRVIGFENQLPWHLPNDLKHVKKLSTGHTLVMGRKTFESIGKPLPNRRNVVLTSDTSFNVEGVDVIHSIE
DIYQLPGHVFIFGGQTLFEEMIDKVDDMYITVIEGKFRGDTFFPPYTFEDWEVASSVEGKLDEKNTIPHTFLHLIRK
;
_entity_poly.pdbx_seq_one_letter_code_can   
;TLSILVAHDLQRVIGFENQLPWHLPNDLKHVKKLSTGHTLVMGRKTFESIGKPLPNRRNVVLTSDTSFNVEGVDVIHSIE
DIYQLPGHVFIFGGQTLFEEMIDKVDDMYITVIEGKFRGDTFFPPYTFEDWEVASSVEGKLDEKNTIPHTFLHLIRK
;
_entity_poly.pdbx_strand_id                 X 
_entity_poly.pdbx_target_identifier         ? 
# 
loop_
_entity_poly_seq.entity_id 
_entity_poly_seq.num 
_entity_poly_seq.mon_id 
_entity_poly_seq.hetero 
1 1   THR n 
1 2   LEU n 
1 3   SER n 
1 4   ILE n 
1 5   LEU n 
1 6   VAL n 
1 7   ALA n 
1 8   HIS n 
1 9   ASP n 
1 10  LEU n 
1 11  GLN n 
1 12  ARG n 
1 13  VAL n 
1 14  ILE n 
1 15  GLY n 
1 16  PHE n 
1 17  GLU n 
1 18  ASN n 
1 19  GLN n 
1 20  LEU n 
1 21  PRO n 
1 22  TRP n 
1 23  HIS n 
1 24  LEU n 
1 25  PRO n 
1 26  ASN n 
1 27  ASP n 
1 28  LEU n 
1 29  LYS n 
1 30  HIS n 
1 31  VAL n 
1 32  LYS n 
1 33  LYS n 
1 34  LEU n 
1 35  SER n 
1 36  THR n 
1 37  GLY n 
1 38  HIS n 
1 39  THR n 
1 40  LEU n 
1 41  VAL n 
1 42  MET n 
1 43  GLY n 
1 44  ARG n 
1 45  LYS n 
1 46  THR n 
1 47  PHE n 
1 48  GLU n 
1 49  SER n 
1 50  ILE n 
1 51  GLY n 
1 52  LYS n 
1 53  PRO n 
1 54  LEU n 
1 55  PRO n 
1 56  ASN n 
1 57  ARG n 
1 58  ARG n 
1 59  ASN n 
1 60  VAL n 
1 61  VAL n 
1 62  LEU n 
1 63  THR n 
1 64  SER n 
1 65  ASP n 
1 66  THR n 
1 67  SER n 
1 68  PHE n 
1 69  ASN n 
1 70  VAL n 
1 71  GLU n 
1 72  GLY n 
1 73  VAL n 
1 74  ASP n 
1 75  VAL n 
1 76  ILE n 
1 77  HIS n 
1 78  SER n 
1 79  ILE n 
1 80  GLU n 
1 81  ASP n 
1 82  ILE n 
1 83  TYR n 
1 84  GLN n 
1 85  LEU n 
1 86  PRO n 
1 87  GLY n 
1 88  HIS n 
1 89  VAL n 
1 90  PHE n 
1 91  ILE n 
1 92  PHE n 
1 93  GLY n 
1 94  GLY n 
1 95  GLN n 
1 96  THR n 
1 97  LEU n 
1 98  PHE n 
1 99  GLU n 
1 100 GLU n 
1 101 MET n 
1 102 ILE n 
1 103 ASP n 
1 104 LYS n 
1 105 VAL n 
1 106 ASP n 
1 107 ASP n 
1 108 MET n 
1 109 TYR n 
1 110 ILE n 
1 111 THR n 
1 112 VAL n 
1 113 ILE n 
1 114 GLU n 
1 115 GLY n 
1 116 LYS n 
1 117 PHE n 
1 118 ARG n 
1 119 GLY n 
1 120 ASP n 
1 121 THR n 
1 122 PHE n 
1 123 PHE n 
1 124 PRO n 
1 125 PRO n 
1 126 TYR n 
1 127 THR n 
1 128 PHE n 
1 129 GLU n 
1 130 ASP n 
1 131 TRP n 
1 132 GLU n 
1 133 VAL n 
1 134 ALA n 
1 135 SER n 
1 136 SER n 
1 137 VAL n 
1 138 GLU n 
1 139 GLY n 
1 140 LYS n 
1 141 LEU n 
1 142 ASP n 
1 143 GLU n 
1 144 LYS n 
1 145 ASN n 
1 146 THR n 
1 147 ILE n 
1 148 PRO n 
1 149 HIS n 
1 150 THR n 
1 151 PHE n 
1 152 LEU n 
1 153 HIS n 
1 154 LEU n 
1 155 ILE n 
1 156 ARG n 
1 157 LYS n 
# 
_entity_src_gen.entity_id                          1 
_entity_src_gen.pdbx_src_id                        1 
_entity_src_gen.pdbx_alt_source_flag               sample 
_entity_src_gen.pdbx_seq_type                      'Biological sequence' 
_entity_src_gen.pdbx_beg_seq_num                   1 
_entity_src_gen.pdbx_end_seq_num                   157 
_entity_src_gen.gene_src_common_name               ? 
_entity_src_gen.gene_src_genus                     ? 
_entity_src_gen.pdbx_gene_src_gene                 folA 
_entity_src_gen.gene_src_species                   ? 
_entity_src_gen.gene_src_strain                    ? 
_entity_src_gen.gene_src_tissue                    ? 
_entity_src_gen.gene_src_tissue_fraction           ? 
_entity_src_gen.gene_src_details                   ? 
_entity_src_gen.pdbx_gene_src_fragment             ? 
_entity_src_gen.pdbx_gene_src_scientific_name      'Staphylococcus aureus' 
_entity_src_gen.pdbx_gene_src_ncbi_taxonomy_id     1280 
_entity_src_gen.pdbx_gene_src_variant              ? 
_entity_src_gen.pdbx_gene_src_cell_line            ? 
_entity_src_gen.pdbx_gene_src_atcc                 29213 
_entity_src_gen.pdbx_gene_src_organ                ? 
_entity_src_gen.pdbx_gene_src_organelle            ? 
_entity_src_gen.pdbx_gene_src_cell                 ? 
_entity_src_gen.pdbx_gene_src_cellular_location    ? 
_entity_src_gen.host_org_common_name               ? 
_entity_src_gen.pdbx_host_org_scientific_name      'Escherichia coli' 
_entity_src_gen.pdbx_host_org_ncbi_taxonomy_id     511693 
_entity_src_gen.host_org_genus                     ? 
_entity_src_gen.pdbx_host_org_gene                 ? 
_entity_src_gen.pdbx_host_org_organ                ? 
_entity_src_gen.host_org_species                   ? 
_entity_src_gen.pdbx_host_org_tissue               ? 
_entity_src_gen.pdbx_host_org_tissue_fraction      ? 
_entity_src_gen.pdbx_host_org_strain               BL21 
_entity_src_gen.pdbx_host_org_variant              DE3 
_entity_src_gen.pdbx_host_org_cell_line            ? 
_entity_src_gen.pdbx_host_org_atcc                 ? 
_entity_src_gen.pdbx_host_org_culture_collection   ? 
_entity_src_gen.pdbx_host_org_cell                 ? 
_entity_src_gen.pdbx_host_org_organelle            ? 
_entity_src_gen.pdbx_host_org_cellular_location    ? 
_entity_src_gen.pdbx_host_org_vector_type          Plasmid 
_entity_src_gen.pdbx_host_org_vector               ? 
_entity_src_gen.host_org_details                   'Expression Vector' 
_entity_src_gen.expression_system_id               ? 
_entity_src_gen.plasmid_name                       'pET-41a(+)' 
_entity_src_gen.plasmid_details                    ? 
_entity_src_gen.pdbx_description                   ? 
# 
_struct_ref.id                         1 
_struct_ref.db_name                    UNP 
_struct_ref.db_code                    DYR_STAAU 
_struct_ref.pdbx_db_accession          P0A017 
_struct_ref.pdbx_db_isoform            ? 
_struct_ref.entity_id                  1 
_struct_ref.pdbx_seq_one_letter_code   
;TLSILVAHDLQRVIGFENQLPWHLPNDLKHVKKLSTGHTLVMGRKTFESIGKPLPNRRNVVLTSDTSFNVEGVDVIHSIE
DIYQLPGHVFIFGGQTLFEEMIDKVDDMYITVIEGKFRGDTFFPPYTFEDWEVASSVEGKLDEKNTIPHTFLHLIRK
;
_struct_ref.pdbx_align_begin           2 
# 
_struct_ref_seq.align_id                      1 
_struct_ref_seq.ref_id                        1 
_struct_ref_seq.pdbx_PDB_id_code              4XEC 
_struct_ref_seq.pdbx_strand_id                X 
_struct_ref_seq.seq_align_beg                 1 
_struct_ref_seq.pdbx_seq_align_beg_ins_code   ? 
_struct_ref_seq.seq_align_end                 157 
_struct_ref_seq.pdbx_seq_align_end_ins_code   ? 
_struct_ref_seq.pdbx_db_accession             P0A017 
_struct_ref_seq.db_align_beg                  2 
_struct_ref_seq.pdbx_db_align_beg_ins_code    ? 
_struct_ref_seq.db_align_end                  158 
_struct_ref_seq.pdbx_db_align_end_ins_code    ? 
_struct_ref_seq.pdbx_auth_seq_align_beg       1 
_struct_ref_seq.pdbx_auth_seq_align_end       157 
# 
loop_
_chem_comp.id 
_chem_comp.type 
_chem_comp.mon_nstd_flag 
_chem_comp.name 
_chem_comp.pdbx_synonyms 
_chem_comp.formula 
_chem_comp.formula_weight 
06U non-polymer         . '6-ethyl-5-{(3R)-3-[3-methoxy-5-(pyridin-4-yl)phenyl]but-1-yn-1-yl}pyrimidine-2,4-diamine' ? 
'C22 H23 N5 O'      373.451 
ACT non-polymer         . 'ACETATE ION'                                                                              ? 
'C2 H3 O2 -1'       59.044  
ALA 'L-peptide linking' y ALANINE                                                                                    ? 
'C3 H7 N O2'        89.093  
ARG 'L-peptide linking' y ARGININE                                                                                   ? 
'C6 H15 N4 O2 1'    175.209 
ASN 'L-peptide linking' y ASPARAGINE                                                                                 ? 
'C4 H8 N2 O3'       132.118 
ASP 'L-peptide linking' y 'ASPARTIC ACID'                                                                            ? 
'C4 H7 N O4'        133.103 
GLN 'L-peptide linking' y GLUTAMINE                                                                                  ? 
'C5 H10 N2 O3'      146.144 
GLU 'L-peptide linking' y 'GLUTAMIC ACID'                                                                            ? 
'C5 H9 N O4'        147.129 
GLY 'peptide linking'   y GLYCINE                                                                                    ? 
'C2 H5 N O2'        75.067  
HIS 'L-peptide linking' y HISTIDINE                                                                                  ? 
'C6 H10 N3 O2 1'    156.162 
HOH non-polymer         . WATER                                                                                      ? 'H2 O' 
18.015  
ILE 'L-peptide linking' y ISOLEUCINE                                                                                 ? 
'C6 H13 N O2'       131.173 
LEU 'L-peptide linking' y LEUCINE                                                                                    ? 
'C6 H13 N O2'       131.173 
LYS 'L-peptide linking' y LYSINE                                                                                     ? 
'C6 H15 N2 O2 1'    147.195 
MET 'L-peptide linking' y METHIONINE                                                                                 ? 
'C5 H11 N O2 S'     149.211 
NDP non-polymer         . 'NADPH DIHYDRO-NICOTINAMIDE-ADENINE-DINUCLEOTIDE PHOSPHATE'                                ? 
'C21 H30 N7 O17 P3' 745.421 
PHE 'L-peptide linking' y PHENYLALANINE                                                                              ? 
'C9 H11 N O2'       165.189 
PRO 'L-peptide linking' y PROLINE                                                                                    ? 
'C5 H9 N O2'        115.130 
SER 'L-peptide linking' y SERINE                                                                                     ? 
'C3 H7 N O3'        105.093 
THR 'L-peptide linking' y THREONINE                                                                                  ? 
'C4 H9 N O3'        119.119 
TRP 'L-peptide linking' y TRYPTOPHAN                                                                                 ? 
'C11 H12 N2 O2'     204.225 
TYR 'L-peptide linking' y TYROSINE                                                                                   ? 
'C9 H11 N O3'       181.189 
VAL 'L-peptide linking' y VALINE                                                                                     ? 
'C5 H11 N O2'       117.146 
# 
_exptl.absorpt_coefficient_mu     ? 
_exptl.absorpt_correction_T_max   ? 
_exptl.absorpt_correction_T_min   ? 
_exptl.absorpt_correction_type    ? 
_exptl.absorpt_process_details    ? 
_exptl.entry_id                   4XEC 
_exptl.crystals_number            ? 
_exptl.details                    ? 
_exptl.method                     'X-RAY DIFFRACTION' 
_exptl.method_details             ? 
# 
_exptl_crystal.colour                      ? 
_exptl_crystal.density_diffrn              ? 
_exptl_crystal.density_Matthews            2.70 
_exptl_crystal.density_method              ? 
_exptl_crystal.density_percent_sol         54.38 
_exptl_crystal.description                 ? 
_exptl_crystal.F_000                       ? 
_exptl_crystal.id                          1 
_exptl_crystal.preparation                 ? 
_exptl_crystal.size_max                    ? 
_exptl_crystal.size_mid                    ? 
_exptl_crystal.size_min                    ? 
_exptl_crystal.size_rad                    ? 
_exptl_crystal.colour_lustre               ? 
_exptl_crystal.colour_modifier             ? 
_exptl_crystal.colour_primary              ? 
_exptl_crystal.density_meas                ? 
_exptl_crystal.density_meas_esd            ? 
_exptl_crystal.density_meas_gt             ? 
_exptl_crystal.density_meas_lt             ? 
_exptl_crystal.density_meas_temp           ? 
_exptl_crystal.density_meas_temp_esd       ? 
_exptl_crystal.density_meas_temp_gt        ? 
_exptl_crystal.density_meas_temp_lt        ? 
_exptl_crystal.pdbx_crystal_image_url      ? 
_exptl_crystal.pdbx_crystal_image_format   ? 
_exptl_crystal.pdbx_mosaicity              ? 
_exptl_crystal.pdbx_mosaicity_esd          ? 
# 
_exptl_crystal_grow.apparatus       ? 
_exptl_crystal_grow.atmosphere      ? 
_exptl_crystal_grow.crystal_id      1 
_exptl_crystal_grow.details         ? 
_exptl_crystal_grow.method          'VAPOR DIFFUSION, HANGING DROP' 
_exptl_crystal_grow.method_ref      ? 
_exptl_crystal_grow.pH              6.25 
_exptl_crystal_grow.pressure        ? 
_exptl_crystal_grow.pressure_esd    ? 
_exptl_crystal_grow.seeding         ? 
_exptl_crystal_grow.seeding_ref     ? 
_exptl_crystal_grow.temp            277 
_exptl_crystal_grow.temp_details    ? 
_exptl_crystal_grow.temp_esd        ? 
_exptl_crystal_grow.time            ? 
_exptl_crystal_grow.pdbx_details    '0.1M MES pH 6.25, 0.1M Sodium Acetate, 13% PEG 10,000, 0.5% gamma-Butrylactone' 
_exptl_crystal_grow.pdbx_pH_range   ? 
# 
_diffrn.ambient_environment    ? 
_diffrn.ambient_temp           100 
_diffrn.ambient_temp_details   ? 
_diffrn.ambient_temp_esd       ? 
_diffrn.crystal_id             1 
_diffrn.crystal_support        ? 
_diffrn.crystal_treatment      ? 
_diffrn.details                ? 
_diffrn.id                     1 
_diffrn.ambient_pressure       ? 
_diffrn.ambient_pressure_esd   ? 
_diffrn.ambient_pressure_gt    ? 
_diffrn.ambient_pressure_lt    ? 
_diffrn.ambient_temp_gt        ? 
_diffrn.ambient_temp_lt        ? 
# 
_diffrn_detector.details                      ? 
_diffrn_detector.detector                     CCD 
_diffrn_detector.diffrn_id                    1 
_diffrn_detector.type                         'ADSC QUANTUM 315r' 
_diffrn_detector.area_resol_mean              ? 
_diffrn_detector.dtime                        ? 
_diffrn_detector.pdbx_frames_total            ? 
_diffrn_detector.pdbx_collection_time_total   ? 
_diffrn_detector.pdbx_collection_date         2014-04-24 
# 
_diffrn_radiation.collimation                      ? 
_diffrn_radiation.diffrn_id                        1 
_diffrn_radiation.filter_edge                      ? 
_diffrn_radiation.inhomogeneity                    ? 
_diffrn_radiation.monochromator                    'Si(111) Double Monochromator' 
_diffrn_radiation.polarisn_norm                    ? 
_diffrn_radiation.polarisn_ratio                   ? 
_diffrn_radiation.probe                            ? 
_diffrn_radiation.type                             ? 
_diffrn_radiation.xray_symbol                      ? 
_diffrn_radiation.wavelength_id                    1 
_diffrn_radiation.pdbx_monochromatic_or_laue_m_l   M 
_diffrn_radiation.pdbx_wavelength_list             ? 
_diffrn_radiation.pdbx_wavelength                  ? 
_diffrn_radiation.pdbx_diffrn_protocol             'SINGLE WAVELENGTH' 
_diffrn_radiation.pdbx_analyzer                    ? 
_diffrn_radiation.pdbx_scattering_type             x-ray 
# 
_diffrn_radiation_wavelength.id           1 
_diffrn_radiation_wavelength.wavelength   1.10 
_diffrn_radiation_wavelength.wt           1.0 
# 
_diffrn_source.current                     ? 
_diffrn_source.details                     ? 
_diffrn_source.diffrn_id                   1 
_diffrn_source.power                       ? 
_diffrn_source.size                        ? 
_diffrn_source.source                      SYNCHROTRON 
_diffrn_source.target                      ? 
_diffrn_source.type                        'NSLS BEAMLINE X25' 
_diffrn_source.voltage                     ? 
_diffrn_source.take-off_angle              ? 
_diffrn_source.pdbx_wavelength_list        1.10 
_diffrn_source.pdbx_wavelength             ? 
_diffrn_source.pdbx_synchrotron_beamline   X25 
_diffrn_source.pdbx_synchrotron_site       NSLS 
# 
_reflns.B_iso_Wilson_estimate            36.19 
_reflns.entry_id                         4XEC 
_reflns.data_reduction_details           ? 
_reflns.data_reduction_method            ? 
_reflns.d_resolution_high                2.69 
_reflns.d_resolution_low                 31.88 
_reflns.details                          ? 
_reflns.limit_h_max                      ? 
_reflns.limit_h_min                      ? 
_reflns.limit_k_max                      ? 
_reflns.limit_k_min                      ? 
_reflns.limit_l_max                      ? 
_reflns.limit_l_min                      ? 
_reflns.number_all                       ? 
_reflns.number_obs                       5929 
_reflns.observed_criterion               ? 
_reflns.observed_criterion_F_max         ? 
_reflns.observed_criterion_F_min         ? 
_reflns.observed_criterion_I_max         ? 
_reflns.observed_criterion_I_min         ? 
_reflns.observed_criterion_sigma_F       ? 
_reflns.observed_criterion_sigma_I       ? 
_reflns.percent_possible_obs             99.97 
_reflns.R_free_details                   ? 
_reflns.Rmerge_F_all                     ? 
_reflns.Rmerge_F_obs                     ? 
_reflns.Friedel_coverage                 ? 
_reflns.number_gt                        ? 
_reflns.threshold_expression             ? 
_reflns.pdbx_redundancy                  18.2 
_reflns.pdbx_Rmerge_I_obs                ? 
_reflns.pdbx_Rmerge_I_all                ? 
_reflns.pdbx_Rsym_value                  0.16 
_reflns.pdbx_netI_over_av_sigmaI         ? 
_reflns.pdbx_netI_over_sigmaI            38.6 
_reflns.pdbx_res_netI_over_av_sigmaI_2   ? 
_reflns.pdbx_res_netI_over_sigmaI_2      ? 
_reflns.pdbx_chi_squared                 ? 
_reflns.pdbx_scaling_rejects             ? 
_reflns.pdbx_d_res_high_opt              ? 
_reflns.pdbx_d_res_low_opt               ? 
_reflns.pdbx_d_res_opt_method            ? 
_reflns.phase_calculation_details        ? 
_reflns.pdbx_Rrim_I_all                  ? 
_reflns.pdbx_Rpim_I_all                  ? 
_reflns.pdbx_d_opt                       ? 
_reflns.pdbx_number_measured_all         ? 
_reflns.pdbx_diffrn_id                   1 
_reflns.pdbx_ordinal                     1 
_reflns.pdbx_CC_half                     ? 
_reflns.pdbx_R_split                     ? 
# 
_reflns_shell.d_res_high                  2.69 
_reflns_shell.d_res_low                   2.96 
_reflns_shell.meanI_over_sigI_all         ? 
_reflns_shell.meanI_over_sigI_obs         9.0 
_reflns_shell.number_measured_all         ? 
_reflns_shell.number_measured_obs         ? 
_reflns_shell.number_possible             ? 
_reflns_shell.number_unique_all           ? 
_reflns_shell.number_unique_obs           ? 
_reflns_shell.percent_possible_all        98.6 
_reflns_shell.percent_possible_obs        ? 
_reflns_shell.Rmerge_F_all                ? 
_reflns_shell.Rmerge_F_obs                ? 
_reflns_shell.Rmerge_I_all                ? 
_reflns_shell.Rmerge_I_obs                0.48 
_reflns_shell.meanI_over_sigI_gt          ? 
_reflns_shell.meanI_over_uI_all           ? 
_reflns_shell.meanI_over_uI_gt            ? 
_reflns_shell.number_measured_gt          ? 
_reflns_shell.number_unique_gt            ? 
_reflns_shell.percent_possible_gt         ? 
_reflns_shell.Rmerge_F_gt                 ? 
_reflns_shell.Rmerge_I_gt                 ? 
_reflns_shell.pdbx_redundancy             17.4 
_reflns_shell.pdbx_Rsym_value             ? 
_reflns_shell.pdbx_chi_squared            ? 
_reflns_shell.pdbx_netI_over_sigmaI_all   ? 
_reflns_shell.pdbx_netI_over_sigmaI_obs   ? 
_reflns_shell.pdbx_Rrim_I_all             ? 
_reflns_shell.pdbx_Rpim_I_all             ? 
_reflns_shell.pdbx_rejects                ? 
_reflns_shell.pdbx_ordinal                1 
_reflns_shell.pdbx_diffrn_id              1 
_reflns_shell.pdbx_CC_half                ? 
_reflns_shell.pdbx_R_split                ? 
# 
_refine.aniso_B[1][1]                            ? 
_refine.aniso_B[1][2]                            ? 
_refine.aniso_B[1][3]                            ? 
_refine.aniso_B[2][2]                            ? 
_refine.aniso_B[2][3]                            ? 
_refine.aniso_B[3][3]                            ? 
_refine.B_iso_max                                ? 
_refine.B_iso_mean                               30.22 
_refine.B_iso_min                                ? 
_refine.correlation_coeff_Fo_to_Fc               ? 
_refine.correlation_coeff_Fo_to_Fc_free          ? 
_refine.details                                  ? 
_refine.diff_density_max                         ? 
_refine.diff_density_max_esd                     ? 
_refine.diff_density_min                         ? 
_refine.diff_density_min_esd                     ? 
_refine.diff_density_rms                         ? 
_refine.diff_density_rms_esd                     ? 
_refine.entry_id                                 4XEC 
_refine.pdbx_refine_id                           'X-RAY DIFFRACTION' 
_refine.ls_abs_structure_details                 ? 
_refine.ls_abs_structure_Flack                   ? 
_refine.ls_abs_structure_Flack_esd               ? 
_refine.ls_abs_structure_Rogers                  ? 
_refine.ls_abs_structure_Rogers_esd              ? 
_refine.ls_d_res_high                            2.692 
_refine.ls_d_res_low                             31.88 
_refine.ls_extinction_coef                       ? 
_refine.ls_extinction_coef_esd                   ? 
_refine.ls_extinction_expression                 ? 
_refine.ls_extinction_method                     ? 
_refine.ls_goodness_of_fit_all                   ? 
_refine.ls_goodness_of_fit_all_esd               ? 
_refine.ls_goodness_of_fit_obs                   ? 
_refine.ls_goodness_of_fit_obs_esd               ? 
_refine.ls_hydrogen_treatment                    ? 
_refine.ls_matrix_type                           ? 
_refine.ls_number_constraints                    ? 
_refine.ls_number_parameters                     ? 
_refine.ls_number_reflns_all                     ? 
_refine.ls_number_reflns_obs                     5929 
_refine.ls_number_reflns_R_free                  594 
_refine.ls_number_reflns_R_work                  ? 
_refine.ls_number_restraints                     ? 
_refine.ls_percent_reflns_obs                    99.97 
_refine.ls_percent_reflns_R_free                 10.02 
_refine.ls_R_factor_all                          ? 
_refine.ls_R_factor_obs                          0.1641 
_refine.ls_R_factor_R_free                       0.2327 
_refine.ls_R_factor_R_free_error                 ? 
_refine.ls_R_factor_R_free_error_details         ? 
_refine.ls_R_factor_R_work                       0.1564 
_refine.ls_R_Fsqd_factor_obs                     ? 
_refine.ls_R_I_factor_obs                        ? 
_refine.ls_redundancy_reflns_all                 ? 
_refine.ls_redundancy_reflns_obs                 ? 
_refine.ls_restrained_S_all                      ? 
_refine.ls_restrained_S_obs                      ? 
_refine.ls_shift_over_esd_max                    ? 
_refine.ls_shift_over_esd_mean                   ? 
_refine.ls_structure_factor_coef                 ? 
_refine.ls_weighting_details                     ? 
_refine.ls_weighting_scheme                      ? 
_refine.ls_wR_factor_all                         ? 
_refine.ls_wR_factor_obs                         ? 
_refine.ls_wR_factor_R_free                      ? 
_refine.ls_wR_factor_R_work                      ? 
_refine.occupancy_max                            ? 
_refine.occupancy_min                            ? 
_refine.solvent_model_details                    'FLAT BULK SOLVENT MODEL' 
_refine.solvent_model_param_bsol                 ? 
_refine.solvent_model_param_ksol                 ? 
_refine.ls_R_factor_gt                           ? 
_refine.ls_goodness_of_fit_gt                    ? 
_refine.ls_goodness_of_fit_ref                   ? 
_refine.ls_shift_over_su_max                     ? 
_refine.ls_shift_over_su_max_lt                  ? 
_refine.ls_shift_over_su_mean                    ? 
_refine.ls_shift_over_su_mean_lt                 ? 
_refine.pdbx_ls_sigma_I                          ? 
_refine.pdbx_ls_sigma_F                          1.35 
_refine.pdbx_ls_sigma_Fsqd                       ? 
_refine.pdbx_data_cutoff_high_absF               ? 
_refine.pdbx_data_cutoff_high_rms_absF           ? 
_refine.pdbx_data_cutoff_low_absF                ? 
_refine.pdbx_isotropic_thermal_model             ? 
_refine.pdbx_ls_cross_valid_method               'FREE R-VALUE' 
_refine.pdbx_method_to_determine_struct          'MOLECULAR REPLACEMENT' 
_refine.pdbx_starting_model                      3F0Q 
_refine.pdbx_stereochemistry_target_values       ML 
_refine.pdbx_R_Free_selection_details            'Random Selection' 
_refine.pdbx_stereochem_target_val_spec_case     ? 
_refine.pdbx_overall_ESU_R                       ? 
_refine.pdbx_overall_ESU_R_Free                  ? 
_refine.pdbx_solvent_vdw_probe_radii             1.11 
_refine.pdbx_solvent_ion_probe_radii             ? 
_refine.pdbx_solvent_shrinkage_radii             0.90 
_refine.pdbx_real_space_R                        ? 
_refine.pdbx_density_correlation                 ? 
_refine.pdbx_pd_number_of_powder_patterns        ? 
_refine.pdbx_pd_number_of_points                 ? 
_refine.pdbx_pd_meas_number_of_points            ? 
_refine.pdbx_pd_proc_ls_prof_R_factor            ? 
_refine.pdbx_pd_proc_ls_prof_wR_factor           ? 
_refine.pdbx_pd_Marquardt_correlation_coeff      ? 
_refine.pdbx_pd_Fsqrd_R_factor                   ? 
_refine.pdbx_pd_ls_matrix_band_width             ? 
_refine.pdbx_overall_phase_error                 21.35 
_refine.pdbx_overall_SU_R_free_Cruickshank_DPI   ? 
_refine.pdbx_overall_SU_R_free_Blow_DPI          ? 
_refine.pdbx_overall_SU_R_Blow_DPI               ? 
_refine.pdbx_TLS_residual_ADP_flag               ? 
_refine.pdbx_diffrn_id                           1 
_refine.overall_SU_B                             ? 
_refine.overall_SU_ML                            0.27 
_refine.overall_SU_R_Cruickshank_DPI             ? 
_refine.overall_SU_R_free                        ? 
_refine.overall_FOM_free_R_set                   ? 
_refine.overall_FOM_work_R_set                   ? 
_refine.pdbx_average_fsc_overall                 ? 
_refine.pdbx_average_fsc_work                    ? 
_refine.pdbx_average_fsc_free                    ? 
# 
_refine_hist.pdbx_refine_id                   'X-RAY DIFFRACTION' 
_refine_hist.cycle_id                         LAST 
_refine_hist.pdbx_number_atoms_protein        1273 
_refine_hist.pdbx_number_atoms_nucleic_acid   0 
_refine_hist.pdbx_number_atoms_ligand         80 
_refine_hist.number_atoms_solvent             38 
_refine_hist.number_atoms_total               1391 
_refine_hist.d_res_high                       2.692 
_refine_hist.d_res_low                        31.88 
# 
loop_
_refine_ls_restr.pdbx_refine_id 
_refine_ls_restr.criterion 
_refine_ls_restr.dev_ideal 
_refine_ls_restr.dev_ideal_target 
_refine_ls_restr.number 
_refine_ls_restr.rejects 
_refine_ls_restr.type 
_refine_ls_restr.weight 
_refine_ls_restr.pdbx_restraint_function 
'X-RAY DIFFRACTION' ? 0.008  ? 1400 ? f_bond_d           ? ? 
'X-RAY DIFFRACTION' ? 1.343  ? 1910 ? f_angle_d          ? ? 
'X-RAY DIFFRACTION' ? 22.502 ? 513  ? f_dihedral_angle_d ? ? 
'X-RAY DIFFRACTION' ? 0.232  ? 209  ? f_chiral_restr     ? ? 
'X-RAY DIFFRACTION' ? 0.005  ? 236  ? f_plane_restr      ? ? 
# 
loop_
_refine_ls_shell.pdbx_refine_id 
_refine_ls_shell.d_res_high 
_refine_ls_shell.d_res_low 
_refine_ls_shell.number_reflns_all 
_refine_ls_shell.number_reflns_obs 
_refine_ls_shell.number_reflns_R_free 
_refine_ls_shell.number_reflns_R_work 
_refine_ls_shell.percent_reflns_obs 
_refine_ls_shell.percent_reflns_R_free 
_refine_ls_shell.R_factor_all 
_refine_ls_shell.R_factor_obs 
_refine_ls_shell.R_factor_R_free 
_refine_ls_shell.R_factor_R_free_error 
_refine_ls_shell.R_factor_R_work 
_refine_ls_shell.redundancy_reflns_all 
_refine_ls_shell.redundancy_reflns_obs 
_refine_ls_shell.wR_factor_all 
_refine_ls_shell.wR_factor_obs 
_refine_ls_shell.wR_factor_R_free 
_refine_ls_shell.wR_factor_R_work 
_refine_ls_shell.pdbx_total_number_of_bins_used 
_refine_ls_shell.pdbx_phase_error 
_refine_ls_shell.pdbx_fsc_work 
_refine_ls_shell.pdbx_fsc_free 
'X-RAY DIFFRACTION' 2.692  2.9631 . . 144 1287 100.00 . . . 0.2813 . 0.1929 . . . . . . . . . . 
'X-RAY DIFFRACTION' 2.9631 3.3914 . . 143 1298 100.00 . . . 0.2561 . 0.1834 . . . . . . . . . . 
'X-RAY DIFFRACTION' 3.3914 4.2712 . . 149 1330 100.00 . . . 0.2208 . 0.1375 . . . . . . . . . . 
'X-RAY DIFFRACTION' 4.2712 31.88  . . 158 1420 100.00 . . . 0.2102 . 0.1459 . . . . . . . . . . 
# 
_struct.entry_id                     4XEC 
_struct.title                        
;Staphylococcus aureus Dihydrofolate Reductase complexed with NADPH and 6-ETHYL-5-[(3R)-3-[3-METHOXY-5-(PYRIDIN-4-YL)PHENYL]BUT-1-YN-1-YL]PYRIMIDINE-2,4-DIAMINE (UCP1061)
;
_struct.pdbx_model_details           ? 
_struct.pdbx_formula_weight          ? 
_struct.pdbx_formula_weight_method   ? 
_struct.pdbx_model_type_details      ? 
_struct.pdbx_CASP_flag               ? 
# 
_struct_keywords.entry_id        4XEC 
_struct_keywords.text            
;Dihydrofolate reductase, Oxidoreductase, Methicillin-resistant Staphylococcus aureus, Antifolates, Enantiopure Inhibitors, OXIDOREDUCTASE-OXIDOREDUCTASE Inhibitor complex
;
_struct_keywords.pdbx_keywords   'OXIDOREDUCTASE/OXIDOREDUCTASE Inhibitor' 
# 
loop_
_struct_asym.id 
_struct_asym.pdbx_blank_PDB_chainid_flag 
_struct_asym.pdbx_modified 
_struct_asym.entity_id 
_struct_asym.details 
A N N 1 ? 
B N N 2 ? 
C N N 3 ? 
D N N 4 ? 
E N N 5 ? 
# 
loop_
_struct_conf.conf_type_id 
_struct_conf.id 
_struct_conf.pdbx_PDB_helix_id 
_struct_conf.beg_label_comp_id 
_struct_conf.beg_label_asym_id 
_struct_conf.beg_label_seq_id 
_struct_conf.pdbx_beg_PDB_ins_code 
_struct_conf.end_label_comp_id 
_struct_conf.end_label_asym_id 
_struct_conf.end_label_seq_id 
_struct_conf.pdbx_end_PDB_ins_code 
_struct_conf.beg_auth_comp_id 
_struct_conf.beg_auth_asym_id 
_struct_conf.beg_auth_seq_id 
_struct_conf.end_auth_comp_id 
_struct_conf.end_auth_asym_id 
_struct_conf.end_auth_seq_id 
_struct_conf.pdbx_PDB_helix_class 
_struct_conf.details 
_struct_conf.pdbx_PDB_helix_length 
HELX_P HELX_P1 AA1 LEU A 24  ? THR A 36  ? LEU X 24  THR X 36  1 ? 13 
HELX_P HELX_P2 AA2 ARG A 44  ? GLY A 51  ? ARG X 44  GLY X 51  1 ? 8  
HELX_P HELX_P3 AA3 SER A 78  ? LEU A 85  ? SER X 78  LEU X 85  5 ? 8  
HELX_P HELX_P4 AA4 GLY A 94  ? ILE A 102 ? GLY X 94  ILE X 102 1 ? 9  
HELX_P HELX_P5 AA5 THR A 127 ? GLU A 129 ? THR X 127 GLU X 129 5 ? 3  
# 
_struct_conf_type.id          HELX_P 
_struct_conf_type.criteria    ? 
_struct_conf_type.reference   ? 
# 
_struct_mon_prot_cis.pdbx_id                1 
_struct_mon_prot_cis.label_comp_id          GLY 
_struct_mon_prot_cis.label_seq_id           93 
_struct_mon_prot_cis.label_asym_id          A 
_struct_mon_prot_cis.label_alt_id           . 
_struct_mon_prot_cis.pdbx_PDB_ins_code      ? 
_struct_mon_prot_cis.auth_comp_id           GLY 
_struct_mon_prot_cis.auth_seq_id            93 
_struct_mon_prot_cis.auth_asym_id           X 
_struct_mon_prot_cis.pdbx_label_comp_id_2   GLY 
_struct_mon_prot_cis.pdbx_label_seq_id_2    94 
_struct_mon_prot_cis.pdbx_label_asym_id_2   A 
_struct_mon_prot_cis.pdbx_PDB_ins_code_2    ? 
_struct_mon_prot_cis.pdbx_auth_comp_id_2    GLY 
_struct_mon_prot_cis.pdbx_auth_seq_id_2     94 
_struct_mon_prot_cis.pdbx_auth_asym_id_2    X 
_struct_mon_prot_cis.pdbx_PDB_model_num     1 
_struct_mon_prot_cis.pdbx_omega_angle       6.04 
# 
loop_
_struct_sheet.id 
_struct_sheet.type 
_struct_sheet.number_strands 
_struct_sheet.details 
AA1 ? 8 ? 
AA2 ? 2 ? 
# 
loop_
_struct_sheet_order.sheet_id 
_struct_sheet_order.range_id_1 
_struct_sheet_order.range_id_2 
_struct_sheet_order.offset 
_struct_sheet_order.sense 
AA1 1 2 ? parallel      
AA1 2 3 ? parallel      
AA1 3 4 ? parallel      
AA1 4 5 ? parallel      
AA1 5 6 ? parallel      
AA1 6 7 ? anti-parallel 
AA1 7 8 ? anti-parallel 
AA2 1 2 ? anti-parallel 
# 
loop_
_struct_sheet_range.sheet_id 
_struct_sheet_range.id 
_struct_sheet_range.beg_label_comp_id 
_struct_sheet_range.beg_label_asym_id 
_struct_sheet_range.beg_label_seq_id 
_struct_sheet_range.pdbx_beg_PDB_ins_code 
_struct_sheet_range.end_label_comp_id 
_struct_sheet_range.end_label_asym_id 
_struct_sheet_range.end_label_seq_id 
_struct_sheet_range.pdbx_end_PDB_ins_code 
_struct_sheet_range.beg_auth_comp_id 
_struct_sheet_range.beg_auth_asym_id 
_struct_sheet_range.beg_auth_seq_id 
_struct_sheet_range.end_auth_comp_id 
_struct_sheet_range.end_auth_asym_id 
_struct_sheet_range.end_auth_seq_id 
AA1 1 VAL A 73  ? ILE A 76  ? VAL X 73  ILE X 76  
AA1 2 ARG A 58  ? LEU A 62  ? ARG X 58  LEU X 62  
AA1 3 THR A 39  ? GLY A 43  ? THR X 39  GLY X 43  
AA1 4 VAL A 89  ? GLY A 93  ? VAL X 89  GLY X 93  
AA1 5 LEU A 2   ? HIS A 8   ? LEU X 2   HIS X 8   
AA1 6 ASP A 107 ? ILE A 113 ? ASP X 107 ILE X 113 
AA1 7 HIS A 149 ? ARG A 156 ? HIS X 149 ARG X 156 
AA1 8 TRP A 131 ? GLU A 138 ? TRP X 131 GLU X 138 
AA2 1 VAL A 13  ? GLY A 15  ? VAL X 13  GLY X 15  
AA2 2 THR A 121 ? PHE A 122 ? THR X 121 PHE X 122 
# 
loop_
_pdbx_struct_sheet_hbond.sheet_id 
_pdbx_struct_sheet_hbond.range_id_1 
_pdbx_struct_sheet_hbond.range_id_2 
_pdbx_struct_sheet_hbond.range_1_label_atom_id 
_pdbx_struct_sheet_hbond.range_1_label_comp_id 
_pdbx_struct_sheet_hbond.range_1_label_asym_id 
_pdbx_struct_sheet_hbond.range_1_label_seq_id 
_pdbx_struct_sheet_hbond.range_1_PDB_ins_code 
_pdbx_struct_sheet_hbond.range_1_auth_atom_id 
_pdbx_struct_sheet_hbond.range_1_auth_comp_id 
_pdbx_struct_sheet_hbond.range_1_auth_asym_id 
_pdbx_struct_sheet_hbond.range_1_auth_seq_id 
_pdbx_struct_sheet_hbond.range_2_label_atom_id 
_pdbx_struct_sheet_hbond.range_2_label_comp_id 
_pdbx_struct_sheet_hbond.range_2_label_asym_id 
_pdbx_struct_sheet_hbond.range_2_label_seq_id 
_pdbx_struct_sheet_hbond.range_2_PDB_ins_code 
_pdbx_struct_sheet_hbond.range_2_auth_atom_id 
_pdbx_struct_sheet_hbond.range_2_auth_comp_id 
_pdbx_struct_sheet_hbond.range_2_auth_asym_id 
_pdbx_struct_sheet_hbond.range_2_auth_seq_id 
AA1 1 2 O ASP A 74  ? O ASP X 74  N ASN A 59  ? N ASN X 59  
AA1 2 3 O VAL A 60  ? O VAL X 60  N LEU A 40  ? N LEU X 40  
AA1 3 4 N THR A 39  ? N THR X 39  O PHE A 90  ? O PHE X 90  
AA1 4 5 O ILE A 91  ? O ILE X 91  N SER A 3   ? N SER X 3   
AA1 5 6 N HIS A 8   ? N HIS X 8   O ILE A 113 ? O ILE X 113 
AA1 6 7 N ILE A 110 ? N ILE X 110 O LEU A 152 ? O LEU X 152 
AA1 7 8 O ILE A 155 ? O ILE X 155 N GLU A 132 ? N GLU X 132 
AA2 1 2 N ILE A 14  ? N ILE X 14  O THR A 121 ? O THR X 121 
# 
loop_
_struct_site.id 
_struct_site.pdbx_evidence_code 
_struct_site.pdbx_auth_asym_id 
_struct_site.pdbx_auth_comp_id 
_struct_site.pdbx_auth_seq_id 
_struct_site.pdbx_auth_ins_code 
_struct_site.pdbx_num_residues 
_struct_site.details 
AC1 Software X 06U 201 ? 15 'binding site for residue 06U X 201' 
AC2 Software X ACT 202 ? 2  'binding site for residue ACT X 202' 
AC3 Software X NDP 203 ? 23 'binding site for residue NDP X 203' 
# 
loop_
_struct_site_gen.id 
_struct_site_gen.site_id 
_struct_site_gen.pdbx_num_res 
_struct_site_gen.label_comp_id 
_struct_site_gen.label_asym_id 
_struct_site_gen.label_seq_id 
_struct_site_gen.pdbx_auth_ins_code 
_struct_site_gen.auth_comp_id 
_struct_site_gen.auth_asym_id 
_struct_site_gen.auth_seq_id 
_struct_site_gen.label_atom_id 
_struct_site_gen.label_alt_id 
_struct_site_gen.symmetry 
_struct_site_gen.details 
1  AC1 15 LEU A 5   ? LEU X 5   . ? 1_555  ? 
2  AC1 15 VAL A 6   ? VAL X 6   . ? 1_555  ? 
3  AC1 15 ALA A 7   ? ALA X 7   . ? 1_555  ? 
4  AC1 15 GLN A 19  ? GLN X 19  . ? 1_555  ? 
5  AC1 15 LEU A 20  ? LEU X 20  . ? 1_555  ? 
6  AC1 15 ASP A 27  ? ASP X 27  . ? 1_555  ? 
7  AC1 15 LEU A 28  ? LEU X 28  . ? 1_555  ? 
8  AC1 15 VAL A 31  ? VAL X 31  . ? 1_555  ? 
9  AC1 15 THR A 46  ? THR X 46  . ? 1_555  ? 
10 AC1 15 SER A 49  ? SER X 49  . ? 1_555  ? 
11 AC1 15 ILE A 50  ? ILE X 50  . ? 1_555  ? 
12 AC1 15 LEU A 54  ? LEU X 54  . ? 1_555  ? 
13 AC1 15 PHE A 92  ? PHE X 92  . ? 1_555  ? 
14 AC1 15 THR A 111 ? THR X 111 . ? 1_555  ? 
15 AC1 15 HOH E .   ? HOH X 316 . ? 1_555  ? 
16 AC2 2  ARG A 12  ? ARG X 12  . ? 1_555  ? 
17 AC2 2  TYR A 126 ? TYR X 126 . ? 1_555  ? 
18 AC3 23 ILE A 14  ? ILE X 14  . ? 1_555  ? 
19 AC3 23 ASN A 18  ? ASN X 18  . ? 1_555  ? 
20 AC3 23 GLN A 19  ? GLN X 19  . ? 1_555  ? 
21 AC3 23 GLY A 43  ? GLY X 43  . ? 1_555  ? 
22 AC3 23 ARG A 44  ? ARG X 44  . ? 1_555  ? 
23 AC3 23 LYS A 45  ? LYS X 45  . ? 1_555  ? 
24 AC3 23 THR A 46  ? THR X 46  . ? 1_555  ? 
25 AC3 23 LEU A 62  ? LEU X 62  . ? 1_555  ? 
26 AC3 23 THR A 63  ? THR X 63  . ? 1_555  ? 
27 AC3 23 SER A 64  ? SER X 64  . ? 1_555  ? 
28 AC3 23 SER A 67  ? SER X 67  . ? 12_557 ? 
29 AC3 23 HIS A 77  ? HIS X 77  . ? 1_555  ? 
30 AC3 23 ILE A 79  ? ILE X 79  . ? 1_555  ? 
31 AC3 23 GLY A 93  ? GLY X 93  . ? 1_555  ? 
32 AC3 23 GLY A 94  ? GLY X 94  . ? 1_555  ? 
33 AC3 23 GLN A 95  ? GLN X 95  . ? 1_555  ? 
34 AC3 23 THR A 96  ? THR X 96  . ? 1_555  ? 
35 AC3 23 LEU A 97  ? LEU X 97  . ? 1_555  ? 
36 AC3 23 GLU A 100 ? GLU X 100 . ? 1_555  ? 
37 AC3 23 THR A 121 ? THR X 121 . ? 1_555  ? 
38 AC3 23 HOH E .   ? HOH X 304 . ? 12_557 ? 
39 AC3 23 HOH E .   ? HOH X 323 . ? 1_555  ? 
40 AC3 23 HOH E .   ? HOH X 337 . ? 1_555  ? 
# 
_atom_sites.entry_id                    4XEC 
_atom_sites.fract_transf_matrix[1][1]   -0.00165201 
_atom_sites.fract_transf_matrix[1][2]   -0.01405416 
_atom_sites.fract_transf_matrix[1][3]   0.00373098 
_atom_sites.fract_transf_matrix[2][1]   -0.00849241 
_atom_sites.fract_transf_matrix[2][2]   -0.00360522 
_atom_sites.fract_transf_matrix[2][3]   0.01136066 
_atom_sites.fract_transf_matrix[3][1]   -0.00729081 
_atom_sites.fract_transf_matrix[3][2]   -0.00064410 
_atom_sites.fract_transf_matrix[3][3]   -0.00565449 
_atom_sites.fract_transf_vector[1]      0.771580 
_atom_sites.fract_transf_vector[2]      0.598739 
_atom_sites.fract_transf_vector[3]      1.023368 
# 
loop_
_atom_type.symbol 
C 
N 
O 
P 
S 
# 
loop_
_atom_site.group_PDB 
_atom_site.id 
_atom_site.type_symbol 
_atom_site.label_atom_id 
_atom_site.label_alt_id 
_atom_site.label_comp_id 
_atom_site.label_asym_id 
_atom_site.label_entity_id 
_atom_site.label_seq_id 
_atom_site.pdbx_PDB_ins_code 
_atom_site.Cartn_x 
_atom_site.Cartn_y 
_atom_site.Cartn_z 
_atom_site.occupancy 
_atom_site.B_iso_or_equiv 
_atom_site.pdbx_formal_charge 
_atom_site.auth_seq_id 
_atom_site.auth_comp_id 
_atom_site.auth_asym_id 
_atom_site.auth_atom_id 
_atom_site.pdbx_PDB_model_num 
ATOM   1    N N   . THR A 1 1   ? 11.477  -0.673  11.144  1.00 44.49 ? 1   THR X N   1 
ATOM   2    C CA  . THR A 1 1   ? 10.023  -0.490  11.171  1.00 42.32 ? 1   THR X CA  1 
ATOM   3    C C   . THR A 1 1   ? 9.323   -1.091  9.942   1.00 40.09 ? 1   THR X C   1 
ATOM   4    O O   . THR A 1 1   ? 9.649   -0.756  8.799   1.00 36.27 ? 1   THR X O   1 
ATOM   5    C CB  . THR A 1 1   ? 9.667   0.986   11.247  1.00 39.71 ? 1   THR X CB  1 
ATOM   6    O OG1 . THR A 1 1   ? 10.636  1.656   12.068  1.00 42.52 ? 1   THR X OG1 1 
ATOM   7    C CG2 . THR A 1 1   ? 8.238   1.164   11.806  1.00 22.48 ? 1   THR X CG2 1 
ATOM   8    N N   . LEU A 1 2   ? 8.388   -2.020  10.126  1.00 34.88 ? 2   LEU X N   1 
ATOM   9    C CA  . LEU A 1 2   ? 7.731   -2.658  8.998   1.00 24.93 ? 2   LEU X CA  1 
ATOM   10   C C   . LEU A 1 2   ? 6.232   -2.360  8.970   1.00 28.43 ? 2   LEU X C   1 
ATOM   11   O O   . LEU A 1 2   ? 5.483   -2.844  9.806   1.00 35.43 ? 2   LEU X O   1 
ATOM   12   C CB  . LEU A 1 2   ? 7.983   -4.160  9.046   1.00 22.84 ? 2   LEU X CB  1 
ATOM   13   C CG  . LEU A 1 2   ? 7.558   -4.977  7.829   1.00 31.65 ? 2   LEU X CG  1 
ATOM   14   C CD1 . LEU A 1 2   ? 8.202   -4.453  6.543   1.00 22.34 ? 2   LEU X CD1 1 
ATOM   15   C CD2 . LEU A 1 2   ? 7.907   -6.437  8.055   1.00 30.40 ? 2   LEU X CD2 1 
ATOM   16   N N   . SER A 1 3   ? 5.806   -1.567  7.998   1.00 23.02 ? 3   SER X N   1 
ATOM   17   C CA  . SER A 1 3   ? 4.422   -1.120  7.886   1.00 24.46 ? 3   SER X CA  1 
ATOM   18   C C   . SER A 1 3   ? 3.732   -1.549  6.577   1.00 31.12 ? 3   SER X C   1 
ATOM   19   O O   . SER A 1 3   ? 4.378   -1.760  5.531   1.00 28.29 ? 3   SER X O   1 
ATOM   20   C CB  . SER A 1 3   ? 4.358   0.412   7.984   1.00 22.11 ? 3   SER X CB  1 
ATOM   21   O OG  . SER A 1 3   ? 4.951   0.894   9.174   1.00 23.09 ? 3   SER X OG  1 
ATOM   22   N N   . ILE A 1 4   ? 2.407   -1.652  6.640   1.00 25.34 ? 4   ILE X N   1 
ATOM   23   C CA  . ILE A 1 4   ? 1.576   -1.768  5.445   1.00 21.80 ? 4   ILE X CA  1 
ATOM   24   C C   . ILE A 1 4   ? 1.101   -0.376  5.038   1.00 20.94 ? 4   ILE X C   1 
ATOM   25   O O   . ILE A 1 4   ? 0.823   0.451   5.894   1.00 22.88 ? 4   ILE X O   1 
ATOM   26   C CB  . ILE A 1 4   ? 0.372   -2.705  5.694   1.00 22.36 ? 4   ILE X CB  1 
ATOM   27   C CG1 . ILE A 1 4   ? 0.727   -4.142  5.282   1.00 24.11 ? 4   ILE X CG1 1 
ATOM   28   C CG2 . ILE A 1 4   ? -0.883  -2.222  4.962   1.00 15.01 ? 4   ILE X CG2 1 
ATOM   29   C CD1 . ILE A 1 4   ? -0.225  -5.218  5.853   1.00 19.44 ? 4   ILE X CD1 1 
ATOM   30   N N   . LEU A 1 5   ? 1.040   -0.098  3.740   1.00 23.35 ? 5   LEU X N   1 
ATOM   31   C CA  . LEU A 1 5   ? 0.498   1.174   3.264   1.00 19.17 ? 5   LEU X CA  1 
ATOM   32   C C   . LEU A 1 5   ? -0.505  0.911   2.151   1.00 19.06 ? 5   LEU X C   1 
ATOM   33   O O   . LEU A 1 5   ? -0.119  0.574   1.039   1.00 25.23 ? 5   LEU X O   1 
ATOM   34   C CB  . LEU A 1 5   ? 1.625   2.097   2.788   1.00 15.52 ? 5   LEU X CB  1 
ATOM   35   C CG  . LEU A 1 5   ? 1.204   3.388   2.074   1.00 22.17 ? 5   LEU X CG  1 
ATOM   36   C CD1 . LEU A 1 5   ? 0.199   4.182   2.907   1.00 17.16 ? 5   LEU X CD1 1 
ATOM   37   C CD2 . LEU A 1 5   ? 2.411   4.268   1.690   1.00 16.40 ? 5   LEU X CD2 1 
ATOM   38   N N   . VAL A 1 6   ? -1.792  1.066   2.440   1.00 16.01 ? 6   VAL X N   1 
ATOM   39   C CA  . VAL A 1 6   ? -2.846  0.622   1.512   1.00 20.98 ? 6   VAL X CA  1 
ATOM   40   C C   . VAL A 1 6   ? -4.057  1.561   1.479   1.00 19.54 ? 6   VAL X C   1 
ATOM   41   O O   . VAL A 1 6   ? -4.399  2.177   2.492   1.00 24.93 ? 6   VAL X O   1 
ATOM   42   C CB  . VAL A 1 6   ? -3.346  -0.818  1.892   1.00 20.27 ? 6   VAL X CB  1 
ATOM   43   C CG1 . VAL A 1 6   ? -3.942  -0.825  3.299   1.00 15.93 ? 6   VAL X CG1 1 
ATOM   44   C CG2 . VAL A 1 6   ? -4.358  -1.360  0.879   1.00 15.04 ? 6   VAL X CG2 1 
ATOM   45   N N   . ALA A 1 7   ? -4.708  1.677   0.330   1.00 14.02 ? 7   ALA X N   1 
ATOM   46   C CA  . ALA A 1 7   ? -6.030  2.283   0.302   1.00 19.69 ? 7   ALA X CA  1 
ATOM   47   C C   . ALA A 1 7   ? -7.040  1.229   -0.170  1.00 22.15 ? 7   ALA X C   1 
ATOM   48   O O   . ALA A 1 7   ? -6.809  0.559   -1.170  1.00 24.74 ? 7   ALA X O   1 
ATOM   49   C CB  . ALA A 1 7   ? -6.050  3.505   -0.590  1.00 14.56 ? 7   ALA X CB  1 
ATOM   50   N N   . HIS A 1 8   ? -8.131  1.045   0.569   1.00 19.02 ? 8   HIS X N   1 
ATOM   51   C CA  . HIS A 1 8   ? -9.181  0.124   0.134   1.00 18.59 ? 8   HIS X CA  1 
ATOM   52   C C   . HIS A 1 8   ? -10.548 0.717   0.417   1.00 24.27 ? 8   HIS X C   1 
ATOM   53   O O   . HIS A 1 8   ? -10.666 1.634   1.239   1.00 23.98 ? 8   HIS X O   1 
ATOM   54   C CB  . HIS A 1 8   ? -9.042  -1.256  0.797   1.00 19.42 ? 8   HIS X CB  1 
ATOM   55   C CG  . HIS A 1 8   ? -9.307  -1.277  2.270   1.00 19.31 ? 8   HIS X CG  1 
ATOM   56   N ND1 . HIS A 1 8   ? -10.542 -0.999  2.812   1.00 19.91 ? 8   HIS X ND1 1 
ATOM   57   C CD2 . HIS A 1 8   ? -8.504  -1.593  3.315   1.00 19.56 ? 8   HIS X CD2 1 
ATOM   58   C CE1 . HIS A 1 8   ? -10.482 -1.112  4.128   1.00 15.47 ? 8   HIS X CE1 1 
ATOM   59   N NE2 . HIS A 1 8   ? -9.257  -1.475  4.459   1.00 17.79 ? 8   HIS X NE2 1 
ATOM   60   N N   . ASP A 1 9   ? -11.574 0.209   -0.267  1.00 22.39 ? 9   ASP X N   1 
ATOM   61   C CA  . ASP A 1 9   ? -12.918 0.762   -0.100  1.00 24.50 ? 9   ASP X CA  1 
ATOM   62   C C   . ASP A 1 9   ? -13.700 -0.019  0.972   1.00 23.63 ? 9   ASP X C   1 
ATOM   63   O O   . ASP A 1 9   ? -13.094 -0.700  1.792   1.00 16.82 ? 9   ASP X O   1 
ATOM   64   C CB  . ASP A 1 9   ? -13.655 0.825   -1.458  1.00 21.96 ? 9   ASP X CB  1 
ATOM   65   C CG  . ASP A 1 9   ? -14.198 -0.528  -1.952  1.00 22.94 ? 9   ASP X CG  1 
ATOM   66   O OD1 . ASP A 1 9   ? -14.009 -1.594  -1.313  1.00 20.86 ? 9   ASP X OD1 1 
ATOM   67   O OD2 . ASP A 1 9   ? -14.835 -0.497  -3.032  1.00 15.77 ? 9   ASP X OD2 1 
ATOM   68   N N   . LEU A 1 10  ? -15.029 0.091   0.975   1.00 19.49 ? 10  LEU X N   1 
ATOM   69   C CA  . LEU A 1 10  ? -15.824 -0.479  2.057   1.00 20.68 ? 10  LEU X CA  1 
ATOM   70   C C   . LEU A 1 10  ? -15.806 -2.006  2.044   1.00 23.50 ? 10  LEU X C   1 
ATOM   71   O O   . LEU A 1 10  ? -16.138 -2.650  3.034   1.00 27.52 ? 10  LEU X O   1 
ATOM   72   C CB  . LEU A 1 10  ? -17.261 0.033   1.991   1.00 20.02 ? 10  LEU X CB  1 
ATOM   73   C CG  . LEU A 1 10  ? -17.415 1.537   2.248   1.00 28.90 ? 10  LEU X CG  1 
ATOM   74   C CD1 . LEU A 1 10  ? -18.793 2.073   1.833   1.00 22.73 ? 10  LEU X CD1 1 
ATOM   75   C CD2 . LEU A 1 10  ? -17.112 1.849   3.698   1.00 16.70 ? 10  LEU X CD2 1 
ATOM   76   N N   . GLN A 1 11  ? -15.400 -2.594  0.932   1.00 23.12 ? 11  GLN X N   1 
ATOM   77   C CA  . GLN A 1 11  ? -15.379 -4.040  0.849   1.00 23.98 ? 11  GLN X CA  1 
ATOM   78   C C   . GLN A 1 11  ? -13.968 -4.524  0.582   1.00 23.84 ? 11  GLN X C   1 
ATOM   79   O O   . GLN A 1 11  ? -13.757 -5.637  0.099   1.00 23.81 ? 11  GLN X O   1 
ATOM   80   C CB  . GLN A 1 11  ? -16.356 -4.512  -0.226  1.00 22.99 ? 11  GLN X CB  1 
ATOM   81   C CG  . GLN A 1 11  ? -17.789 -4.144  0.112   1.00 31.65 ? 11  GLN X CG  1 
ATOM   82   C CD  . GLN A 1 11  ? -18.766 -4.330  -1.039  1.00 37.37 ? 11  GLN X CD  1 
ATOM   83   O OE1 . GLN A 1 11  ? -18.424 -4.118  -2.207  1.00 30.07 ? 11  GLN X OE1 1 
ATOM   84   N NE2 . GLN A 1 11  ? -19.996 -4.733  -0.709  1.00 37.61 ? 11  GLN X NE2 1 
ATOM   85   N N   . ARG A 1 12  ? -13.008 -3.660  0.900   1.00 28.04 ? 12  ARG X N   1 
ATOM   86   C CA  . ARG A 1 12  ? -11.580 -3.942  0.746   1.00 23.44 ? 12  ARG X CA  1 
ATOM   87   C C   . ARG A 1 12  ? -11.106 -4.068  -0.709  1.00 20.00 ? 12  ARG X C   1 
ATOM   88   O O   . ARG A 1 12  ? -10.051 -4.638  -0.979  1.00 25.40 ? 12  ARG X O   1 
ATOM   89   C CB  . ARG A 1 12  ? -11.212 -5.208  1.528   1.00 19.20 ? 12  ARG X CB  1 
ATOM   90   C CG  . ARG A 1 12  ? -10.980 -4.935  3.000   1.00 22.47 ? 12  ARG X CG  1 
ATOM   91   C CD  . ARG A 1 12  ? -10.901 -6.211  3.817   1.00 25.18 ? 12  ARG X CD  1 
ATOM   92   N NE  . ARG A 1 12  ? -12.201 -6.863  3.910   1.00 31.57 ? 12  ARG X NE  1 
ATOM   93   C CZ  . ARG A 1 12  ? -12.524 -7.968  3.253   1.00 24.37 ? 12  ARG X CZ  1 
ATOM   94   N NH1 . ARG A 1 12  ? -11.634 -8.554  2.468   1.00 20.69 ? 12  ARG X NH1 1 
ATOM   95   N NH2 . ARG A 1 12  ? -13.730 -8.489  3.396   1.00 24.12 ? 12  ARG X NH2 1 
ATOM   96   N N   . VAL A 1 13  ? -11.858 -3.521  -1.651  1.00 15.85 ? 13  VAL X N   1 
ATOM   97   C CA  . VAL A 1 13  ? -11.331 -3.442  -2.996  1.00 17.78 ? 13  VAL X CA  1 
ATOM   98   C C   . VAL A 1 13  ? -10.129 -2.501  -3.003  1.00 17.15 ? 13  VAL X C   1 
ATOM   99   O O   . VAL A 1 13  ? -10.186 -1.407  -2.447  1.00 19.47 ? 13  VAL X O   1 
ATOM   100  C CB  . VAL A 1 13  ? -12.381 -2.950  -3.998  1.00 20.54 ? 13  VAL X CB  1 
ATOM   101  C CG1 . VAL A 1 13  ? -11.705 -2.464  -5.269  1.00 21.78 ? 13  VAL X CG1 1 
ATOM   102  C CG2 . VAL A 1 13  ? -13.370 -4.052  -4.314  1.00 21.41 ? 13  VAL X CG2 1 
ATOM   103  N N   . ILE A 1 14  ? -9.034  -2.926  -3.612  1.00 18.53 ? 14  ILE X N   1 
ATOM   104  C CA  . ILE A 1 14  ? -7.888  -2.039  -3.759  1.00 22.90 ? 14  ILE X CA  1 
ATOM   105  C C   . ILE A 1 14  ? -7.528  -1.835  -5.224  1.00 22.70 ? 14  ILE X C   1 
ATOM   106  O O   . ILE A 1 14  ? -6.650  -1.035  -5.538  1.00 25.71 ? 14  ILE X O   1 
ATOM   107  C CB  . ILE A 1 14  ? -6.633  -2.560  -3.014  1.00 23.00 ? 14  ILE X CB  1 
ATOM   108  C CG1 . ILE A 1 14  ? -6.083  -3.813  -3.710  1.00 21.69 ? 14  ILE X CG1 1 
ATOM   109  C CG2 . ILE A 1 14  ? -6.947  -2.815  -1.538  1.00 18.02 ? 14  ILE X CG2 1 
ATOM   110  C CD1 . ILE A 1 14  ? -4.899  -4.426  -2.997  1.00 18.30 ? 14  ILE X CD1 1 
ATOM   111  N N   . GLY A 1 15  ? -8.207  -2.536  -6.128  1.00 26.33 ? 15  GLY X N   1 
ATOM   112  C CA  . GLY A 1 15  ? -7.870  -2.412  -7.539  1.00 26.92 ? 15  GLY X CA  1 
ATOM   113  C C   . GLY A 1 15  ? -8.795  -3.098  -8.517  1.00 25.08 ? 15  GLY X C   1 
ATOM   114  O O   . GLY A 1 15  ? -9.462  -4.077  -8.185  1.00 22.17 ? 15  GLY X O   1 
ATOM   115  N N   . PHE A 1 16  ? -8.829  -2.578  -9.738  1.00 26.20 ? 16  PHE X N   1 
ATOM   116  C CA  . PHE A 1 16  ? -9.667  -3.144  -10.790 1.00 24.09 ? 16  PHE X CA  1 
ATOM   117  C C   . PHE A 1 16  ? -8.983  -2.986  -12.120 1.00 25.22 ? 16  PHE X C   1 
ATOM   118  O O   . PHE A 1 16  ? -8.667  -1.870  -12.536 1.00 32.89 ? 16  PHE X O   1 
ATOM   119  C CB  . PHE A 1 16  ? -11.052 -2.480  -10.828 1.00 24.41 ? 16  PHE X CB  1 
ATOM   120  C CG  . PHE A 1 16  ? -11.976 -3.053  -11.884 1.00 30.41 ? 16  PHE X CG  1 
ATOM   121  C CD1 . PHE A 1 16  ? -12.416 -2.274  -12.943 1.00 27.61 ? 16  PHE X CD1 1 
ATOM   122  C CD2 . PHE A 1 16  ? -12.393 -4.381  -11.823 1.00 33.62 ? 16  PHE X CD2 1 
ATOM   123  C CE1 . PHE A 1 16  ? -13.252 -2.803  -13.916 1.00 30.41 ? 16  PHE X CE1 1 
ATOM   124  C CE2 . PHE A 1 16  ? -13.234 -4.910  -12.798 1.00 32.73 ? 16  PHE X CE2 1 
ATOM   125  C CZ  . PHE A 1 16  ? -13.659 -4.121  -13.844 1.00 30.81 ? 16  PHE X CZ  1 
ATOM   126  N N   . GLU A 1 17  ? -8.765  -4.111  -12.787 1.00 27.87 ? 17  GLU X N   1 
ATOM   127  C CA  . GLU A 1 17  ? -8.094  -4.140  -14.084 1.00 33.63 ? 17  GLU X CA  1 
ATOM   128  C C   . GLU A 1 17  ? -6.855  -3.251  -14.156 1.00 24.19 ? 17  GLU X C   1 
ATOM   129  O O   . GLU A 1 17  ? -6.801  -2.342  -14.971 1.00 26.79 ? 17  GLU X O   1 
ATOM   130  C CB  . GLU A 1 17  ? -9.077  -3.753  -15.183 1.00 33.05 ? 17  GLU X CB  1 
ATOM   131  C CG  . GLU A 1 17  ? -10.142 -4.808  -15.423 1.00 39.56 ? 17  GLU X CG  1 
ATOM   132  C CD  . GLU A 1 17  ? -11.089 -4.441  -16.550 1.00 46.61 ? 17  GLU X CD  1 
ATOM   133  O OE1 . GLU A 1 17  ? -11.264 -3.231  -16.820 1.00 40.40 ? 17  GLU X OE1 1 
ATOM   134  O OE2 . GLU A 1 17  ? -11.657 -5.367  -17.169 1.00 55.56 ? 17  GLU X OE2 1 
ATOM   135  N N   . ASN A 1 18  ? -5.885  -3.538  -13.287 1.00 26.77 ? 18  ASN X N   1 
ATOM   136  C CA  . ASN A 1 18  ? -4.584  -2.859  -13.225 1.00 30.42 ? 18  ASN X CA  1 
ATOM   137  C C   . ASN A 1 18  ? -4.630  -1.396  -12.824 1.00 27.26 ? 18  ASN X C   1 
ATOM   138  O O   . ASN A 1 18  ? -3.633  -0.692  -12.925 1.00 30.29 ? 18  ASN X O   1 
ATOM   139  C CB  . ASN A 1 18  ? -3.868  -2.962  -14.563 1.00 35.70 ? 18  ASN X CB  1 
ATOM   140  C CG  . ASN A 1 18  ? -3.108  -4.245  -14.716 1.00 38.33 ? 18  ASN X CG  1 
ATOM   141  O OD1 . ASN A 1 18  ? -3.293  -5.182  -13.943 1.00 34.52 ? 18  ASN X OD1 1 
ATOM   142  N ND2 . ASN A 1 18  ? -2.226  -4.296  -15.722 1.00 55.66 ? 18  ASN X ND2 1 
ATOM   143  N N   . GLN A 1 19  ? -5.783  -0.941  -12.371 1.00 25.60 ? 19  GLN X N   1 
ATOM   144  C CA  . GLN A 1 19  ? -5.976  0.464   -12.075 1.00 29.02 ? 19  GLN X CA  1 
ATOM   145  C C   . GLN A 1 19  ? -6.476  0.650   -10.646 1.00 30.67 ? 19  GLN X C   1 
ATOM   146  O O   . GLN A 1 19  ? -7.035  -0.265  -10.054 1.00 32.41 ? 19  GLN X O   1 
ATOM   147  C CB  . GLN A 1 19  ? -6.965  1.080   -13.068 1.00 28.97 ? 19  GLN X CB  1 
ATOM   148  C CG  . GLN A 1 19  ? -6.380  1.345   -14.437 1.00 37.07 ? 19  GLN X CG  1 
ATOM   149  C CD  . GLN A 1 19  ? -5.174  2.269   -14.358 1.00 58.71 ? 19  GLN X CD  1 
ATOM   150  O OE1 . GLN A 1 19  ? -5.221  3.303   -13.681 1.00 55.54 ? 19  GLN X OE1 1 
ATOM   151  N NE2 . GLN A 1 19  ? -4.075  1.889   -15.020 1.00 50.56 ? 19  GLN X NE2 1 
ATOM   152  N N   . LEU A 1 20  ? -6.240  1.825   -10.081 1.00 27.80 ? 20  LEU X N   1 
ATOM   153  C CA  . LEU A 1 20  ? -6.972  2.239   -8.905  1.00 26.59 ? 20  LEU X CA  1 
ATOM   154  C C   . LEU A 1 20  ? -8.399  2.558   -9.342  1.00 32.86 ? 20  LEU X C   1 
ATOM   155  O O   . LEU A 1 20  ? -8.601  3.245   -10.340 1.00 29.68 ? 20  LEU X O   1 
ATOM   156  C CB  . LEU A 1 20  ? -6.326  3.462   -8.249  1.00 26.21 ? 20  LEU X CB  1 
ATOM   157  C CG  . LEU A 1 20  ? -4.996  3.278   -7.523  1.00 31.41 ? 20  LEU X CG  1 
ATOM   158  C CD1 . LEU A 1 20  ? -4.427  4.644   -7.126  1.00 26.43 ? 20  LEU X CD1 1 
ATOM   159  C CD2 . LEU A 1 20  ? -5.173  2.371   -6.303  1.00 23.07 ? 20  LEU X CD2 1 
ATOM   160  N N   . PRO A 1 21  ? -9.397  2.066   -8.597  1.00 33.06 ? 21  PRO X N   1 
ATOM   161  C CA  . PRO A 1 21  ? -10.790 2.346   -8.975  1.00 21.75 ? 21  PRO X CA  1 
ATOM   162  C C   . PRO A 1 21  ? -11.185 3.808   -8.811  1.00 22.69 ? 21  PRO X C   1 
ATOM   163  O O   . PRO A 1 21  ? -12.212 4.202   -9.348  1.00 29.70 ? 21  PRO X O   1 
ATOM   164  C CB  . PRO A 1 21  ? -11.597 1.468   -8.009  1.00 22.56 ? 21  PRO X CB  1 
ATOM   165  C CG  . PRO A 1 21  ? -10.634 0.403   -7.563  1.00 26.65 ? 21  PRO X CG  1 
ATOM   166  C CD  . PRO A 1 21  ? -9.301  1.093   -7.494  1.00 22.76 ? 21  PRO X CD  1 
ATOM   167  N N   . TRP A 1 22  ? -10.391 4.596   -8.087  1.00 30.93 ? 22  TRP X N   1 
ATOM   168  C CA  . TRP A 1 22  ? -10.794 5.945   -7.682  1.00 27.31 ? 22  TRP X CA  1 
ATOM   169  C C   . TRP A 1 22  ? -9.684  6.946   -7.863  1.00 34.53 ? 22  TRP X C   1 
ATOM   170  O O   . TRP A 1 22  ? -8.505  6.611   -7.725  1.00 35.28 ? 22  TRP X O   1 
ATOM   171  C CB  . TRP A 1 22  ? -11.228 5.967   -6.217  1.00 26.60 ? 22  TRP X CB  1 
ATOM   172  C CG  . TRP A 1 22  ? -10.226 5.307   -5.328  1.00 28.70 ? 22  TRP X CG  1 
ATOM   173  C CD1 . TRP A 1 22  ? -9.046  5.840   -4.872  1.00 24.59 ? 22  TRP X CD1 1 
ATOM   174  C CD2 . TRP A 1 22  ? -10.298 3.976   -4.799  1.00 22.39 ? 22  TRP X CD2 1 
ATOM   175  N NE1 . TRP A 1 22  ? -8.385  4.919   -4.098  1.00 24.43 ? 22  TRP X NE1 1 
ATOM   176  C CE2 . TRP A 1 22  ? -9.132  3.769   -4.031  1.00 20.85 ? 22  TRP X CE2 1 
ATOM   177  C CE3 . TRP A 1 22  ? -11.233 2.937   -4.905  1.00 24.40 ? 22  TRP X CE3 1 
ATOM   178  C CZ2 . TRP A 1 22  ? -8.876  2.565   -3.371  1.00 20.21 ? 22  TRP X CZ2 1 
ATOM   179  C CZ3 . TRP A 1 22  ? -10.975 1.742   -4.255  1.00 23.37 ? 22  TRP X CZ3 1 
ATOM   180  C CH2 . TRP A 1 22  ? -9.804  1.566   -3.497  1.00 21.76 ? 22  TRP X CH2 1 
ATOM   181  N N   . HIS A 1 23  ? -10.077 8.182   -8.165  1.00 45.53 ? 23  HIS X N   1 
ATOM   182  C CA  A HIS A 1 23  ? -9.130  9.284   -8.275  0.51 36.88 ? 23  HIS X CA  1 
ATOM   183  C CA  B HIS A 1 23  ? -9.145  9.296   -8.285  0.49 36.83 ? 23  HIS X CA  1 
ATOM   184  C C   . HIS A 1 23  ? -9.238  10.155  -7.034  1.00 34.45 ? 23  HIS X C   1 
ATOM   185  O O   . HIS A 1 23  ? -10.254 10.818  -6.806  1.00 43.06 ? 23  HIS X O   1 
ATOM   186  C CB  A HIS A 1 23  ? -9.387  10.106  -9.538  0.51 37.63 ? 23  HIS X CB  1 
ATOM   187  C CB  B HIS A 1 23  ? -9.451  10.136  -9.524  0.49 37.58 ? 23  HIS X CB  1 
ATOM   188  C CG  A HIS A 1 23  ? -8.313  11.107  -9.834  0.51 42.40 ? 23  HIS X CG  1 
ATOM   189  C CG  B HIS A 1 23  ? -9.610  9.336   -10.779 0.49 39.56 ? 23  HIS X CG  1 
ATOM   190  N ND1 A HIS A 1 23  ? -8.563  12.459  -9.950  0.51 41.59 ? 23  HIS X ND1 1 
ATOM   191  N ND1 B HIS A 1 23  ? -8.546  8.743   -11.424 0.49 45.60 ? 23  HIS X ND1 1 
ATOM   192  C CD2 A HIS A 1 23  ? -6.982  10.951  -10.036 0.51 39.80 ? 23  HIS X CD2 1 
ATOM   193  C CD2 B HIS A 1 23  ? -10.709 9.038   -11.513 0.49 43.78 ? 23  HIS X CD2 1 
ATOM   194  C CE1 A HIS A 1 23  ? -7.433  13.090  -10.217 0.51 42.45 ? 23  HIS X CE1 1 
ATOM   195  C CE1 B HIS A 1 23  ? -8.982  8.110   -12.499 0.49 46.43 ? 23  HIS X CE1 1 
ATOM   196  N NE2 A HIS A 1 23  ? -6.459  12.199  -10.270 0.51 38.50 ? 23  HIS X NE2 1 
ATOM   197  N NE2 B HIS A 1 23  ? -10.291 8.273   -12.576 0.49 48.38 ? 23  HIS X NE2 1 
ATOM   198  N N   . LEU A 1 24  ? -8.187  10.145  -6.228  1.00 32.81 ? 24  LEU X N   1 
ATOM   199  C CA  . LEU A 1 24  ? -8.209  10.844  -4.950  1.00 29.39 ? 24  LEU X CA  1 
ATOM   200  C C   . LEU A 1 24  ? -6.863  11.481  -4.621  1.00 31.03 ? 24  LEU X C   1 
ATOM   201  O O   . LEU A 1 24  ? -6.053  10.885  -3.910  1.00 30.37 ? 24  LEU X O   1 
ATOM   202  C CB  . LEU A 1 24  ? -8.601  9.870   -3.849  1.00 23.47 ? 24  LEU X CB  1 
ATOM   203  C CG  . LEU A 1 24  ? -9.209  10.450  -2.585  1.00 33.01 ? 24  LEU X CG  1 
ATOM   204  C CD1 . LEU A 1 24  ? -10.368 11.355  -2.942  1.00 29.95 ? 24  LEU X CD1 1 
ATOM   205  C CD2 . LEU A 1 24  ? -9.667  9.313   -1.696  1.00 30.50 ? 24  LEU X CD2 1 
ATOM   206  N N   . PRO A 1 25  ? -6.620  12.693  -5.145  1.00 33.02 ? 25  PRO X N   1 
ATOM   207  C CA  . PRO A 1 25  ? -5.343  13.407  -4.979  1.00 28.62 ? 25  PRO X CA  1 
ATOM   208  C C   . PRO A 1 25  ? -4.835  13.505  -3.539  1.00 25.04 ? 25  PRO X C   1 
ATOM   209  O O   . PRO A 1 25  ? -3.625  13.407  -3.333  1.00 28.73 ? 25  PRO X O   1 
ATOM   210  C CB  . PRO A 1 25  ? -5.656  14.792  -5.539  1.00 24.14 ? 25  PRO X CB  1 
ATOM   211  C CG  . PRO A 1 25  ? -6.643  14.512  -6.629  1.00 34.52 ? 25  PRO X CG  1 
ATOM   212  C CD  . PRO A 1 25  ? -7.508  13.371  -6.109  1.00 29.41 ? 25  PRO X CD  1 
ATOM   213  N N   . ASN A 1 26  ? -5.729  13.671  -2.569  1.00 28.97 ? 26  ASN X N   1 
ATOM   214  C CA  . ASN A 1 26  ? -5.332  13.731  -1.149  1.00 32.87 ? 26  ASN X CA  1 
ATOM   215  C C   . ASN A 1 26  ? -4.613  12.484  -0.635  1.00 28.03 ? 26  ASN X C   1 
ATOM   216  O O   . ASN A 1 26  ? -3.713  12.589  0.207   1.00 26.34 ? 26  ASN X O   1 
ATOM   217  C CB  . ASN A 1 26  ? -6.545  13.983  -0.250  1.00 27.44 ? 26  ASN X CB  1 
ATOM   218  C CG  . ASN A 1 26  ? -7.119  15.372  -0.420  1.00 50.03 ? 26  ASN X CG  1 
ATOM   219  O OD1 . ASN A 1 26  ? -6.519  16.231  -1.086  1.00 49.12 ? 26  ASN X OD1 1 
ATOM   220  N ND2 . ASN A 1 26  ? -8.297  15.606  0.177   1.00 49.20 ? 26  ASN X ND2 1 
ATOM   221  N N   . ASP A 1 27  ? -5.021  11.312  -1.126  1.00 21.00 ? 27  ASP X N   1 
ATOM   222  C CA  . ASP A 1 27  ? -4.385  10.064  -0.741  1.00 17.86 ? 27  ASP X CA  1 
ATOM   223  C C   . ASP A 1 27  ? -2.993  9.962   -1.358  1.00 21.91 ? 27  ASP X C   1 
ATOM   224  O O   . ASP A 1 27  ? -2.078  9.453   -0.724  1.00 24.03 ? 27  ASP X O   1 
ATOM   225  C CB  . ASP A 1 27  ? -5.237  8.868   -1.147  1.00 22.85 ? 27  ASP X CB  1 
ATOM   226  C CG  . ASP A 1 27  ? -4.669  7.545   -0.648  1.00 27.64 ? 27  ASP X CG  1 
ATOM   227  O OD1 . ASP A 1 27  ? -4.487  6.645   -1.481  1.00 27.32 ? 27  ASP X OD1 1 
ATOM   228  O OD2 . ASP A 1 27  ? -4.420  7.395   0.569   1.00 26.36 ? 27  ASP X OD2 1 
ATOM   229  N N   . LEU A 1 28  ? -2.818  10.461  -2.576  1.00 20.03 ? 28  LEU X N   1 
ATOM   230  C CA  . LEU A 1 28  ? -1.473  10.550  -3.150  1.00 23.89 ? 28  LEU X CA  1 
ATOM   231  C C   . LEU A 1 28  ? -0.521  11.398  -2.296  1.00 29.40 ? 28  LEU X C   1 
ATOM   232  O O   . LEU A 1 28  ? 0.626   11.011  -2.046  1.00 21.89 ? 28  LEU X O   1 
ATOM   233  C CB  . LEU A 1 28  ? -1.520  11.138  -4.551  1.00 26.64 ? 28  LEU X CB  1 
ATOM   234  C CG  . LEU A 1 28  ? -2.079  10.281  -5.680  1.00 38.16 ? 28  LEU X CG  1 
ATOM   235  C CD1 . LEU A 1 28  ? -2.007  11.074  -6.979  1.00 41.47 ? 28  LEU X CD1 1 
ATOM   236  C CD2 . LEU A 1 28  ? -1.348  8.945   -5.793  1.00 36.59 ? 28  LEU X CD2 1 
ATOM   237  N N   . LYS A 1 29  ? -0.993  12.566  -1.869  1.00 24.09 ? 29  LYS X N   1 
ATOM   238  C CA  . LYS A 1 29  ? -0.110  13.408  -1.087  1.00 25.71 ? 29  LYS X CA  1 
ATOM   239  C C   . LYS A 1 29  ? 0.190   12.708  0.228   1.00 25.08 ? 29  LYS X C   1 
ATOM   240  O O   . LYS A 1 29  ? 1.331   12.652  0.671   1.00 29.97 ? 29  LYS X O   1 
ATOM   241  C CB  . LYS A 1 29  ? -0.741  14.778  -0.864  1.00 30.80 ? 29  LYS X CB  1 
ATOM   242  C CG  . LYS A 1 29  ? 0.156   15.934  -1.273  1.00 60.41 ? 29  LYS X CG  1 
ATOM   243  C CD  . LYS A 1 29  ? -0.594  16.912  -2.172  1.00 48.30 ? 29  LYS X CD  1 
ATOM   244  C CE  . LYS A 1 29  ? 0.372   17.764  -2.995  1.00 75.13 ? 29  LYS X CE  1 
ATOM   245  N NZ  . LYS A 1 29  ? 1.360   16.926  -3.755  1.00 82.58 ? 29  LYS X NZ  1 
ATOM   246  N N   . HIS A 1 30  ? -0.806  12.045  0.808   1.00 27.44 ? 30  HIS X N   1 
ATOM   247  C CA  . HIS A 1 30  ? -0.633  11.202  1.982   1.00 20.60 ? 30  HIS X CA  1 
ATOM   248  C C   . HIS A 1 30  ? 0.430   10.123  1.762   1.00 26.11 ? 30  HIS X C   1 
ATOM   249  O O   . HIS A 1 30  ? 1.259   9.867   2.636   1.00 26.11 ? 30  HIS X O   1 
ATOM   250  C CB  . HIS A 1 30  ? -1.975  10.566  2.341   1.00 21.90 ? 30  HIS X CB  1 
ATOM   251  C CG  . HIS A 1 30  ? -1.914  9.598   3.480   1.00 21.30 ? 30  HIS X CG  1 
ATOM   252  N ND1 . HIS A 1 30  ? -1.771  9.997   4.791   1.00 23.64 ? 30  HIS X ND1 1 
ATOM   253  C CD2 . HIS A 1 30  ? -2.006  8.247   3.506   1.00 20.79 ? 30  HIS X CD2 1 
ATOM   254  C CE1 . HIS A 1 30  ? -1.765  8.935   5.577   1.00 21.30 ? 30  HIS X CE1 1 
ATOM   255  N NE2 . HIS A 1 30  ? -1.914  7.861   4.823   1.00 28.05 ? 30  HIS X NE2 1 
ATOM   256  N N   . VAL A 1 31  ? 0.405   9.492   0.592   1.00 23.09 ? 31  VAL X N   1 
ATOM   257  C CA  . VAL A 1 31  ? 1.400   8.482   0.275   1.00 25.32 ? 31  VAL X CA  1 
ATOM   258  C C   . VAL A 1 31  ? 2.784   9.109   0.134   1.00 24.53 ? 31  VAL X C   1 
ATOM   259  O O   . VAL A 1 31  ? 3.783   8.537   0.599   1.00 25.54 ? 31  VAL X O   1 
ATOM   260  C CB  . VAL A 1 31  ? 1.047   7.715   -1.013  1.00 21.82 ? 31  VAL X CB  1 
ATOM   261  C CG1 . VAL A 1 31  ? 2.155   6.740   -1.356  1.00 22.09 ? 31  VAL X CG1 1 
ATOM   262  C CG2 . VAL A 1 31  ? -0.228  6.952   -0.817  1.00 20.19 ? 31  VAL X CG2 1 
ATOM   263  N N   . LYS A 1 32  ? 2.834   10.288  -0.486  1.00 24.35 ? 32  LYS X N   1 
ATOM   264  C CA  . LYS A 1 32  ? 4.093   10.999  -0.704  1.00 24.75 ? 32  LYS X CA  1 
ATOM   265  C C   . LYS A 1 32  ? 4.691   11.436  0.620   1.00 23.99 ? 32  LYS X C   1 
ATOM   266  O O   . LYS A 1 32  ? 5.899   11.337  0.833   1.00 25.22 ? 32  LYS X O   1 
ATOM   267  C CB  . LYS A 1 32  ? 3.887   12.212  -1.618  1.00 28.07 ? 32  LYS X CB  1 
ATOM   268  C CG  . LYS A 1 32  ? 5.130   13.078  -1.815  1.00 28.71 ? 32  LYS X CG  1 
ATOM   269  C CD  . LYS A 1 32  ? 4.780   14.393  -2.494  1.00 36.61 ? 32  LYS X CD  1 
ATOM   270  C CE  . LYS A 1 32  ? 5.310   14.464  -3.925  1.00 54.70 ? 32  LYS X CE  1 
ATOM   271  N NZ  . LYS A 1 32  ? 5.902   15.802  -4.286  1.00 45.13 ? 32  LYS X NZ  1 
ATOM   272  N N   . LYS A 1 33  ? 3.840   11.903  1.522   1.00 21.20 ? 33  LYS X N   1 
ATOM   273  C CA  . LYS A 1 33  ? 4.322   12.348  2.816   1.00 26.28 ? 33  LYS X CA  1 
ATOM   274  C C   . LYS A 1 33  ? 4.876   11.166  3.640   1.00 25.41 ? 33  LYS X C   1 
ATOM   275  O O   . LYS A 1 33  ? 5.979   11.245  4.170   1.00 29.86 ? 33  LYS X O   1 
ATOM   276  C CB  . LYS A 1 33  ? 3.208   13.076  3.569   1.00 35.46 ? 33  LYS X CB  1 
ATOM   277  C CG  . LYS A 1 33  ? 3.677   13.931  4.738   1.00 48.11 ? 33  LYS X CG  1 
ATOM   278  C CD  . LYS A 1 33  ? 2.504   14.396  5.631   1.00 70.11 ? 33  LYS X CD  1 
ATOM   279  C CE  . LYS A 1 33  ? 1.892   15.737  5.190   1.00 73.93 ? 33  LYS X CE  1 
ATOM   280  N NZ  . LYS A 1 33  ? 1.044   15.653  3.956   1.00 71.30 ? 33  LYS X NZ  1 
ATOM   281  N N   . LEU A 1 34  ? 4.139   10.064  3.737   1.00 22.57 ? 34  LEU X N   1 
ATOM   282  C CA  . LEU A 1 34  ? 4.613   8.945   4.559   1.00 30.54 ? 34  LEU X CA  1 
ATOM   283  C C   . LEU A 1 34  ? 5.873   8.265   4.010   1.00 31.86 ? 34  LEU X C   1 
ATOM   284  O O   . LEU A 1 34  ? 6.731   7.820   4.791   1.00 32.11 ? 34  LEU X O   1 
ATOM   285  C CB  . LEU A 1 34  ? 3.521   7.880   4.721   1.00 22.01 ? 34  LEU X CB  1 
ATOM   286  C CG  . LEU A 1 34  ? 2.392   8.141   5.713   1.00 26.44 ? 34  LEU X CG  1 
ATOM   287  C CD1 . LEU A 1 34  ? 1.267   7.161   5.478   1.00 18.34 ? 34  LEU X CD1 1 
ATOM   288  C CD2 . LEU A 1 34  ? 2.896   8.053   7.146   1.00 23.17 ? 34  LEU X CD2 1 
ATOM   289  N N   . SER A 1 35  ? 5.984   8.156   2.685   1.00 21.08 ? 35  SER X N   1 
ATOM   290  C CA  . SER A 1 35  ? 6.947   7.204   2.148   1.00 23.00 ? 35  SER X CA  1 
ATOM   291  C C   . SER A 1 35  ? 8.189   7.847   1.519   1.00 30.33 ? 35  SER X C   1 
ATOM   292  O O   . SER A 1 35  ? 9.216   7.172   1.387   1.00 30.63 ? 35  SER X O   1 
ATOM   293  C CB  . SER A 1 35  ? 6.261   6.259   1.150   1.00 19.50 ? 35  SER X CB  1 
ATOM   294  O OG  . SER A 1 35  ? 6.042   6.854   -0.112  1.00 25.74 ? 35  SER X OG  1 
ATOM   295  N N   . THR A 1 36  ? 8.123   9.131   1.160   1.00 24.99 ? 36  THR X N   1 
ATOM   296  C CA  . THR A 1 36  ? 9.327   9.847   0.731   1.00 24.55 ? 36  THR X CA  1 
ATOM   297  C C   . THR A 1 36  ? 10.487  9.673   1.719   1.00 25.86 ? 36  THR X C   1 
ATOM   298  O O   . THR A 1 36  ? 10.330  9.846   2.924   1.00 24.56 ? 36  THR X O   1 
ATOM   299  C CB  . THR A 1 36  ? 9.066   11.349  0.550   1.00 23.78 ? 36  THR X CB  1 
ATOM   300  O OG1 . THR A 1 36  ? 8.093   11.539  -0.480  1.00 33.66 ? 36  THR X OG1 1 
ATOM   301  C CG2 . THR A 1 36  ? 10.336  12.070  0.148   1.00 17.56 ? 36  THR X CG2 1 
ATOM   302  N N   . GLY A 1 37  ? 11.650  9.304   1.200   1.00 29.59 ? 37  GLY X N   1 
ATOM   303  C CA  . GLY A 1 37  ? 12.826  9.130   2.030   1.00 22.72 ? 37  GLY X CA  1 
ATOM   304  C C   . GLY A 1 37  ? 12.918  7.753   2.641   1.00 25.21 ? 37  GLY X C   1 
ATOM   305  O O   . GLY A 1 37  ? 13.846  7.476   3.378   1.00 28.23 ? 37  GLY X O   1 
ATOM   306  N N   . HIS A 1 38  ? 11.960  6.880   2.338   1.00 30.86 ? 38  HIS X N   1 
ATOM   307  C CA  . HIS A 1 38  ? 11.934  5.553   2.952   1.00 30.19 ? 38  HIS X CA  1 
ATOM   308  C C   . HIS A 1 38  ? 11.871  4.427   1.924   1.00 28.60 ? 38  HIS X C   1 
ATOM   309  O O   . HIS A 1 38  ? 12.372  4.571   0.810   1.00 30.38 ? 38  HIS X O   1 
ATOM   310  C CB  . HIS A 1 38  ? 10.768  5.469   3.933   1.00 30.34 ? 38  HIS X CB  1 
ATOM   311  C CG  . HIS A 1 38  ? 10.878  6.452   5.054   1.00 36.92 ? 38  HIS X CG  1 
ATOM   312  N ND1 . HIS A 1 38  ? 11.797  6.313   6.073   1.00 31.33 ? 38  HIS X ND1 1 
ATOM   313  C CD2 . HIS A 1 38  ? 10.212  7.604   5.301   1.00 36.76 ? 38  HIS X CD2 1 
ATOM   314  C CE1 . HIS A 1 38  ? 11.681  7.331   6.907   1.00 34.67 ? 38  HIS X CE1 1 
ATOM   315  N NE2 . HIS A 1 38  ? 10.728  8.130   6.461   1.00 37.51 ? 38  HIS X NE2 1 
ATOM   316  N N   . THR A 1 39  ? 11.272  3.303   2.284   1.00 22.68 ? 39  THR X N   1 
ATOM   317  C CA  . THR A 1 39  ? 11.298  2.178   1.365   1.00 28.06 ? 39  THR X CA  1 
ATOM   318  C C   . THR A 1 39  ? 9.899   1.677   1.026   1.00 29.07 ? 39  THR X C   1 
ATOM   319  O O   . THR A 1 39  ? 9.042   1.555   1.897   1.00 27.96 ? 39  THR X O   1 
ATOM   320  C CB  . THR A 1 39  ? 12.152  1.016   1.938   1.00 30.56 ? 39  THR X CB  1 
ATOM   321  O OG1 . THR A 1 39  ? 13.425  1.522   2.353   1.00 40.19 ? 39  THR X OG1 1 
ATOM   322  C CG2 . THR A 1 39  ? 12.371  -0.065  0.900   1.00 24.65 ? 39  THR X CG2 1 
ATOM   323  N N   . LEU A 1 40  ? 9.679   1.419   -0.261  1.00 29.91 ? 40  LEU X N   1 
ATOM   324  C CA  . LEU A 1 40  ? 8.448   0.815   -0.753  1.00 21.13 ? 40  LEU X CA  1 
ATOM   325  C C   . LEU A 1 40  ? 8.779   -0.541  -1.329  1.00 28.06 ? 40  LEU X C   1 
ATOM   326  O O   . LEU A 1 40  ? 9.633   -0.640  -2.207  1.00 26.52 ? 40  LEU X O   1 
ATOM   327  C CB  . LEU A 1 40  ? 7.797   1.659   -1.835  1.00 21.17 ? 40  LEU X CB  1 
ATOM   328  C CG  . LEU A 1 40  ? 7.084   2.959   -1.502  1.00 20.90 ? 40  LEU X CG  1 
ATOM   329  C CD1 . LEU A 1 40  ? 6.195   3.355   -2.679  1.00 20.24 ? 40  LEU X CD1 1 
ATOM   330  C CD2 . LEU A 1 40  ? 6.272   2.783   -0.249  1.00 20.75 ? 40  LEU X CD2 1 
ATOM   331  N N   . VAL A 1 41  ? 8.095   -1.569  -0.832  1.00 24.82 ? 41  VAL X N   1 
ATOM   332  C CA  . VAL A 1 41  ? 8.188   -2.925  -1.342  1.00 19.39 ? 41  VAL X CA  1 
ATOM   333  C C   . VAL A 1 41  ? 6.880   -3.289  -2.036  1.00 23.69 ? 41  VAL X C   1 
ATOM   334  O O   . VAL A 1 41  ? 5.812   -3.043  -1.505  1.00 25.55 ? 41  VAL X O   1 
ATOM   335  C CB  . VAL A 1 41  ? 8.462   -3.921  -0.209  1.00 25.44 ? 41  VAL X CB  1 
ATOM   336  C CG1 . VAL A 1 41  ? 8.428   -5.347  -0.724  1.00 23.53 ? 41  VAL X CG1 1 
ATOM   337  C CG2 . VAL A 1 41  ? 9.791   -3.618  0.445   1.00 23.63 ? 41  VAL X CG2 1 
ATOM   338  N N   . MET A 1 42  ? 6.952   -3.881  -3.216  1.00 22.40 ? 42  MET X N   1 
ATOM   339  C CA  . MET A 1 42  ? 5.740   -4.250  -3.918  1.00 20.46 ? 42  MET X CA  1 
ATOM   340  C C   . MET A 1 42  ? 5.928   -5.498  -4.801  1.00 27.33 ? 42  MET X C   1 
ATOM   341  O O   . MET A 1 42  ? 7.026   -5.748  -5.308  1.00 26.48 ? 42  MET X O   1 
ATOM   342  C CB  . MET A 1 42  ? 5.264   -3.052  -4.745  1.00 21.31 ? 42  MET X CB  1 
ATOM   343  C CG  . MET A 1 42  ? 6.239   -2.594  -5.837  1.00 23.01 ? 42  MET X CG  1 
ATOM   344  S SD  . MET A 1 42  ? 5.875   -0.949  -6.538  1.00 29.17 ? 42  MET X SD  1 
ATOM   345  C CE  . MET A 1 42  ? 6.758   0.120   -5.410  1.00 25.21 ? 42  MET X CE  1 
ATOM   346  N N   . GLY A 1 43  ? 4.862   -6.282  -4.980  1.00 24.65 ? 43  GLY X N   1 
ATOM   347  C CA  . GLY A 1 43  ? 4.883   -7.410  -5.908  1.00 20.79 ? 43  GLY X CA  1 
ATOM   348  C C   . GLY A 1 43  ? 5.022   -6.971  -7.363  1.00 26.16 ? 43  GLY X C   1 
ATOM   349  O O   . GLY A 1 43  ? 4.742   -5.811  -7.715  1.00 22.87 ? 43  GLY X O   1 
ATOM   350  N N   . ARG A 1 44  ? 5.450   -7.894  -8.218  1.00 24.23 ? 44  ARG X N   1 
ATOM   351  C CA  . ARG A 1 44  ? 5.727   -7.557  -9.613  1.00 21.21 ? 44  ARG X CA  1 
ATOM   352  C C   . ARG A 1 44  ? 4.510   -6.945  -10.336 1.00 24.25 ? 44  ARG X C   1 
ATOM   353  O O   . ARG A 1 44  ? 4.652   -5.981  -11.098 1.00 20.47 ? 44  ARG X O   1 
ATOM   354  C CB  . ARG A 1 44  ? 6.236   -8.799  -10.358 1.00 20.61 ? 44  ARG X CB  1 
ATOM   355  C CG  . ARG A 1 44  ? 6.697   -8.558  -11.797 1.00 19.72 ? 44  ARG X CG  1 
ATOM   356  C CD  . ARG A 1 44  ? 5.578   -8.881  -12.799 1.00 18.08 ? 44  ARG X CD  1 
ATOM   357  N NE  . ARG A 1 44  ? 5.098   -10.249 -12.610 1.00 22.53 ? 44  ARG X NE  1 
ATOM   358  C CZ  . ARG A 1 44  ? 4.038   -10.774 -13.219 1.00 21.38 ? 44  ARG X CZ  1 
ATOM   359  N NH1 . ARG A 1 44  ? 3.324   -10.043 -14.066 1.00 17.10 ? 44  ARG X NH1 1 
ATOM   360  N NH2 . ARG A 1 44  ? 3.686   -12.031 -12.963 1.00 20.54 ? 44  ARG X NH2 1 
ATOM   361  N N   . LYS A 1 45  ? 3.318   -7.491  -10.101 1.00 22.85 ? 45  LYS X N   1 
ATOM   362  C CA  . LYS A 1 45  ? 2.126   -6.991  -10.790 1.00 20.46 ? 45  LYS X CA  1 
ATOM   363  C C   . LYS A 1 45  ? 1.759   -5.568  -10.338 1.00 24.71 ? 45  LYS X C   1 
ATOM   364  O O   . LYS A 1 45  ? 1.273   -4.755  -11.124 1.00 24.50 ? 45  LYS X O   1 
ATOM   365  C CB  . LYS A 1 45  ? 0.952   -7.940  -10.570 1.00 21.44 ? 45  LYS X CB  1 
ATOM   366  C CG  . LYS A 1 45  ? 1.149   -9.308  -11.205 1.00 24.34 ? 45  LYS X CG  1 
ATOM   367  C CD  . LYS A 1 45  ? 0.009   -10.251 -10.856 1.00 26.34 ? 45  LYS X CD  1 
ATOM   368  C CE  . LYS A 1 45  ? 0.001   -11.500 -11.737 1.00 22.27 ? 45  LYS X CE  1 
ATOM   369  N NZ  . LYS A 1 45  ? -1.225  -12.338 -11.513 1.00 27.88 ? 45  LYS X NZ  1 
ATOM   370  N N   . THR A 1 46  ? 1.996   -5.274  -9.067  1.00 23.99 ? 46  THR X N   1 
ATOM   371  C CA  . THR A 1 46  ? 1.709   -3.956  -8.552  1.00 19.68 ? 46  THR X CA  1 
ATOM   372  C C   . THR A 1 46  ? 2.627   -2.986  -9.235  1.00 25.44 ? 46  THR X C   1 
ATOM   373  O O   . THR A 1 46  ? 2.188   -1.932  -9.699  1.00 28.49 ? 46  THR X O   1 
ATOM   374  C CB  . THR A 1 46  ? 1.901   -3.859  -7.041  1.00 22.76 ? 46  THR X CB  1 
ATOM   375  O OG1 . THR A 1 46  ? 0.939   -4.683  -6.379  1.00 22.11 ? 46  THR X OG1 1 
ATOM   376  C CG2 . THR A 1 46  ? 1.724   -2.445  -6.586  1.00 15.76 ? 46  THR X CG2 1 
ATOM   377  N N   . PHE A 1 47  ? 3.908   -3.343  -9.314  1.00 28.24 ? 47  PHE X N   1 
ATOM   378  C CA  . PHE A 1 47  ? 4.860   -2.457  -9.967  1.00 21.15 ? 47  PHE X CA  1 
ATOM   379  C C   . PHE A 1 47  ? 4.525   -2.207  -11.441 1.00 26.89 ? 47  PHE X C   1 
ATOM   380  O O   . PHE A 1 47  ? 4.519   -1.055  -11.872 1.00 33.91 ? 47  PHE X O   1 
ATOM   381  C CB  . PHE A 1 47  ? 6.282   -2.980  -9.881  1.00 20.12 ? 47  PHE X CB  1 
ATOM   382  C CG  . PHE A 1 47  ? 7.233   -2.187  -10.726 1.00 32.82 ? 47  PHE X CG  1 
ATOM   383  C CD1 . PHE A 1 47  ? 7.700   -2.689  -11.936 1.00 31.11 ? 47  PHE X CD1 1 
ATOM   384  C CD2 . PHE A 1 47  ? 7.610   -0.903  -10.344 1.00 29.05 ? 47  PHE X CD2 1 
ATOM   385  C CE1 . PHE A 1 47  ? 8.553   -1.943  -12.729 1.00 29.60 ? 47  PHE X CE1 1 
ATOM   386  C CE2 . PHE A 1 47  ? 8.457   -0.149  -11.131 1.00 31.11 ? 47  PHE X CE2 1 
ATOM   387  C CZ  . PHE A 1 47  ? 8.930   -0.671  -12.327 1.00 33.60 ? 47  PHE X CZ  1 
ATOM   388  N N   . GLU A 1 48  ? 4.251   -3.257  -12.217 1.00 23.87 ? 48  GLU X N   1 
ATOM   389  C CA  . GLU A 1 48  ? 4.018   -3.067  -13.648 1.00 24.67 ? 48  GLU X CA  1 
ATOM   390  C C   . GLU A 1 48  ? 2.804   -2.189  -13.875 1.00 25.33 ? 48  GLU X C   1 
ATOM   391  O O   . GLU A 1 48  ? 2.722   -1.463  -14.876 1.00 34.08 ? 48  GLU X O   1 
ATOM   392  C CB  . GLU A 1 48  ? 3.853   -4.404  -14.386 1.00 27.53 ? 48  GLU X CB  1 
ATOM   393  C CG  . GLU A 1 48  ? 5.101   -5.315  -14.413 1.00 33.03 ? 48  GLU X CG  1 
ATOM   394  C CD  . GLU A 1 48  ? 6.316   -4.717  -15.163 1.00 52.69 ? 48  GLU X CD  1 
ATOM   395  O OE1 . GLU A 1 48  ? 6.163   -3.729  -15.924 1.00 52.41 ? 48  GLU X OE1 1 
ATOM   396  O OE2 . GLU A 1 48  ? 7.443   -5.243  -14.989 1.00 53.16 ? 48  GLU X OE2 1 
ATOM   397  N N   . SER A 1 49  ? 1.875   -2.219  -12.931 1.00 24.00 ? 49  SER X N   1 
ATOM   398  C CA  . SER A 1 49  ? 0.677   -1.408  -13.049 1.00 28.19 ? 49  SER X CA  1 
ATOM   399  C C   . SER A 1 49  ? 0.981   0.076   -12.853 1.00 26.86 ? 49  SER X C   1 
ATOM   400  O O   . SER A 1 49  ? 0.351   0.916   -13.489 1.00 36.07 ? 49  SER X O   1 
ATOM   401  C CB  . SER A 1 49  ? -0.387  -1.868  -12.050 1.00 31.49 ? 49  SER X CB  1 
ATOM   402  O OG  . SER A 1 49  ? -0.129  -1.327  -10.775 1.00 36.63 ? 49  SER X OG  1 
ATOM   403  N N   . ILE A 1 50  ? 1.923   0.411   -11.976 1.00 19.92 ? 50  ILE X N   1 
ATOM   404  C CA  . ILE A 1 50  ? 2.389   1.794   -11.921 1.00 28.93 ? 50  ILE X CA  1 
ATOM   405  C C   . ILE A 1 50  ? 3.206   2.120   -13.177 1.00 31.26 ? 50  ILE X C   1 
ATOM   406  O O   . ILE A 1 50  ? 2.952   3.121   -13.849 1.00 28.69 ? 50  ILE X O   1 
ATOM   407  C CB  . ILE A 1 50  ? 3.247   2.095   -10.690 1.00 29.41 ? 50  ILE X CB  1 
ATOM   408  C CG1 . ILE A 1 50  ? 2.526   1.708   -9.409  1.00 37.27 ? 50  ILE X CG1 1 
ATOM   409  C CG2 . ILE A 1 50  ? 3.545   3.575   -10.614 1.00 44.09 ? 50  ILE X CG2 1 
ATOM   410  C CD1 . ILE A 1 50  ? 3.389   1.896   -8.184  1.00 35.07 ? 50  ILE X CD1 1 
ATOM   411  N N   . GLY A 1 51  ? 4.190   1.278   -13.483 1.00 27.02 ? 51  GLY X N   1 
ATOM   412  C CA  . GLY A 1 51  ? 4.930   1.390   -14.731 1.00 29.31 ? 51  GLY X CA  1 
ATOM   413  C C   . GLY A 1 51  ? 6.276   2.073   -14.617 1.00 29.67 ? 51  GLY X C   1 
ATOM   414  O O   . GLY A 1 51  ? 7.117   1.954   -15.500 1.00 34.78 ? 51  GLY X O   1 
ATOM   415  N N   . LYS A 1 52  ? 6.478   2.790   -13.518 1.00 38.94 ? 52  LYS X N   1 
ATOM   416  C CA  . LYS A 1 52  ? 7.737   3.472   -13.241 1.00 40.98 ? 52  LYS X CA  1 
ATOM   417  C C   . LYS A 1 52  ? 7.929   3.534   -11.729 1.00 36.37 ? 52  LYS X C   1 
ATOM   418  O O   . LYS A 1 52  ? 6.954   3.627   -10.995 1.00 39.03 ? 52  LYS X O   1 
ATOM   419  C CB  . LYS A 1 52  ? 7.743   4.882   -13.849 1.00 38.68 ? 52  LYS X CB  1 
ATOM   420  C CG  . LYS A 1 52  ? 6.909   5.901   -13.066 0.70 49.41 ? 52  LYS X CG  1 
ATOM   421  C CD  . LYS A 1 52  ? 7.052   7.317   -13.616 1.00 66.34 ? 52  LYS X CD  1 
ATOM   422  C CE  . LYS A 1 52  ? 5.736   7.811   -14.218 1.00 71.69 ? 52  LYS X CE  1 
ATOM   423  N NZ  . LYS A 1 52  ? 5.855   9.195   -14.766 1.00 61.01 ? 52  LYS X NZ  1 
ATOM   424  N N   . PRO A 1 53  ? 9.180   3.479   -11.252 1.00 31.91 ? 53  PRO X N   1 
ATOM   425  C CA  . PRO A 1 53  ? 9.383   3.621   -9.804  1.00 30.00 ? 53  PRO X CA  1 
ATOM   426  C C   . PRO A 1 53  ? 9.023   5.028   -9.308  1.00 32.69 ? 53  PRO X C   1 
ATOM   427  O O   . PRO A 1 53  ? 9.109   6.005   -10.064 1.00 29.36 ? 53  PRO X O   1 
ATOM   428  C CB  . PRO A 1 53  ? 10.875  3.342   -9.629  1.00 30.55 ? 53  PRO X CB  1 
ATOM   429  C CG  . PRO A 1 53  ? 11.476  3.728   -10.924 1.00 28.63 ? 53  PRO X CG  1 
ATOM   430  C CD  . PRO A 1 53  ? 10.451  3.417   -11.988 1.00 25.26 ? 53  PRO X CD  1 
ATOM   431  N N   . LEU A 1 54  ? 8.612   5.121   -8.048  1.00 31.23 ? 54  LEU X N   1 
ATOM   432  C CA  . LEU A 1 54  ? 8.222   6.398   -7.467  1.00 25.19 ? 54  LEU X CA  1 
ATOM   433  C C   . LEU A 1 54  ? 9.432   7.152   -6.955  1.00 28.74 ? 54  LEU X C   1 
ATOM   434  O O   . LEU A 1 54  ? 10.297  6.563   -6.309  1.00 28.68 ? 54  LEU X O   1 
ATOM   435  C CB  . LEU A 1 54  ? 7.239   6.188   -6.340  1.00 26.15 ? 54  LEU X CB  1 
ATOM   436  C CG  . LEU A 1 54  ? 5.991   5.411   -6.713  1.00 32.40 ? 54  LEU X CG  1 
ATOM   437  C CD1 . LEU A 1 54  ? 4.959   5.653   -5.630  1.00 26.62 ? 54  LEU X CD1 1 
ATOM   438  C CD2 . LEU A 1 54  ? 5.484   5.826   -8.098  1.00 32.36 ? 54  LEU X CD2 1 
ATOM   439  N N   . PRO A 1 55  ? 9.491   8.464   -7.234  1.00 26.37 ? 55  PRO X N   1 
ATOM   440  C CA  . PRO A 1 55  ? 10.639  9.343   -6.949  1.00 25.54 ? 55  PRO X CA  1 
ATOM   441  C C   . PRO A 1 55  ? 10.988  9.486   -5.464  1.00 27.47 ? 55  PRO X C   1 
ATOM   442  O O   . PRO A 1 55  ? 10.106  9.440   -4.612  1.00 30.49 ? 55  PRO X O   1 
ATOM   443  C CB  . PRO A 1 55  ? 10.187  10.705  -7.502  1.00 27.48 ? 55  PRO X CB  1 
ATOM   444  C CG  . PRO A 1 55  ? 9.056   10.401  -8.443  1.00 28.81 ? 55  PRO X CG  1 
ATOM   445  C CD  . PRO A 1 55  ? 8.384   9.184   -7.885  1.00 24.92 ? 55  PRO X CD  1 
ATOM   446  N N   . ASN A 1 56  ? 12.273  9.651   -5.173  1.00 29.87 ? 56  ASN X N   1 
ATOM   447  C CA  . ASN A 1 56  ? 12.735  10.105  -3.859  1.00 28.08 ? 56  ASN X CA  1 
ATOM   448  C C   . ASN A 1 56  ? 12.444  9.138   -2.710  1.00 35.61 ? 56  ASN X C   1 
ATOM   449  O O   . ASN A 1 56  ? 12.107  9.553   -1.586  1.00 32.22 ? 56  ASN X O   1 
ATOM   450  C CB  . ASN A 1 56  ? 12.128  11.476  -3.555  1.00 33.01 ? 56  ASN X CB  1 
ATOM   451  C CG  . ASN A 1 56  ? 12.449  12.498  -4.627  1.00 35.00 ? 56  ASN X CG  1 
ATOM   452  O OD1 . ASN A 1 56  ? 13.538  12.474  -5.209  1.00 32.99 ? 56  ASN X OD1 1 
ATOM   453  N ND2 . ASN A 1 56  ? 11.505  13.392  -4.903  1.00 27.05 ? 56  ASN X ND2 1 
ATOM   454  N N   . ARG A 1 57  ? 12.595  7.849   -3.004  1.00 33.40 ? 57  ARG X N   1 
ATOM   455  C CA  . ARG A 1 57  ? 12.513  6.781   -2.018  1.00 24.13 ? 57  ARG X CA  1 
ATOM   456  C C   . ARG A 1 57  ? 12.995  5.525   -2.694  1.00 23.31 ? 57  ARG X C   1 
ATOM   457  O O   . ARG A 1 57  ? 13.062  5.473   -3.918  1.00 28.63 ? 57  ARG X O   1 
ATOM   458  C CB  . ARG A 1 57  ? 11.088  6.590   -1.505  1.00 29.75 ? 57  ARG X CB  1 
ATOM   459  C CG  . ARG A 1 57  ? 10.163  5.881   -2.485  1.00 24.35 ? 57  ARG X CG  1 
ATOM   460  C CD  . ARG A 1 57  ? 8.753   6.421   -2.386  1.00 24.07 ? 57  ARG X CD  1 
ATOM   461  N NE  . ARG A 1 57  ? 8.644   7.757   -2.951  1.00 25.52 ? 57  ARG X NE  1 
ATOM   462  C CZ  . ARG A 1 57  ? 7.496   8.411   -3.104  1.00 33.26 ? 57  ARG X CZ  1 
ATOM   463  N NH1 . ARG A 1 57  ? 6.353   7.859   -2.717  1.00 37.37 ? 57  ARG X NH1 1 
ATOM   464  N NH2 . ARG A 1 57  ? 7.489   9.621   -3.644  1.00 35.15 ? 57  ARG X NH2 1 
ATOM   465  N N   . ARG A 1 58  ? 13.332  4.511   -1.904  1.00 24.99 ? 58  ARG X N   1 
ATOM   466  C CA  . ARG A 1 58  ? 13.766  3.238   -2.452  1.00 21.35 ? 58  ARG X CA  1 
ATOM   467  C C   . ARG A 1 58  ? 12.555  2.427   -2.923  1.00 26.59 ? 58  ARG X C   1 
ATOM   468  O O   . ARG A 1 58  ? 11.582  2.266   -2.179  1.00 26.42 ? 58  ARG X O   1 
ATOM   469  C CB  . ARG A 1 58  ? 14.571  2.463   -1.415  1.00 18.74 ? 58  ARG X CB  1 
ATOM   470  C CG  . ARG A 1 58  ? 15.240  1.203   -1.937  1.00 17.09 ? 58  ARG X CG  1 
ATOM   471  C CD  . ARG A 1 58  ? 16.120  0.603   -0.864  1.00 20.10 ? 58  ARG X CD  1 
ATOM   472  N NE  . ARG A 1 58  ? 16.772  -0.621  -1.306  1.00 30.08 ? 58  ARG X NE  1 
ATOM   473  C CZ  . ARG A 1 58  ? 17.466  -1.432  -0.514  1.00 26.20 ? 58  ARG X CZ  1 
ATOM   474  N NH1 . ARG A 1 58  ? 17.601  -1.159  0.773   1.00 25.27 ? 58  ARG X NH1 1 
ATOM   475  N NH2 . ARG A 1 58  ? 18.032  -2.522  -1.014  1.00 30.65 ? 58  ARG X NH2 1 
ATOM   476  N N   . ASN A 1 59  ? 12.618  1.950   -4.168  1.00 28.32 ? 59  ASN X N   1 
ATOM   477  C CA  . ASN A 1 59  ? 11.621  1.048   -4.738  1.00 22.57 ? 59  ASN X CA  1 
ATOM   478  C C   . ASN A 1 59  ? 12.155  -0.373  -4.817  1.00 27.84 ? 59  ASN X C   1 
ATOM   479  O O   . ASN A 1 59  ? 13.106  -0.643  -5.550  1.00 31.00 ? 59  ASN X O   1 
ATOM   480  C CB  . ASN A 1 59  ? 11.216  1.494   -6.136  1.00 22.57 ? 59  ASN X CB  1 
ATOM   481  C CG  . ASN A 1 59  ? 10.563  2.849   -6.148  1.00 28.26 ? 59  ASN X CG  1 
ATOM   482  O OD1 . ASN A 1 59  ? 9.362   2.976   -6.413  1.00 25.31 ? 59  ASN X OD1 1 
ATOM   483  N ND2 . ASN A 1 59  ? 11.347  3.878   -5.847  1.00 26.43 ? 59  ASN X ND2 1 
ATOM   484  N N   . VAL A 1 60  ? 11.531  -1.282  -4.076  1.00 25.36 ? 60  VAL X N   1 
ATOM   485  C CA  . VAL A 1 60  ? 11.915  -2.684  -4.086  1.00 20.18 ? 60  VAL X CA  1 
ATOM   486  C C   . VAL A 1 60  ? 10.814  -3.557  -4.666  1.00 22.05 ? 60  VAL X C   1 
ATOM   487  O O   . VAL A 1 60  ? 9.680   -3.497  -4.215  1.00 22.24 ? 60  VAL X O   1 
ATOM   488  C CB  . VAL A 1 60  ? 12.230  -3.174  -2.685  1.00 20.95 ? 60  VAL X CB  1 
ATOM   489  C CG1 . VAL A 1 60  ? 12.481  -4.664  -2.711  1.00 32.55 ? 60  VAL X CG1 1 
ATOM   490  C CG2 . VAL A 1 60  ? 13.430  -2.432  -2.125  1.00 26.57 ? 60  VAL X CG2 1 
ATOM   491  N N   . VAL A 1 61  ? 11.139  -4.381  -5.655  1.00 22.82 ? 61  VAL X N   1 
ATOM   492  C CA  . VAL A 1 61  ? 10.120  -5.244  -6.232  1.00 22.00 ? 61  VAL X CA  1 
ATOM   493  C C   . VAL A 1 61  ? 10.405  -6.719  -5.969  1.00 25.73 ? 61  VAL X C   1 
ATOM   494  O O   . VAL A 1 61  ? 11.511  -7.191  -6.179  1.00 28.30 ? 61  VAL X O   1 
ATOM   495  C CB  . VAL A 1 61  ? 9.973   -5.013  -7.747  1.00 23.48 ? 61  VAL X CB  1 
ATOM   496  C CG1 . VAL A 1 61  ? 8.982   -6.011  -8.345  1.00 27.16 ? 61  VAL X CG1 1 
ATOM   497  C CG2 . VAL A 1 61  ? 9.499   -3.607  -8.007  1.00 18.33 ? 61  VAL X CG2 1 
ATOM   498  N N   . LEU A 1 62  ? 9.388   -7.433  -5.499  1.00 23.66 ? 62  LEU X N   1 
ATOM   499  C CA  . LEU A 1 62  ? 9.495   -8.854  -5.252  1.00 25.77 ? 62  LEU X CA  1 
ATOM   500  C C   . LEU A 1 62  ? 8.977   -9.637  -6.450  1.00 31.25 ? 62  LEU X C   1 
ATOM   501  O O   . LEU A 1 62  ? 7.833   -9.441  -6.883  1.00 29.32 ? 62  LEU X O   1 
ATOM   502  C CB  . LEU A 1 62  ? 8.719   -9.249  -3.992  1.00 33.57 ? 62  LEU X CB  1 
ATOM   503  C CG  . LEU A 1 62  ? 8.622   -10.751 -3.704  1.00 28.66 ? 62  LEU X CG  1 
ATOM   504  C CD1 . LEU A 1 62  ? 9.988   -11.302 -3.365  1.00 26.52 ? 62  LEU X CD1 1 
ATOM   505  C CD2 . LEU A 1 62  ? 7.659   -11.016 -2.575  1.00 27.04 ? 62  LEU X CD2 1 
ATOM   506  N N   . THR A 1 63  ? 9.833   -10.513 -6.979  1.00 27.30 ? 63  THR X N   1 
ATOM   507  C CA  . THR A 1 63  ? 9.503   -11.353 -8.123  1.00 28.17 ? 63  THR X CA  1 
ATOM   508  C C   . THR A 1 63  ? 10.429  -12.564 -8.196  1.00 30.19 ? 63  THR X C   1 
ATOM   509  O O   . THR A 1 63  ? 11.528  -12.546 -7.651  1.00 23.17 ? 63  THR X O   1 
ATOM   510  C CB  . THR A 1 63  ? 9.610   -10.590 -9.459  1.00 20.42 ? 63  THR X CB  1 
ATOM   511  O OG1 . THR A 1 63  ? 9.363   -11.492 -10.539 1.00 25.93 ? 63  THR X OG1 1 
ATOM   512  C CG2 . THR A 1 63  ? 10.988  -10.030 -9.628  1.00 21.61 ? 63  THR X CG2 1 
ATOM   513  N N   . SER A 1 64  ? 9.981   -13.608 -8.890  1.00 26.96 ? 64  SER X N   1 
ATOM   514  C CA  . SER A 1 64  ? 10.808  -14.789 -9.108  1.00 27.01 ? 64  SER X CA  1 
ATOM   515  C C   . SER A 1 64  ? 11.546  -14.720 -10.442 1.00 30.20 ? 64  SER X C   1 
ATOM   516  O O   . SER A 1 64  ? 12.351  -15.592 -10.734 1.00 31.86 ? 64  SER X O   1 
ATOM   517  C CB  . SER A 1 64  ? 9.962   -16.057 -9.047  1.00 17.95 ? 64  SER X CB  1 
ATOM   518  O OG  . SER A 1 64  ? 8.987   -16.050 -10.075 1.00 27.41 ? 64  SER X OG  1 
ATOM   519  N N   . ASP A 1 65  ? 11.278  -13.675 -11.232 1.00 29.91 ? 65  ASP X N   1 
ATOM   520  C CA  . ASP A 1 65  ? 11.934  -13.471 -12.530 1.00 34.88 ? 65  ASP X CA  1 
ATOM   521  C C   . ASP A 1 65  ? 13.387  -13.019 -12.364 1.00 36.21 ? 65  ASP X C   1 
ATOM   522  O O   . ASP A 1 65  ? 13.656  -11.870 -12.018 1.00 34.37 ? 65  ASP X O   1 
ATOM   523  C CB  . ASP A 1 65  ? 11.150  -12.440 -13.363 1.00 38.83 ? 65  ASP X CB  1 
ATOM   524  C CG  . ASP A 1 65  ? 11.525  -12.452 -14.851 1.00 41.97 ? 65  ASP X CG  1 
ATOM   525  O OD1 . ASP A 1 65  ? 11.234  -11.454 -15.559 1.00 47.84 ? 65  ASP X OD1 1 
ATOM   526  O OD2 . ASP A 1 65  ? 12.098  -13.458 -15.315 1.00 46.42 ? 65  ASP X OD2 1 
ATOM   527  N N   . THR A 1 66  ? 14.329  -13.916 -12.617 1.00 32.10 ? 66  THR X N   1 
ATOM   528  C CA  . THR A 1 66  ? 15.736  -13.571 -12.449 1.00 32.15 ? 66  THR X CA  1 
ATOM   529  C C   . THR A 1 66  ? 16.260  -12.645 -13.561 1.00 36.02 ? 66  THR X C   1 
ATOM   530  O O   . THR A 1 66  ? 17.416  -12.230 -13.526 1.00 37.84 ? 66  THR X O   1 
ATOM   531  C CB  . THR A 1 66  ? 16.618  -14.835 -12.377 1.00 28.12 ? 66  THR X CB  1 
ATOM   532  O OG1 . THR A 1 66  ? 16.103  -15.836 -13.259 1.00 38.52 ? 66  THR X OG1 1 
ATOM   533  C CG2 . THR A 1 66  ? 16.604  -15.403 -10.969 1.00 34.01 ? 66  THR X CG2 1 
ATOM   534  N N   . SER A 1 67  ? 15.415  -12.315 -14.537 1.00 34.71 ? 67  SER X N   1 
ATOM   535  C CA  . SER A 1 67  ? 15.798  -11.389 -15.604 1.00 36.24 ? 67  SER X CA  1 
ATOM   536  C C   . SER A 1 67  ? 15.256  -10.000 -15.326 1.00 41.83 ? 67  SER X C   1 
ATOM   537  O O   . SER A 1 67  ? 15.630  -9.028  -15.993 1.00 38.75 ? 67  SER X O   1 
ATOM   538  C CB  . SER A 1 67  ? 15.288  -11.862 -16.966 1.00 33.32 ? 67  SER X CB  1 
ATOM   539  O OG  . SER A 1 67  ? 15.854  -13.113 -17.318 1.00 51.22 ? 67  SER X OG  1 
ATOM   540  N N   . PHE A 1 68  ? 14.363  -9.917  -14.348 1.00 38.83 ? 68  PHE X N   1 
ATOM   541  C CA  . PHE A 1 68  ? 13.722  -8.658  -14.028 1.00 36.01 ? 68  PHE X CA  1 
ATOM   542  C C   . PHE A 1 68  ? 14.762  -7.639  -13.597 1.00 38.73 ? 68  PHE X C   1 
ATOM   543  O O   . PHE A 1 68  ? 15.516  -7.845  -12.652 1.00 35.81 ? 68  PHE X O   1 
ATOM   544  C CB  . PHE A 1 68  ? 12.664  -8.841  -12.939 1.00 34.96 ? 68  PHE X CB  1 
ATOM   545  C CG  . PHE A 1 68  ? 11.794  -7.623  -12.711 1.00 33.41 ? 68  PHE X CG  1 
ATOM   546  C CD1 . PHE A 1 68  ? 10.545  -7.525  -13.303 1.00 30.69 ? 68  PHE X CD1 1 
ATOM   547  C CD2 . PHE A 1 68  ? 12.227  -6.582  -11.895 1.00 25.21 ? 68  PHE X CD2 1 
ATOM   548  C CE1 . PHE A 1 68  ? 9.740   -6.417  -13.081 1.00 25.57 ? 68  PHE X CE1 1 
ATOM   549  C CE2 . PHE A 1 68  ? 11.434  -5.480  -11.674 1.00 27.64 ? 68  PHE X CE2 1 
ATOM   550  C CZ  . PHE A 1 68  ? 10.187  -5.396  -12.268 1.00 26.65 ? 68  PHE X CZ  1 
ATOM   551  N N   . ASN A 1 69  ? 14.798  -6.534  -14.322 1.00 39.71 ? 69  ASN X N   1 
ATOM   552  C CA  . ASN A 1 69  ? 15.645  -5.433  -13.949 1.00 43.96 ? 69  ASN X CA  1 
ATOM   553  C C   . ASN A 1 69  ? 15.064  -4.132  -14.488 1.00 41.59 ? 69  ASN X C   1 
ATOM   554  O O   . ASN A 1 69  ? 14.684  -4.043  -15.655 1.00 49.34 ? 69  ASN X O   1 
ATOM   555  C CB  . ASN A 1 69  ? 17.063  -5.651  -14.458 1.00 44.18 ? 69  ASN X CB  1 
ATOM   556  C CG  . ASN A 1 69  ? 17.884  -4.400  -14.367 1.00 54.05 ? 69  ASN X CG  1 
ATOM   557  O OD1 . ASN A 1 69  ? 17.947  -3.620  -15.319 1.00 49.40 ? 69  ASN X OD1 1 
ATOM   558  N ND2 . ASN A 1 69  ? 18.488  -4.166  -13.200 1.00 68.09 ? 69  ASN X ND2 1 
ATOM   559  N N   . VAL A 1 70  ? 14.964  -3.134  -13.622 1.00 34.20 ? 70  VAL X N   1 
ATOM   560  C CA  . VAL A 1 70  ? 14.422  -1.850  -14.016 1.00 30.47 ? 70  VAL X CA  1 
ATOM   561  C C   . VAL A 1 70  ? 15.293  -0.778  -13.391 1.00 35.45 ? 70  VAL X C   1 
ATOM   562  O O   . VAL A 1 70  ? 15.693  -0.886  -12.237 1.00 38.07 ? 70  VAL X O   1 
ATOM   563  C CB  . VAL A 1 70  ? 12.951  -1.683  -13.577 1.00 33.79 ? 70  VAL X CB  1 
ATOM   564  C CG1 . VAL A 1 70  ? 12.477  -0.249  -13.798 1.00 29.29 ? 70  VAL X CG1 1 
ATOM   565  C CG2 . VAL A 1 70  ? 12.044  -2.666  -14.318 1.00 28.07 ? 70  VAL X CG2 1 
ATOM   566  N N   . GLU A 1 71  ? 15.621  0.244   -14.159 1.00 35.48 ? 71  GLU X N   1 
ATOM   567  C CA  . GLU A 1 71  ? 16.479  1.281   -13.635 1.00 44.50 ? 71  GLU X CA  1 
ATOM   568  C C   . GLU A 1 71  ? 15.787  1.997   -12.473 1.00 47.17 ? 71  GLU X C   1 
ATOM   569  O O   . GLU A 1 71  ? 14.662  2.490   -12.616 1.00 40.32 ? 71  GLU X O   1 
ATOM   570  C CB  . GLU A 1 71  ? 16.849  2.274   -14.729 1.00 49.80 ? 71  GLU X CB  1 
ATOM   571  C CG  . GLU A 1 71  ? 17.873  3.283   -14.273 1.00 54.84 ? 71  GLU X CG  1 
ATOM   572  C CD  . GLU A 1 71  ? 17.752  4.592   -15.017 1.00 82.67 ? 71  GLU X CD  1 
ATOM   573  O OE1 . GLU A 1 71  ? 16.648  4.871   -15.553 1.00 72.31 ? 71  GLU X OE1 1 
ATOM   574  O OE2 . GLU A 1 71  ? 18.760  5.336   -15.063 1.00 90.18 ? 71  GLU X OE2 1 
ATOM   575  N N   . GLY A 1 72  ? 16.453  2.036   -11.321 1.00 36.46 ? 72  GLY X N   1 
ATOM   576  C CA  . GLY A 1 72  ? 15.902  2.698   -10.157 1.00 27.75 ? 72  GLY X CA  1 
ATOM   577  C C   . GLY A 1 72  ? 15.092  1.758   -9.280  1.00 41.29 ? 72  GLY X C   1 
ATOM   578  O O   . GLY A 1 72  ? 14.456  2.180   -8.310  1.00 46.92 ? 72  GLY X O   1 
ATOM   579  N N   . VAL A 1 73  ? 15.111  0.474   -9.617  1.00 39.78 ? 73  VAL X N   1 
ATOM   580  C CA  . VAL A 1 73  ? 14.367  -0.519  -8.861  1.00 30.53 ? 73  VAL X CA  1 
ATOM   581  C C   . VAL A 1 73  ? 15.297  -1.607  -8.360  1.00 28.27 ? 73  VAL X C   1 
ATOM   582  O O   . VAL A 1 73  ? 16.012  -2.228  -9.134  1.00 36.77 ? 73  VAL X O   1 
ATOM   583  C CB  . VAL A 1 73  ? 13.249  -1.144  -9.709  1.00 25.00 ? 73  VAL X CB  1 
ATOM   584  C CG1 . VAL A 1 73  ? 12.690  -2.371  -9.042  1.00 23.16 ? 73  VAL X CG1 1 
ATOM   585  C CG2 . VAL A 1 73  ? 12.158  -0.140  -9.940  1.00 24.44 ? 73  VAL X CG2 1 
ATOM   586  N N   . ASP A 1 74  ? 15.294  -1.826  -7.056  1.00 29.35 ? 74  ASP X N   1 
ATOM   587  C CA  . ASP A 1 74  ? 16.030  -2.940  -6.468  1.00 35.67 ? 74  ASP X CA  1 
ATOM   588  C C   . ASP A 1 74  ? 15.158  -4.184  -6.390  1.00 33.47 ? 74  ASP X C   1 
ATOM   589  O O   . ASP A 1 74  ? 14.039  -4.124  -5.883  1.00 34.23 ? 74  ASP X O   1 
ATOM   590  C CB  . ASP A 1 74  ? 16.519  -2.572  -5.071  1.00 36.55 ? 74  ASP X CB  1 
ATOM   591  C CG  . ASP A 1 74  ? 17.300  -1.295  -5.059  1.00 40.63 ? 74  ASP X CG  1 
ATOM   592  O OD1 . ASP A 1 74  ? 17.697  -0.851  -6.165  1.00 46.70 ? 74  ASP X OD1 1 
ATOM   593  O OD2 . ASP A 1 74  ? 17.508  -0.736  -3.955  1.00 40.52 ? 74  ASP X OD2 1 
ATOM   594  N N   . VAL A 1 75  ? 15.673  -5.311  -6.866  1.00 33.67 ? 75  VAL X N   1 
ATOM   595  C CA  . VAL A 1 75  ? 14.882  -6.543  -6.925  1.00 33.35 ? 75  VAL X CA  1 
ATOM   596  C C   . VAL A 1 75  ? 15.183  -7.477  -5.755  1.00 32.05 ? 75  VAL X C   1 
ATOM   597  O O   . VAL A 1 75  ? 16.333  -7.629  -5.345  1.00 37.18 ? 75  VAL X O   1 
ATOM   598  C CB  . VAL A 1 75  ? 15.138  -7.304  -8.260  1.00 33.22 ? 75  VAL X CB  1 
ATOM   599  C CG1 . VAL A 1 75  ? 14.447  -8.657  -8.271  1.00 30.32 ? 75  VAL X CG1 1 
ATOM   600  C CG2 . VAL A 1 75  ? 14.682  -6.476  -9.444  1.00 31.84 ? 75  VAL X CG2 1 
ATOM   601  N N   . ILE A 1 76  ? 14.142  -8.093  -5.211  1.00 29.08 ? 76  ILE X N   1 
ATOM   602  C CA  . ILE A 1 76  ? 14.313  -9.215  -4.291  1.00 32.45 ? 76  ILE X CA  1 
ATOM   603  C C   . ILE A 1 76  ? 13.483  -10.413 -4.794  1.00 33.62 ? 76  ILE X C   1 
ATOM   604  O O   . ILE A 1 76  ? 12.570  -10.242 -5.614  1.00 27.42 ? 76  ILE X O   1 
ATOM   605  C CB  . ILE A 1 76  ? 13.911  -8.839  -2.845  1.00 35.94 ? 76  ILE X CB  1 
ATOM   606  C CG1 . ILE A 1 76  ? 12.420  -8.464  -2.774  1.00 37.70 ? 76  ILE X CG1 1 
ATOM   607  C CG2 . ILE A 1 76  ? 14.791  -7.694  -2.346  1.00 25.73 ? 76  ILE X CG2 1 
ATOM   608  C CD1 . ILE A 1 76  ? 11.892  -8.223  -1.371  1.00 22.43 ? 76  ILE X CD1 1 
ATOM   609  N N   . HIS A 1 77  ? 13.809  -11.619 -4.320  1.00 32.17 ? 77  HIS X N   1 
ATOM   610  C CA  . HIS A 1 77  ? 13.115  -12.830 -4.765  1.00 28.35 ? 77  HIS X CA  1 
ATOM   611  C C   . HIS A 1 77  ? 12.547  -13.620 -3.603  1.00 33.47 ? 77  HIS X C   1 
ATOM   612  O O   . HIS A 1 77  ? 11.933  -14.672 -3.785  1.00 32.98 ? 77  HIS X O   1 
ATOM   613  C CB  . HIS A 1 77  ? 14.049  -13.730 -5.570  1.00 27.20 ? 77  HIS X CB  1 
ATOM   614  C CG  . HIS A 1 77  ? 14.773  -13.018 -6.664  1.00 25.60 ? 77  HIS X CG  1 
ATOM   615  N ND1 . HIS A 1 77  ? 14.179  -12.700 -7.866  1.00 34.87 ? 77  HIS X ND1 1 
ATOM   616  C CD2 . HIS A 1 77  ? 16.036  -12.542 -6.732  1.00 27.03 ? 77  HIS X CD2 1 
ATOM   617  C CE1 . HIS A 1 77  ? 15.048  -12.066 -8.633  1.00 31.66 ? 77  HIS X CE1 1 
ATOM   618  N NE2 . HIS A 1 77  ? 16.183  -11.956 -7.968  1.00 36.16 ? 77  HIS X NE2 1 
ATOM   619  N N   . SER A 1 78  ? 12.756  -13.113 -2.403  1.00 31.87 ? 78  SER X N   1 
ATOM   620  C CA  . SER A 1 78  ? 12.339  -13.832 -1.222  1.00 36.02 ? 78  SER X CA  1 
ATOM   621  C C   . SER A 1 78  ? 11.579  -12.927 -0.282  1.00 33.44 ? 78  SER X C   1 
ATOM   622  O O   . SER A 1 78  ? 12.023  -11.814 -0.007  1.00 38.64 ? 78  SER X O   1 
ATOM   623  C CB  . SER A 1 78  ? 13.560  -14.419 -0.508  1.00 43.04 ? 78  SER X CB  1 
ATOM   624  O OG  . SER A 1 78  ? 13.199  -15.024 0.725   1.00 56.16 ? 78  SER X OG  1 
ATOM   625  N N   . ILE A 1 79  ? 10.444  -13.407 0.213   1.00 32.95 ? 79  ILE X N   1 
ATOM   626  C CA  . ILE A 1 79  ? 9.801   -12.801 1.372   1.00 34.33 ? 79  ILE X CA  1 
ATOM   627  C C   . ILE A 1 79  ? 10.845  -12.455 2.433   1.00 34.33 ? 79  ILE X C   1 
ATOM   628  O O   . ILE A 1 79  ? 10.851  -11.343 2.955   1.00 33.19 ? 79  ILE X O   1 
ATOM   629  C CB  . ILE A 1 79  ? 8.730   -13.734 1.978   1.00 34.30 ? 79  ILE X CB  1 
ATOM   630  C CG1 . ILE A 1 79  ? 7.422   -13.593 1.214   1.00 28.90 ? 79  ILE X CG1 1 
ATOM   631  C CG2 . ILE A 1 79  ? 8.455   -13.393 3.419   1.00 37.37 ? 79  ILE X CG2 1 
ATOM   632  C CD1 . ILE A 1 79  ? 6.915   -12.191 1.179   1.00 29.11 ? 79  ILE X CD1 1 
ATOM   633  N N   . GLU A 1 80  ? 11.749  -13.397 2.705   1.00 36.48 ? 80  GLU X N   1 
ATOM   634  C CA  . GLU A 1 80  ? 12.781  -13.246 3.734   1.00 40.74 ? 80  GLU X CA  1 
ATOM   635  C C   . GLU A 1 80  ? 13.743  -12.074 3.503   1.00 38.34 ? 80  GLU X C   1 
ATOM   636  O O   . GLU A 1 80  ? 14.295  -11.533 4.456   1.00 39.53 ? 80  GLU X O   1 
ATOM   637  C CB  . GLU A 1 80  ? 13.582  -14.547 3.860   1.00 45.95 ? 80  GLU X CB  1 
ATOM   638  C CG  . GLU A 1 80  ? 12.705  -15.786 4.011   1.00 60.28 ? 80  GLU X CG  1 
ATOM   639  C CD  . GLU A 1 80  ? 11.855  -15.750 5.279   1.00 73.82 ? 80  GLU X CD  1 
ATOM   640  O OE1 . GLU A 1 80  ? 12.349  -15.208 6.297   1.00 73.28 ? 80  GLU X OE1 1 
ATOM   641  O OE2 . GLU A 1 80  ? 10.697  -16.247 5.257   1.00 66.01 ? 80  GLU X OE2 1 
ATOM   642  N N   . ASP A 1 81  ? 13.943  -11.682 2.247   1.00 39.98 ? 81  ASP X N   1 
ATOM   643  C CA  . ASP A 1 81  ? 14.789  -10.525 1.931   1.00 40.89 ? 81  ASP X CA  1 
ATOM   644  C C   . ASP A 1 81  ? 14.201  -9.196  2.423   1.00 41.41 ? 81  ASP X C   1 
ATOM   645  O O   . ASP A 1 81  ? 14.927  -8.205  2.590   1.00 38.22 ? 81  ASP X O   1 
ATOM   646  C CB  . ASP A 1 81  ? 15.038  -10.444 0.423   1.00 38.90 ? 81  ASP X CB  1 
ATOM   647  C CG  . ASP A 1 81  ? 15.789  -11.658 -0.108  1.00 51.70 ? 81  ASP X CG  1 
ATOM   648  O OD1 . ASP A 1 81  ? 16.481  -12.341 0.691   1.00 43.14 ? 81  ASP X OD1 1 
ATOM   649  O OD2 . ASP A 1 81  ? 15.691  -11.926 -1.330  1.00 58.33 ? 81  ASP X OD2 1 
ATOM   650  N N   . ILE A 1 82  ? 12.891  -9.174  2.662   1.00 33.49 ? 82  ILE X N   1 
ATOM   651  C CA  . ILE A 1 82  ? 12.243  -7.968  3.147   1.00 32.81 ? 82  ILE X CA  1 
ATOM   652  C C   . ILE A 1 82  ? 12.800  -7.572  4.519   1.00 37.58 ? 82  ILE X C   1 
ATOM   653  O O   . ILE A 1 82  ? 13.035  -6.393  4.779   1.00 36.55 ? 82  ILE X O   1 
ATOM   654  C CB  . ILE A 1 82  ? 10.705  -8.145  3.213   1.00 38.66 ? 82  ILE X CB  1 
ATOM   655  C CG1 . ILE A 1 82  ? 10.138  -8.289  1.795   1.00 29.74 ? 82  ILE X CG1 1 
ATOM   656  C CG2 . ILE A 1 82  ? 10.031  -6.970  3.954   1.00 21.44 ? 82  ILE X CG2 1 
ATOM   657  C CD1 . ILE A 1 82  ? 8.654   -8.533  1.738   1.00 23.31 ? 82  ILE X CD1 1 
ATOM   658  N N   . TYR A 1 83  ? 13.050  -8.559  5.375   1.00 38.10 ? 83  TYR X N   1 
ATOM   659  C CA  . TYR A 1 83  ? 13.529  -8.292  6.731   1.00 31.85 ? 83  TYR X CA  1 
ATOM   660  C C   . TYR A 1 83  ? 14.991  -7.808  6.775   1.00 39.73 ? 83  TYR X C   1 
ATOM   661  O O   . TYR A 1 83  ? 15.459  -7.321  7.806   1.00 38.28 ? 83  TYR X O   1 
ATOM   662  C CB  . TYR A 1 83  ? 13.362  -9.538  7.594   1.00 27.01 ? 83  TYR X CB  1 
ATOM   663  C CG  . TYR A 1 83  ? 11.961  -10.113 7.564   1.00 38.95 ? 83  TYR X CG  1 
ATOM   664  C CD1 . TYR A 1 83  ? 10.890  -9.419  8.121   1.00 45.26 ? 83  TYR X CD1 1 
ATOM   665  C CD2 . TYR A 1 83  ? 11.700  -11.349 6.974   1.00 38.21 ? 83  TYR X CD2 1 
ATOM   666  C CE1 . TYR A 1 83  ? 9.591   -9.942  8.097   1.00 51.54 ? 83  TYR X CE1 1 
ATOM   667  C CE2 . TYR A 1 83  ? 10.404  -11.883 6.944   1.00 46.53 ? 83  TYR X CE2 1 
ATOM   668  C CZ  . TYR A 1 83  ? 9.350   -11.174 7.506   1.00 48.25 ? 83  TYR X CZ  1 
ATOM   669  O OH  . TYR A 1 83  ? 8.060   -11.691 7.487   1.00 37.43 ? 83  TYR X OH  1 
ATOM   670  N N   . GLN A 1 84  ? 15.713  -7.925  5.662   1.00 37.35 ? 84  GLN X N   1 
ATOM   671  C CA  . GLN A 1 84  ? 17.084  -7.419  5.612   1.00 36.74 ? 84  GLN X CA  1 
ATOM   672  C C   . GLN A 1 84  ? 17.119  -5.996  5.086   1.00 38.72 ? 84  GLN X C   1 
ATOM   673  O O   . GLN A 1 84  ? 18.193  -5.422  4.924   1.00 39.23 ? 84  GLN X O   1 
ATOM   674  C CB  . GLN A 1 84  ? 17.986  -8.311  4.740   1.00 42.60 ? 84  GLN X CB  1 
ATOM   675  C CG  . GLN A 1 84  ? 18.124  -9.757  5.224   1.00 45.52 ? 84  GLN X CG  1 
ATOM   676  C CD  . GLN A 1 84  ? 18.575  -9.858  6.680   1.00 54.78 ? 84  GLN X CD  1 
ATOM   677  O OE1 . GLN A 1 84  ? 17.794  -10.252 7.553   1.00 47.95 ? 84  GLN X OE1 1 
ATOM   678  N NE2 . GLN A 1 84  ? 19.845  -9.519  6.945   1.00 57.94 ? 84  GLN X NE2 1 
ATOM   679  N N   . LEU A 1 85  ? 15.949  -5.429  4.800   1.00 37.38 ? 85  LEU X N   1 
ATOM   680  C CA  . LEU A 1 85  ? 15.880  -4.041  4.345   1.00 34.65 ? 85  LEU X CA  1 
ATOM   681  C C   . LEU A 1 85  ? 16.008  -3.070  5.516   1.00 34.72 ? 85  LEU X C   1 
ATOM   682  O O   . LEU A 1 85  ? 15.257  -3.139  6.500   1.00 35.99 ? 85  LEU X O   1 
ATOM   683  C CB  . LEU A 1 85  ? 14.582  -3.766  3.587   1.00 29.02 ? 85  LEU X CB  1 
ATOM   684  C CG  . LEU A 1 85  ? 14.384  -4.527  2.283   1.00 31.11 ? 85  LEU X CG  1 
ATOM   685  C CD1 . LEU A 1 85  ? 13.013  -4.258  1.752   1.00 31.73 ? 85  LEU X CD1 1 
ATOM   686  C CD2 . LEU A 1 85  ? 15.407  -4.105  1.271   1.00 32.37 ? 85  LEU X CD2 1 
ATOM   687  N N   . PRO A 1 86  ? 16.987  -2.171  5.419   1.00 39.24 ? 86  PRO X N   1 
ATOM   688  C CA  . PRO A 1 86  ? 17.172  -1.104  6.412   1.00 41.47 ? 86  PRO X CA  1 
ATOM   689  C C   . PRO A 1 86  ? 16.123  0.004   6.363   1.00 37.00 ? 86  PRO X C   1 
ATOM   690  O O   . PRO A 1 86  ? 15.658  0.405   5.279   1.00 39.22 ? 86  PRO X O   1 
ATOM   691  C CB  . PRO A 1 86  ? 18.558  -0.539  6.062   1.00 27.45 ? 86  PRO X CB  1 
ATOM   692  C CG  . PRO A 1 86  ? 18.799  -0.965  4.649   1.00 36.79 ? 86  PRO X CG  1 
ATOM   693  C CD  . PRO A 1 86  ? 18.140  -2.292  4.513   1.00 28.93 ? 86  PRO X CD  1 
ATOM   694  N N   . GLY A 1 87  ? 15.767  0.489   7.552   1.00 32.16 ? 87  GLY X N   1 
ATOM   695  C CA  . GLY A 1 87  ? 14.988  1.702   7.698   1.00 25.35 ? 87  GLY X CA  1 
ATOM   696  C C   . GLY A 1 87  ? 13.518  1.415   7.847   1.00 26.32 ? 87  GLY X C   1 
ATOM   697  O O   . GLY A 1 87  ? 13.124  0.277   8.112   1.00 28.60 ? 87  GLY X O   1 
ATOM   698  N N   . HIS A 1 88  ? 12.706  2.450   7.671   1.00 27.69 ? 88  HIS X N   1 
ATOM   699  C CA  . HIS A 1 88  ? 11.259  2.282   7.641   1.00 31.66 ? 88  HIS X CA  1 
ATOM   700  C C   . HIS A 1 88  ? 10.841  1.699   6.296   1.00 29.92 ? 88  HIS X C   1 
ATOM   701  O O   . HIS A 1 88  ? 11.136  2.283   5.236   1.00 24.43 ? 88  HIS X O   1 
ATOM   702  C CB  . HIS A 1 88  ? 10.543  3.614   7.884   1.00 34.35 ? 88  HIS X CB  1 
ATOM   703  C CG  . HIS A 1 88  ? 9.126   3.460   8.332   1.00 33.60 ? 88  HIS X CG  1 
ATOM   704  N ND1 . HIS A 1 88  ? 8.391   4.501   8.857   1.00 34.55 ? 88  HIS X ND1 1 
ATOM   705  C CD2 . HIS A 1 88  ? 8.310   2.376   8.345   1.00 30.00 ? 88  HIS X CD2 1 
ATOM   706  C CE1 . HIS A 1 88  ? 7.183   4.067   9.174   1.00 38.25 ? 88  HIS X CE1 1 
ATOM   707  N NE2 . HIS A 1 88  ? 7.108   2.781   8.873   1.00 30.62 ? 88  HIS X NE2 1 
ATOM   708  N N   . VAL A 1 89  ? 10.148  0.562   6.345   1.00 27.14 ? 89  VAL X N   1 
ATOM   709  C CA  . VAL A 1 89  ? 9.784   -0.183  5.140   1.00 24.69 ? 89  VAL X CA  1 
ATOM   710  C C   . VAL A 1 89  ? 8.272   -0.294  4.982   1.00 24.40 ? 89  VAL X C   1 
ATOM   711  O O   . VAL A 1 89  ? 7.599   -0.788  5.883   1.00 24.86 ? 89  VAL X O   1 
ATOM   712  C CB  . VAL A 1 89  ? 10.385  -1.601  5.174   1.00 24.85 ? 89  VAL X CB  1 
ATOM   713  C CG1 . VAL A 1 89  ? 10.019  -2.378  3.921   1.00 18.35 ? 89  VAL X CG1 1 
ATOM   714  C CG2 . VAL A 1 89  ? 11.896  -1.536  5.379   1.00 21.69 ? 89  VAL X CG2 1 
ATOM   715  N N   . PHE A 1 90  ? 7.740   0.134   3.839   1.00 22.34 ? 90  PHE X N   1 
ATOM   716  C CA  . PHE A 1 90  ? 6.297   0.040   3.585   1.00 23.26 ? 90  PHE X CA  1 
ATOM   717  C C   . PHE A 1 90  ? 5.893   -1.007  2.542   1.00 26.75 ? 90  PHE X C   1 
ATOM   718  O O   . PHE A 1 90  ? 6.274   -0.897  1.374   1.00 17.72 ? 90  PHE X O   1 
ATOM   719  C CB  . PHE A 1 90  ? 5.748   1.375   3.117   1.00 18.36 ? 90  PHE X CB  1 
ATOM   720  C CG  . PHE A 1 90  ? 5.821   2.454   4.131   1.00 21.40 ? 90  PHE X CG  1 
ATOM   721  C CD1 . PHE A 1 90  ? 4.761   2.679   4.993   1.00 26.29 ? 90  PHE X CD1 1 
ATOM   722  C CD2 . PHE A 1 90  ? 6.928   3.277   4.200   1.00 21.78 ? 90  PHE X CD2 1 
ATOM   723  C CE1 . PHE A 1 90  ? 4.811   3.701   5.930   1.00 23.89 ? 90  PHE X CE1 1 
ATOM   724  C CE2 . PHE A 1 90  ? 6.989   4.300   5.125   1.00 29.87 ? 90  PHE X CE2 1 
ATOM   725  C CZ  . PHE A 1 90  ? 5.928   4.510   5.997   1.00 32.36 ? 90  PHE X CZ  1 
ATOM   726  N N   . ILE A 1 91  ? 5.094   -1.995  2.960   1.00 28.07 ? 91  ILE X N   1 
ATOM   727  C CA  . ILE A 1 91  ? 4.491   -2.946  2.022   1.00 20.25 ? 91  ILE X CA  1 
ATOM   728  C C   . ILE A 1 91  ? 3.359   -2.286  1.232   1.00 21.52 ? 91  ILE X C   1 
ATOM   729  O O   . ILE A 1 91  ? 2.294   -1.996  1.780   1.00 24.08 ? 91  ILE X O   1 
ATOM   730  C CB  . ILE A 1 91  ? 3.941   -4.163  2.737   1.00 20.90 ? 91  ILE X CB  1 
ATOM   731  C CG1 . ILE A 1 91  ? 4.970   -4.718  3.730   1.00 25.09 ? 91  ILE X CG1 1 
ATOM   732  C CG2 . ILE A 1 91  ? 3.507   -5.208  1.721   1.00 21.97 ? 91  ILE X CG2 1 
ATOM   733  C CD1 . ILE A 1 91  ? 6.060   -5.574  3.097   1.00 22.57 ? 91  ILE X CD1 1 
ATOM   734  N N   . PHE A 1 92  ? 3.587   -2.078  -0.060  1.00 18.66 ? 92  PHE X N   1 
ATOM   735  C CA  . PHE A 1 92  ? 2.775   -1.178  -0.870  1.00 16.90 ? 92  PHE X CA  1 
ATOM   736  C C   . PHE A 1 92  ? 1.705   -1.882  -1.700  1.00 21.48 ? 92  PHE X C   1 
ATOM   737  O O   . PHE A 1 92  ? 0.736   -1.246  -2.105  1.00 23.26 ? 92  PHE X O   1 
ATOM   738  C CB  . PHE A 1 92  ? 3.688   -0.381  -1.790  1.00 18.04 ? 92  PHE X CB  1 
ATOM   739  C CG  . PHE A 1 92  ? 3.117   0.925   -2.261  1.00 22.70 ? 92  PHE X CG  1 
ATOM   740  C CD1 . PHE A 1 92  ? 3.096   1.240   -3.618  1.00 26.89 ? 92  PHE X CD1 1 
ATOM   741  C CD2 . PHE A 1 92  ? 2.640   1.861   -1.362  1.00 20.18 ? 92  PHE X CD2 1 
ATOM   742  C CE1 . PHE A 1 92  ? 2.585   2.462   -4.068  1.00 21.70 ? 92  PHE X CE1 1 
ATOM   743  C CE2 . PHE A 1 92  ? 2.125   3.082   -1.814  1.00 23.22 ? 92  PHE X CE2 1 
ATOM   744  C CZ  . PHE A 1 92  ? 2.102   3.381   -3.167  1.00 17.16 ? 92  PHE X CZ  1 
ATOM   745  N N   . GLY A 1 93  ? 1.874   -3.180  -1.957  1.00 16.32 ? 93  GLY X N   1 
ATOM   746  C CA  . GLY A 1 93  ? 0.902   -3.935  -2.737  1.00 18.69 ? 93  GLY X CA  1 
ATOM   747  C C   . GLY A 1 93  ? 1.524   -5.171  -3.368  1.00 22.85 ? 93  GLY X C   1 
ATOM   748  O O   . GLY A 1 93  ? 2.748   -5.253  -3.433  1.00 22.81 ? 93  GLY X O   1 
ATOM   749  N N   . GLY A 1 94  ? 0.715   -6.117  -3.859  1.00 18.20 ? 94  GLY X N   1 
ATOM   750  C CA  . GLY A 1 94  ? -0.729  -5.985  -3.941  1.00 17.43 ? 94  GLY X CA  1 
ATOM   751  C C   . GLY A 1 94  ? -1.427  -6.996  -3.062  1.00 22.86 ? 94  GLY X C   1 
ATOM   752  O O   . GLY A 1 94  ? -0.951  -7.272  -1.952  1.00 23.21 ? 94  GLY X O   1 
ATOM   753  N N   . GLN A 1 95  ? -2.544  -7.554  -3.537  1.00 16.65 ? 95  GLN X N   1 
ATOM   754  C CA  . GLN A 1 95  ? -3.286  -8.523  -2.735  1.00 16.57 ? 95  GLN X CA  1 
ATOM   755  C C   . GLN A 1 95  ? -2.428  -9.704  -2.270  1.00 23.85 ? 95  GLN X C   1 
ATOM   756  O O   . GLN A 1 95  ? -2.484  -10.102 -1.094  1.00 20.87 ? 95  GLN X O   1 
ATOM   757  C CB  . GLN A 1 95  ? -4.493  -9.061  -3.493  1.00 15.35 ? 95  GLN X CB  1 
ATOM   758  C CG  . GLN A 1 95  ? -5.047  -10.330 -2.864  1.00 20.06 ? 95  GLN X CG  1 
ATOM   759  C CD  . GLN A 1 95  ? -6.361  -10.782 -3.461  1.00 22.79 ? 95  GLN X CD  1 
ATOM   760  O OE1 . GLN A 1 95  ? -6.981  -10.070 -4.256  1.00 22.83 ? 95  GLN X OE1 1 
ATOM   761  N NE2 . GLN A 1 95  ? -6.802  -11.981 -3.074  1.00 21.24 ? 95  GLN X NE2 1 
ATOM   762  N N   . THR A 1 96  ? -1.635  -10.258 -3.185  1.00 20.65 ? 96  THR X N   1 
ATOM   763  C CA  . THR A 1 96  ? -0.825  -11.427 -2.870  1.00 18.78 ? 96  THR X CA  1 
ATOM   764  C C   . THR A 1 96  ? 0.168   -11.110 -1.754  1.00 21.77 ? 96  THR X C   1 
ATOM   765  O O   . THR A 1 96  ? 0.238   -11.812 -0.738  1.00 20.95 ? 96  THR X O   1 
ATOM   766  C CB  . THR A 1 96  ? -0.077  -11.938 -4.112  1.00 20.97 ? 96  THR X CB  1 
ATOM   767  O OG1 . THR A 1 96  ? -1.015  -12.478 -5.046  1.00 18.07 ? 96  THR X OG1 1 
ATOM   768  C CG2 . THR A 1 96  ? 0.889   -13.036 -3.739  1.00 16.40 ? 96  THR X CG2 1 
ATOM   769  N N   . LEU A 1 97  ? 0.918   -10.028 -1.925  1.00 25.42 ? 97  LEU X N   1 
ATOM   770  C CA  . LEU A 1 97  ? 1.888   -9.629  -0.910  1.00 24.57 ? 97  LEU X CA  1 
ATOM   771  C C   . LEU A 1 97  ? 1.255   -9.250  0.449   1.00 22.57 ? 97  LEU X C   1 
ATOM   772  O O   . LEU A 1 97  ? 1.779   -9.634  1.490   1.00 20.68 ? 97  LEU X O   1 
ATOM   773  C CB  . LEU A 1 97  ? 2.730   -8.479  -1.433  1.00 18.25 ? 97  LEU X CB  1 
ATOM   774  C CG  . LEU A 1 97  ? 3.972   -8.213  -0.597  1.00 20.69 ? 97  LEU X CG  1 
ATOM   775  C CD1 . LEU A 1 97  ? 4.799   -9.464  -0.460  1.00 16.47 ? 97  LEU X CD1 1 
ATOM   776  C CD2 . LEU A 1 97  ? 4.769   -7.104  -1.256  1.00 27.84 ? 97  LEU X CD2 1 
ATOM   777  N N   . PHE A 1 98  ? 0.147   -8.504  0.448   1.00 20.29 ? 98  PHE X N   1 
ATOM   778  C CA  . PHE A 1 98  ? -0.553  -8.190  1.698   1.00 18.34 ? 98  PHE X CA  1 
ATOM   779  C C   . PHE A 1 98  ? -0.936  -9.474  2.426   1.00 24.27 ? 98  PHE X C   1 
ATOM   780  O O   . PHE A 1 98  ? -0.746  -9.582  3.644   1.00 20.58 ? 98  PHE X O   1 
ATOM   781  C CB  . PHE A 1 98  ? -1.811  -7.354  1.449   1.00 18.82 ? 98  PHE X CB  1 
ATOM   782  C CG  . PHE A 1 98  ? -1.536  -5.937  1.043   1.00 21.41 ? 98  PHE X CG  1 
ATOM   783  C CD1 . PHE A 1 98  ? -0.524  -5.203  1.650   1.00 23.95 ? 98  PHE X CD1 1 
ATOM   784  C CD2 . PHE A 1 98  ? -2.290  -5.330  0.059   1.00 15.16 ? 98  PHE X CD2 1 
ATOM   785  C CE1 . PHE A 1 98  ? -0.269  -3.884  1.272   1.00 17.40 ? 98  PHE X CE1 1 
ATOM   786  C CE2 . PHE A 1 98  ? -2.032  -4.013  -0.317  1.00 18.28 ? 98  PHE X CE2 1 
ATOM   787  C CZ  . PHE A 1 98  ? -1.027  -3.295  0.291   1.00 12.85 ? 98  PHE X CZ  1 
ATOM   788  N N   . GLU A 1 99  ? -1.478  -10.443 1.678   1.00 26.74 ? 99  GLU X N   1 
ATOM   789  C CA  . GLU A 1 99  ? -1.831  -11.749 2.241   1.00 18.11 ? 99  GLU X CA  1 
ATOM   790  C C   . GLU A 1 99  ? -0.629  -12.409 2.904   1.00 17.49 ? 99  GLU X C   1 
ATOM   791  O O   . GLU A 1 99  ? -0.746  -12.959 3.995   1.00 23.92 ? 99  GLU X O   1 
ATOM   792  C CB  . GLU A 1 99  ? -2.416  -12.668 1.171   1.00 15.50 ? 99  GLU X CB  1 
ATOM   793  C CG  . GLU A 1 99  ? -3.897  -12.408 0.886   1.00 20.89 ? 99  GLU X CG  1 
ATOM   794  C CD  . GLU A 1 99  ? -4.437  -13.121 -0.354  1.00 24.39 ? 99  GLU X CD  1 
ATOM   795  O OE1 . GLU A 1 99  ? -5.593  -12.842 -0.731  1.00 23.91 ? 99  GLU X OE1 1 
ATOM   796  O OE2 . GLU A 1 99  ? -3.718  -13.952 -0.958  1.00 37.77 ? 99  GLU X OE2 1 
ATOM   797  N N   . GLU A 1 100 ? 0.529   -12.327 2.260   1.00 20.66 ? 100 GLU X N   1 
ATOM   798  C CA  . GLU A 1 100 ? 1.765   -12.869 2.818   1.00 17.95 ? 100 GLU X CA  1 
ATOM   799  C C   . GLU A 1 100 ? 2.291   -12.077 4.005   1.00 22.07 ? 100 GLU X C   1 
ATOM   800  O O   . GLU A 1 100 ? 2.983   -12.623 4.871   1.00 25.98 ? 100 GLU X O   1 
ATOM   801  C CB  . GLU A 1 100 ? 2.843   -12.919 1.742   1.00 16.02 ? 100 GLU X CB  1 
ATOM   802  C CG  . GLU A 1 100 ? 2.463   -13.741 0.525   1.00 21.04 ? 100 GLU X CG  1 
ATOM   803  C CD  . GLU A 1 100 ? 3.571   -13.782 -0.505  1.00 24.72 ? 100 GLU X CD  1 
ATOM   804  O OE1 . GLU A 1 100 ? 3.509   -13.019 -1.490  1.00 24.54 ? 100 GLU X OE1 1 
ATOM   805  O OE2 . GLU A 1 100 ? 4.516   -14.576 -0.324  1.00 33.08 ? 100 GLU X OE2 1 
ATOM   806  N N   . MET A 1 101 ? 1.972   -10.786 4.050   1.00 23.11 ? 101 MET X N   1 
ATOM   807  C CA  . MET A 1 101 ? 2.638   -9.894  4.990   1.00 20.68 ? 101 MET X CA  1 
ATOM   808  C C   . MET A 1 101 ? 1.760   -9.374  6.116   1.00 23.94 ? 101 MET X C   1 
ATOM   809  O O   . MET A 1 101 ? 2.281   -8.826  7.081   1.00 31.21 ? 101 MET X O   1 
ATOM   810  C CB  . MET A 1 101 ? 3.234   -8.694  4.252   1.00 23.93 ? 101 MET X CB  1 
ATOM   811  C CG  . MET A 1 101 ? 4.396   -9.018  3.318   1.00 28.53 ? 101 MET X CG  1 
ATOM   812  S SD  . MET A 1 101 ? 5.717   -9.968  4.107   1.00 32.44 ? 101 MET X SD  1 
ATOM   813  C CE  . MET A 1 101 ? 6.232   -8.859  5.422   1.00 23.11 ? 101 MET X CE  1 
ATOM   814  N N   . ILE A 1 102 ? 0.445   -9.524  6.016   1.00 23.95 ? 102 ILE X N   1 
ATOM   815  C CA  . ILE A 1 102 ? -0.427  -8.866  6.983   1.00 23.57 ? 102 ILE X CA  1 
ATOM   816  C C   . ILE A 1 102 ? -0.250  -9.416  8.398   1.00 26.77 ? 102 ILE X C   1 
ATOM   817  O O   . ILE A 1 102 ? -0.601  -8.746  9.362   1.00 29.28 ? 102 ILE X O   1 
ATOM   818  C CB  . ILE A 1 102 ? -1.918  -8.964  6.591   1.00 24.19 ? 102 ILE X CB  1 
ATOM   819  C CG1 . ILE A 1 102 ? -2.744  -7.975  7.429   1.00 25.84 ? 102 ILE X CG1 1 
ATOM   820  C CG2 . ILE A 1 102 ? -2.424  -10.390 6.742   1.00 21.86 ? 102 ILE X CG2 1 
ATOM   821  C CD1 . ILE A 1 102 ? -4.153  -7.769  6.959   1.00 20.89 ? 102 ILE X CD1 1 
ATOM   822  N N   . ASP A 1 103 ? 0.312   -10.609 8.545   1.00 26.79 ? 103 ASP X N   1 
ATOM   823  C CA  . ASP A 1 103 ? 0.553   -11.135 9.896   1.00 33.28 ? 103 ASP X CA  1 
ATOM   824  C C   . ASP A 1 103 ? 1.955   -10.855 10.406  1.00 28.45 ? 103 ASP X C   1 
ATOM   825  O O   . ASP A 1 103 ? 2.359   -11.414 11.407  1.00 41.92 ? 103 ASP X O   1 
ATOM   826  C CB  . ASP A 1 103 ? 0.314   -12.650 9.968   1.00 24.17 ? 103 ASP X CB  1 
ATOM   827  C CG  . ASP A 1 103 ? -1.153  -13.021 9.862   1.00 47.33 ? 103 ASP X CG  1 
ATOM   828  O OD1 . ASP A 1 103 ? -1.449  -14.078 9.253   1.00 52.46 ? 103 ASP X OD1 1 
ATOM   829  O OD2 . ASP A 1 103 ? -2.010  -12.264 10.387  1.00 43.37 ? 103 ASP X OD2 1 
ATOM   830  N N   . LYS A 1 104 ? 2.705   -10.008 9.727   1.00 28.63 ? 104 LYS X N   1 
ATOM   831  C CA  . LYS A 1 104 ? 4.104   -9.834  10.080  1.00 29.98 ? 104 LYS X CA  1 
ATOM   832  C C   . LYS A 1 104 ? 4.408   -8.371  10.378  1.00 27.86 ? 104 LYS X C   1 
ATOM   833  O O   . LYS A 1 104 ? 5.360   -8.045  11.085  1.00 35.86 ? 104 LYS X O   1 
ATOM   834  C CB  . LYS A 1 104 ? 5.015   -10.331 8.948   1.00 27.36 ? 104 LYS X CB  1 
ATOM   835  C CG  . LYS A 1 104 ? 4.632   -11.673 8.349   1.00 32.24 ? 104 LYS X CG  1 
ATOM   836  C CD  . LYS A 1 104 ? 5.058   -12.818 9.234   1.00 42.52 ? 104 LYS X CD  1 
ATOM   837  C CE  . LYS A 1 104 ? 5.017   -14.139 8.474   1.00 46.94 ? 104 LYS X CE  1 
ATOM   838  N NZ  . LYS A 1 104 ? 5.722   -15.210 9.242   1.00 63.37 ? 104 LYS X NZ  1 
ATOM   839  N N   . VAL A 1 105 ? 3.602   -7.481  9.828   1.00 25.99 ? 105 VAL X N   1 
ATOM   840  C CA  . VAL A 1 105 ? 3.927   -6.073  9.917   1.00 36.84 ? 105 VAL X CA  1 
ATOM   841  C C   . VAL A 1 105 ? 3.615   -5.529  11.319  1.00 35.91 ? 105 VAL X C   1 
ATOM   842  O O   . VAL A 1 105 ? 2.728   -6.033  12.019  1.00 25.90 ? 105 VAL X O   1 
ATOM   843  C CB  . VAL A 1 105 ? 3.181   -5.260  8.832   1.00 29.50 ? 105 VAL X CB  1 
ATOM   844  C CG1 . VAL A 1 105 ? 3.500   -5.816  7.461   1.00 25.36 ? 105 VAL X CG1 1 
ATOM   845  C CG2 . VAL A 1 105 ? 1.690   -5.276  9.079   1.00 24.48 ? 105 VAL X CG2 1 
ATOM   846  N N   . ASP A 1 106 ? 4.379   -4.517  11.719  1.00 31.30 ? 106 ASP X N   1 
ATOM   847  C CA  . ASP A 1 106 ? 4.199   -3.842  12.997  1.00 30.91 ? 106 ASP X CA  1 
ATOM   848  C C   . ASP A 1 106 ? 2.918   -3.024  13.034  1.00 33.30 ? 106 ASP X C   1 
ATOM   849  O O   . ASP A 1 106 ? 2.222   -2.981  14.061  1.00 34.35 ? 106 ASP X O   1 
ATOM   850  C CB  . ASP A 1 106 ? 5.384   -2.919  13.277  1.00 33.06 ? 106 ASP X CB  1 
ATOM   851  C CG  . ASP A 1 106 ? 6.703   -3.632  13.191  1.00 32.61 ? 106 ASP X CG  1 
ATOM   852  O OD1 . ASP A 1 106 ? 6.850   -4.640  13.908  1.00 34.53 ? 106 ASP X OD1 1 
ATOM   853  O OD2 . ASP A 1 106 ? 7.587   -3.181  12.415  1.00 34.04 ? 106 ASP X OD2 1 
ATOM   854  N N   . ASP A 1 107 ? 2.625   -2.353  11.921  1.00 27.61 ? 107 ASP X N   1 
ATOM   855  C CA  . ASP A 1 107 ? 1.444   -1.501  11.854  1.00 28.26 ? 107 ASP X CA  1 
ATOM   856  C C   . ASP A 1 107 ? 0.979   -1.279  10.409  1.00 30.22 ? 107 ASP X C   1 
ATOM   857  O O   . ASP A 1 107 ? 1.652   -1.687  9.451   1.00 25.25 ? 107 ASP X O   1 
ATOM   858  C CB  . ASP A 1 107 ? 1.716   -0.161  12.543  1.00 19.40 ? 107 ASP X CB  1 
ATOM   859  C CG  . ASP A 1 107 ? 2.830   0.614   11.891  1.00 25.39 ? 107 ASP X CG  1 
ATOM   860  O OD1 . ASP A 1 107 ? 2.924   1.836   12.158  1.00 26.53 ? 107 ASP X OD1 1 
ATOM   861  O OD2 . ASP A 1 107 ? 3.610   0.011   11.107  1.00 22.77 ? 107 ASP X OD2 1 
ATOM   862  N N   . MET A 1 108 ? -0.185  -0.645  10.267  1.00 28.78 ? 108 MET X N   1 
ATOM   863  C CA  . MET A 1 108 ? -0.812  -0.450  8.964   1.00 17.87 ? 108 MET X CA  1 
ATOM   864  C C   . MET A 1 108 ? -1.343  0.972   8.822   1.00 19.71 ? 108 MET X C   1 
ATOM   865  O O   . MET A 1 108 ? -2.018  1.489   9.715   1.00 22.93 ? 108 MET X O   1 
ATOM   866  C CB  . MET A 1 108 ? -1.951  -1.440  8.760   1.00 17.13 ? 108 MET X CB  1 
ATOM   867  C CG  . MET A 1 108 ? -1.558  -2.890  8.843   1.00 19.22 ? 108 MET X CG  1 
ATOM   868  S SD  . MET A 1 108 ? -2.913  -3.977  8.336   1.00 25.55 ? 108 MET X SD  1 
ATOM   869  C CE  . MET A 1 108 ? -4.238  -3.461  9.430   1.00 14.93 ? 108 MET X CE  1 
ATOM   870  N N   . TYR A 1 109 ? -1.025  1.602   7.700   1.00 18.26 ? 109 TYR X N   1 
ATOM   871  C CA  . TYR A 1 109 ? -1.553  2.919   7.376   1.00 18.97 ? 109 TYR X CA  1 
ATOM   872  C C   . TYR A 1 109 ? -2.626  2.733   6.322   1.00 24.59 ? 109 TYR X C   1 
ATOM   873  O O   . TYR A 1 109 ? -2.327  2.660   5.121   1.00 24.96 ? 109 TYR X O   1 
ATOM   874  C CB  . TYR A 1 109 ? -0.456  3.858   6.857   1.00 20.69 ? 109 TYR X CB  1 
ATOM   875  C CG  . TYR A 1 109 ? 0.581   4.263   7.877   1.00 25.65 ? 109 TYR X CG  1 
ATOM   876  C CD1 . TYR A 1 109 ? 1.675   3.448   8.152   1.00 19.90 ? 109 TYR X CD1 1 
ATOM   877  C CD2 . TYR A 1 109 ? 0.472   5.477   8.561   1.00 21.81 ? 109 TYR X CD2 1 
ATOM   878  C CE1 . TYR A 1 109 ? 2.625   3.829   9.096   1.00 24.96 ? 109 TYR X CE1 1 
ATOM   879  C CE2 . TYR A 1 109 ? 1.410   5.863   9.498   1.00 16.56 ? 109 TYR X CE2 1 
ATOM   880  C CZ  . TYR A 1 109 ? 2.484   5.046   9.763   1.00 25.80 ? 109 TYR X CZ  1 
ATOM   881  O OH  . TYR A 1 109 ? 3.419   5.449   10.694  1.00 24.18 ? 109 TYR X OH  1 
ATOM   882  N N   . ILE A 1 110 ? -3.875  2.643   6.760   1.00 25.58 ? 110 ILE X N   1 
ATOM   883  C CA  . ILE A 1 110 ? -4.976  2.391   5.835   1.00 24.11 ? 110 ILE X CA  1 
ATOM   884  C C   . ILE A 1 110 ? -5.736  3.664   5.460   1.00 22.97 ? 110 ILE X C   1 
ATOM   885  O O   . ILE A 1 110 ? -6.101  4.443   6.331   1.00 25.79 ? 110 ILE X O   1 
ATOM   886  C CB  . ILE A 1 110 ? -5.965  1.394   6.438   1.00 20.20 ? 110 ILE X CB  1 
ATOM   887  C CG1 . ILE A 1 110 ? -5.261  0.080   6.770   1.00 20.21 ? 110 ILE X CG1 1 
ATOM   888  C CG2 . ILE A 1 110 ? -7.135  1.165   5.493   1.00 24.56 ? 110 ILE X CG2 1 
ATOM   889  C CD1 . ILE A 1 110 ? -6.163  -0.919  7.478   1.00 17.41 ? 110 ILE X CD1 1 
ATOM   890  N N   . THR A 1 111 ? -5.965  3.874   4.168   1.00 20.11 ? 111 THR X N   1 
ATOM   891  C CA  . THR A 1 111 ? -6.941  4.858   3.715   1.00 18.00 ? 111 THR X CA  1 
ATOM   892  C C   . THR A 1 111 ? -8.257  4.170   3.364   1.00 19.61 ? 111 THR X C   1 
ATOM   893  O O   . THR A 1 111 ? -8.357  3.497   2.338   1.00 24.63 ? 111 THR X O   1 
ATOM   894  C CB  . THR A 1 111 ? -6.456  5.626   2.475   1.00 20.97 ? 111 THR X CB  1 
ATOM   895  O OG1 . THR A 1 111 ? -5.147  6.140   2.710   1.00 20.00 ? 111 THR X OG1 1 
ATOM   896  C CG2 . THR A 1 111 ? -7.413  6.769   2.138   1.00 18.39 ? 111 THR X CG2 1 
ATOM   897  N N   . VAL A 1 112 ? -9.272  4.342   4.195   1.00 17.29 ? 112 VAL X N   1 
ATOM   898  C CA  . VAL A 1 112 ? -10.575 3.775   3.901   1.00 15.83 ? 112 VAL X CA  1 
ATOM   899  C C   . VAL A 1 112 ? -11.396 4.657   2.984   1.00 22.20 ? 112 VAL X C   1 
ATOM   900  O O   . VAL A 1 112 ? -11.783 5.761   3.357   1.00 22.62 ? 112 VAL X O   1 
ATOM   901  C CB  . VAL A 1 112 ? -11.370 3.554   5.166   1.00 21.22 ? 112 VAL X CB  1 
ATOM   902  C CG1 . VAL A 1 112 ? -12.712 2.914   4.825   1.00 19.62 ? 112 VAL X CG1 1 
ATOM   903  C CG2 . VAL A 1 112 ? -10.575 2.678   6.103   1.00 21.36 ? 112 VAL X CG2 1 
ATOM   904  N N   . ILE A 1 113 ? -11.665 4.170   1.780   1.00 21.83 ? 113 ILE X N   1 
ATOM   905  C CA  . ILE A 1 113 ? -12.490 4.912   0.837   1.00 23.05 ? 113 ILE X CA  1 
ATOM   906  C C   . ILE A 1 113 ? -13.949 4.567   1.114   1.00 29.11 ? 113 ILE X C   1 
ATOM   907  O O   . ILE A 1 113 ? -14.350 3.421   0.928   1.00 26.38 ? 113 ILE X O   1 
ATOM   908  C CB  . ILE A 1 113 ? -12.142 4.560   -0.633  1.00 27.93 ? 113 ILE X CB  1 
ATOM   909  C CG1 . ILE A 1 113 ? -10.620 4.575   -0.879  1.00 21.38 ? 113 ILE X CG1 1 
ATOM   910  C CG2 . ILE A 1 113 ? -12.909 5.447   -1.605  1.00 19.81 ? 113 ILE X CG2 1 
ATOM   911  C CD1 . ILE A 1 113 ? -9.993  5.916   -0.835  1.00 18.29 ? 113 ILE X CD1 1 
ATOM   912  N N   . GLU A 1 114 ? -14.748 5.538   1.551   1.00 23.86 ? 114 GLU X N   1 
ATOM   913  C CA  . GLU A 1 114 ? -16.141 5.252   1.896   1.00 27.77 ? 114 GLU X CA  1 
ATOM   914  C C   . GLU A 1 114 ? -17.041 5.048   0.668   1.00 28.72 ? 114 GLU X C   1 
ATOM   915  O O   . GLU A 1 114 ? -18.035 5.760   0.497   1.00 27.12 ? 114 GLU X O   1 
ATOM   916  C CB  . GLU A 1 114 ? -16.718 6.380   2.757   1.00 30.59 ? 114 GLU X CB  1 
ATOM   917  C CG  . GLU A 1 114 ? -15.763 6.943   3.802   1.00 30.51 ? 114 GLU X CG  1 
ATOM   918  C CD  . GLU A 1 114 ? -15.557 6.010   4.979   1.00 40.20 ? 114 GLU X CD  1 
ATOM   919  O OE1 . GLU A 1 114 ? -16.361 5.055   5.137   1.00 42.51 ? 114 GLU X OE1 1 
ATOM   920  O OE2 . GLU A 1 114 ? -14.593 6.238   5.752   1.00 36.26 ? 114 GLU X OE2 1 
ATOM   921  N N   . GLY A 1 115 ? -16.695 4.078   -0.174  1.00 24.05 ? 115 GLY X N   1 
ATOM   922  C CA  . GLY A 1 115 ? -17.467 3.764   -1.364  1.00 18.36 ? 115 GLY X CA  1 
ATOM   923  C C   . GLY A 1 115 ? -17.428 2.274   -1.652  1.00 23.48 ? 115 GLY X C   1 
ATOM   924  O O   . GLY A 1 115 ? -16.685 1.544   -1.002  1.00 25.62 ? 115 GLY X O   1 
ATOM   925  N N   . LYS A 1 116 ? -18.243 1.829   -2.607  1.00 25.71 ? 116 LYS X N   1 
ATOM   926  C CA  . LYS A 1 116 ? -18.295 0.432   -3.044  1.00 20.98 ? 116 LYS X CA  1 
ATOM   927  C C   . LYS A 1 116 ? -17.983 0.335   -4.536  1.00 22.91 ? 116 LYS X C   1 
ATOM   928  O O   . LYS A 1 116 ? -18.857 0.522   -5.385  1.00 29.04 ? 116 LYS X O   1 
ATOM   929  C CB  . LYS A 1 116 ? -19.674 -0.177  -2.765  1.00 21.74 ? 116 LYS X CB  1 
ATOM   930  C CG  . LYS A 1 116 ? -19.904 -0.614  -1.329  1.00 31.80 ? 116 LYS X CG  1 
ATOM   931  C CD  . LYS A 1 116 ? -21.321 -1.149  -1.117  1.00 37.06 ? 116 LYS X CD  1 
ATOM   932  C CE  . LYS A 1 116 ? -21.543 -1.624  0.328   1.00 37.25 ? 116 LYS X CE  1 
ATOM   933  N NZ  . LYS A 1 116 ? -22.998 -1.853  0.637   1.00 46.83 ? 116 LYS X NZ  1 
ATOM   934  N N   . PHE A 1 117 ? -16.739 0.048   -4.872  1.00 26.03 ? 117 PHE X N   1 
ATOM   935  C CA  . PHE A 1 117 ? -16.348 0.016   -6.279  1.00 27.72 ? 117 PHE X CA  1 
ATOM   936  C C   . PHE A 1 117 ? -16.375 -1.406  -6.822  1.00 23.58 ? 117 PHE X C   1 
ATOM   937  O O   . PHE A 1 117 ? -16.375 -2.362  -6.051  1.00 22.88 ? 117 PHE X O   1 
ATOM   938  C CB  . PHE A 1 117 ? -14.959 0.630   -6.451  1.00 24.02 ? 117 PHE X CB  1 
ATOM   939  C CG  . PHE A 1 117 ? -14.901 2.109   -6.147  1.00 23.29 ? 117 PHE X CG  1 
ATOM   940  C CD1 . PHE A 1 117 ? -14.788 3.039   -7.175  1.00 19.10 ? 117 PHE X CD1 1 
ATOM   941  C CD2 . PHE A 1 117 ? -14.954 2.567   -4.836  1.00 22.17 ? 117 PHE X CD2 1 
ATOM   942  C CE1 . PHE A 1 117 ? -14.725 4.401   -6.892  1.00 20.98 ? 117 PHE X CE1 1 
ATOM   943  C CE2 . PHE A 1 117 ? -14.903 3.924   -4.546  1.00 19.06 ? 117 PHE X CE2 1 
ATOM   944  C CZ  . PHE A 1 117 ? -14.789 4.845   -5.574  1.00 20.79 ? 117 PHE X CZ  1 
ATOM   945  N N   . ARG A 1 118 ? -16.414 -1.561  -8.144  1.00 25.68 ? 118 ARG X N   1 
ATOM   946  C CA  . ARG A 1 118 ? -16.156 -2.878  -8.710  1.00 19.23 ? 118 ARG X CA  1 
ATOM   947  C C   . ARG A 1 118 ? -14.645 -3.136  -8.634  1.00 28.49 ? 118 ARG X C   1 
ATOM   948  O O   . ARG A 1 118 ? -13.831 -2.255  -8.950  1.00 27.86 ? 118 ARG X O   1 
ATOM   949  C CB  . ARG A 1 118 ? -16.658 -2.992  -10.150 1.00 20.66 ? 118 ARG X CB  1 
ATOM   950  C CG  . ARG A 1 118 ? -16.140 -4.271  -10.833 1.00 42.30 ? 118 ARG X CG  1 
ATOM   951  C CD  . ARG A 1 118 ? -16.777 -4.581  -12.195 1.00 50.22 ? 118 ARG X CD  1 
ATOM   952  N NE  . ARG A 1 118 ? -18.214 -4.366  -12.152 1.00 53.75 ? 118 ARG X NE  1 
ATOM   953  C CZ  . ARG A 1 118 ? -18.821 -3.397  -12.815 1.00 54.59 ? 118 ARG X CZ  1 
ATOM   954  N NH1 . ARG A 1 118 ? -18.106 -2.597  -13.598 1.00 59.37 ? 118 ARG X NH1 1 
ATOM   955  N NH2 . ARG A 1 118 ? -20.135 -3.236  -12.709 1.00 47.86 ? 118 ARG X NH2 1 
ATOM   956  N N   . GLY A 1 119 ? -14.256 -4.330  -8.205  1.00 27.25 ? 119 GLY X N   1 
ATOM   957  C CA  . GLY A 1 119 ? -12.843 -4.636  -8.086  1.00 23.53 ? 119 GLY X CA  1 
ATOM   958  C C   . GLY A 1 119 ? -12.520 -6.053  -8.480  1.00 20.73 ? 119 GLY X C   1 
ATOM   959  O O   . GLY A 1 119 ? -13.422 -6.844  -8.702  1.00 20.01 ? 119 GLY X O   1 
ATOM   960  N N   . ASP A 1 120 ? -11.230 -6.356  -8.603  1.00 21.29 ? 120 ASP X N   1 
ATOM   961  C CA  . ASP A 1 120 ? -10.767 -7.725  -8.785  1.00 16.49 ? 120 ASP X CA  1 
ATOM   962  C C   . ASP A 1 120 ? -9.557  -8.014  -7.908  1.00 16.38 ? 120 ASP X C   1 
ATOM   963  O O   . ASP A 1 120 ? -9.051  -9.133  -7.897  1.00 21.85 ? 120 ASP X O   1 
ATOM   964  C CB  . ASP A 1 120 ? -10.435 -8.028  -10.252 1.00 21.98 ? 120 ASP X CB  1 
ATOM   965  C CG  . ASP A 1 120 ? -9.553  -6.977  -10.897 1.00 22.25 ? 120 ASP X CG  1 
ATOM   966  O OD1 . ASP A 1 120 ? -9.704  -6.758  -12.115 1.00 27.96 ? 120 ASP X OD1 1 
ATOM   967  O OD2 . ASP A 1 120 ? -8.710  -6.373  -10.205 1.00 32.20 ? 120 ASP X OD2 1 
ATOM   968  N N   . THR A 1 121 ? -9.130  -7.014  -7.145  1.00 15.41 ? 121 THR X N   1 
ATOM   969  C CA  . THR A 1 121 ? -8.032  -7.164  -6.199  1.00 16.87 ? 121 THR X CA  1 
ATOM   970  C C   . THR A 1 121 ? -8.435  -6.678  -4.804  1.00 18.65 ? 121 THR X C   1 
ATOM   971  O O   . THR A 1 121 ? -8.962  -5.578  -4.663  1.00 22.40 ? 121 THR X O   1 
ATOM   972  C CB  . THR A 1 121 ? -6.815  -6.380  -6.664  1.00 20.81 ? 121 THR X CB  1 
ATOM   973  O OG1 . THR A 1 121 ? -6.720  -6.473  -8.082  1.00 20.89 ? 121 THR X OG1 1 
ATOM   974  C CG2 . THR A 1 121 ? -5.571  -6.949  -6.043  1.00 21.52 ? 121 THR X CG2 1 
ATOM   975  N N   . PHE A 1 122 ? -8.164  -7.479  -3.774  1.00 17.54 ? 122 PHE X N   1 
ATOM   976  C CA  . PHE A 1 122 ? -8.687  -7.203  -2.431  1.00 17.87 ? 122 PHE X CA  1 
ATOM   977  C C   . PHE A 1 122 ? -7.639  -7.195  -1.322  1.00 21.20 ? 122 PHE X C   1 
ATOM   978  O O   . PHE A 1 122 ? -6.732  -8.036  -1.283  1.00 19.16 ? 122 PHE X O   1 
ATOM   979  C CB  . PHE A 1 122 ? -9.761  -8.235  -2.067  1.00 15.84 ? 122 PHE X CB  1 
ATOM   980  C CG  . PHE A 1 122 ? -11.059 -8.030  -2.775  1.00 16.59 ? 122 PHE X CG  1 
ATOM   981  C CD1 . PHE A 1 122 ? -12.146 -7.477  -2.107  1.00 25.48 ? 122 PHE X CD1 1 
ATOM   982  C CD2 . PHE A 1 122 ? -11.200 -8.380  -4.108  1.00 12.68 ? 122 PHE X CD2 1 
ATOM   983  C CE1 . PHE A 1 122 ? -13.355 -7.275  -2.758  1.00 19.12 ? 122 PHE X CE1 1 
ATOM   984  C CE2 . PHE A 1 122 ? -12.388 -8.189  -4.763  1.00 16.24 ? 122 PHE X CE2 1 
ATOM   985  C CZ  . PHE A 1 122 ? -13.475 -7.632  -4.090  1.00 20.51 ? 122 PHE X CZ  1 
ATOM   986  N N   . PHE A 1 123 ? -7.777  -6.249  -0.405  1.00 18.89 ? 123 PHE X N   1 
ATOM   987  C CA  . PHE A 1 123 ? -6.994  -6.286  0.816   1.00 21.45 ? 123 PHE X CA  1 
ATOM   988  C C   . PHE A 1 123 ? -7.552  -7.406  1.695   1.00 21.75 ? 123 PHE X C   1 
ATOM   989  O O   . PHE A 1 123 ? -8.766  -7.603  1.747   1.00 22.87 ? 123 PHE X O   1 
ATOM   990  C CB  . PHE A 1 123 ? -7.040  -4.938  1.538   1.00 20.48 ? 123 PHE X CB  1 
ATOM   991  C CG  . PHE A 1 123 ? -6.024  -4.804  2.630   1.00 20.23 ? 123 PHE X CG  1 
ATOM   992  C CD1 . PHE A 1 123 ? -4.699  -4.520  2.332   1.00 20.86 ? 123 PHE X CD1 1 
ATOM   993  C CD2 . PHE A 1 123 ? -6.385  -4.954  3.951   1.00 19.24 ? 123 PHE X CD2 1 
ATOM   994  C CE1 . PHE A 1 123 ? -3.743  -4.392  3.333   1.00 14.52 ? 123 PHE X CE1 1 
ATOM   995  C CE2 . PHE A 1 123 ? -5.435  -4.828  4.958   1.00 20.23 ? 123 PHE X CE2 1 
ATOM   996  C CZ  . PHE A 1 123 ? -4.114  -4.548  4.646   1.00 18.83 ? 123 PHE X CZ  1 
ATOM   997  N N   . PRO A 1 124 ? -6.671  -8.149  2.384   1.00 18.81 ? 124 PRO X N   1 
ATOM   998  C CA  . PRO A 1 124 ? -7.136  -9.280  3.191   1.00 22.87 ? 124 PRO X CA  1 
ATOM   999  C C   . PRO A 1 124 ? -8.025  -8.838  4.343   1.00 24.98 ? 124 PRO X C   1 
ATOM   1000 O O   . PRO A 1 124 ? -7.882  -7.721  4.821   1.00 26.12 ? 124 PRO X O   1 
ATOM   1001 C CB  . PRO A 1 124 ? -5.835  -9.907  3.711   1.00 19.71 ? 124 PRO X CB  1 
ATOM   1002 C CG  . PRO A 1 124 ? -4.823  -8.851  3.597   1.00 26.50 ? 124 PRO X CG  1 
ATOM   1003 C CD  . PRO A 1 124 ? -5.209  -8.004  2.425   1.00 20.45 ? 124 PRO X CD  1 
ATOM   1004 N N   . PRO A 1 125 ? -8.945  -9.707  4.783   1.00 28.60 ? 125 PRO X N   1 
ATOM   1005 C CA  . PRO A 1 125 ? -9.796  -9.377  5.930   1.00 23.80 ? 125 PRO X CA  1 
ATOM   1006 C C   . PRO A 1 125 ? -8.989  -9.234  7.212   1.00 22.90 ? 125 PRO X C   1 
ATOM   1007 O O   . PRO A 1 125 ? -8.039  -9.967  7.440   1.00 27.32 ? 125 PRO X O   1 
ATOM   1008 C CB  . PRO A 1 125 ? -10.751 -10.565 6.020   1.00 20.48 ? 125 PRO X CB  1 
ATOM   1009 C CG  . PRO A 1 125 ? -10.665 -11.242 4.704   1.00 25.47 ? 125 PRO X CG  1 
ATOM   1010 C CD  . PRO A 1 125 ? -9.274  -11.022 4.220   1.00 27.71 ? 125 PRO X CD  1 
ATOM   1011 N N   . TYR A 1 126 ? -9.369  -8.267  8.037   1.00 30.54 ? 126 TYR X N   1 
ATOM   1012 C CA  . TYR A 1 126 ? -8.709  -8.040  9.313   1.00 27.90 ? 126 TYR X CA  1 
ATOM   1013 C C   . TYR A 1 126 ? -9.749  -7.569  10.322  1.00 25.32 ? 126 TYR X C   1 
ATOM   1014 O O   . TYR A 1 126 ? -10.749 -6.954  9.946   1.00 30.40 ? 126 TYR X O   1 
ATOM   1015 C CB  . TYR A 1 126 ? -7.567  -7.018  9.164   1.00 23.62 ? 126 TYR X CB  1 
ATOM   1016 C CG  . TYR A 1 126 ? -8.018  -5.632  8.730   1.00 30.96 ? 126 TYR X CG  1 
ATOM   1017 C CD1 . TYR A 1 126 ? -8.312  -4.655  9.666   1.00 21.91 ? 126 TYR X CD1 1 
ATOM   1018 C CD2 . TYR A 1 126 ? -8.160  -5.308  7.380   1.00 24.44 ? 126 TYR X CD2 1 
ATOM   1019 C CE1 . TYR A 1 126 ? -8.730  -3.391  9.277   1.00 29.99 ? 126 TYR X CE1 1 
ATOM   1020 C CE2 . TYR A 1 126 ? -8.582  -4.054  6.990   1.00 23.02 ? 126 TYR X CE2 1 
ATOM   1021 C CZ  . TYR A 1 126 ? -8.863  -3.097  7.943   1.00 26.56 ? 126 TYR X CZ  1 
ATOM   1022 O OH  . TYR A 1 126 ? -9.277  -1.841  7.566   1.00 27.35 ? 126 TYR X OH  1 
ATOM   1023 N N   . THR A 1 127 ? -9.525  -7.860  11.597  1.00 26.04 ? 127 THR X N   1 
ATOM   1024 C CA  . THR A 1 127 ? -10.454 -7.418  12.636  1.00 29.63 ? 127 THR X CA  1 
ATOM   1025 C C   . THR A 1 127 ? -9.827  -6.453  13.651  1.00 35.51 ? 127 THR X C   1 
ATOM   1026 O O   . THR A 1 127 ? -8.678  -6.616  14.056  1.00 42.05 ? 127 THR X O   1 
ATOM   1027 C CB  . THR A 1 127 ? -11.039 -8.621  13.397  1.00 31.75 ? 127 THR X CB  1 
ATOM   1028 O OG1 . THR A 1 127 ? -11.720 -8.146  14.563  1.00 46.56 ? 127 THR X OG1 1 
ATOM   1029 C CG2 . THR A 1 127 ? -9.934  -9.600  13.806  1.00 30.67 ? 127 THR X CG2 1 
ATOM   1030 N N   . PHE A 1 128 ? -10.591 -5.455  14.077  1.00 43.24 ? 128 PHE X N   1 
ATOM   1031 C CA  . PHE A 1 128 ? -10.098 -4.468  15.038  1.00 38.69 ? 128 PHE X CA  1 
ATOM   1032 C C   . PHE A 1 128 ? -9.748  -5.057  16.394  1.00 38.16 ? 128 PHE X C   1 
ATOM   1033 O O   . PHE A 1 128 ? -9.028  -4.436  17.164  1.00 45.02 ? 128 PHE X O   1 
ATOM   1034 C CB  . PHE A 1 128 ? -11.121 -3.358  15.210  1.00 36.04 ? 128 PHE X CB  1 
ATOM   1035 C CG  . PHE A 1 128 ? -11.269 -2.510  13.990  1.00 50.45 ? 128 PHE X CG  1 
ATOM   1036 C CD1 . PHE A 1 128 ? -10.437 -1.420  13.790  1.00 42.40 ? 128 PHE X CD1 1 
ATOM   1037 C CD2 . PHE A 1 128 ? -12.205 -2.834  13.014  1.00 52.58 ? 128 PHE X CD2 1 
ATOM   1038 C CE1 . PHE A 1 128 ? -10.552 -0.647  12.653  1.00 44.45 ? 128 PHE X CE1 1 
ATOM   1039 C CE2 . PHE A 1 128 ? -12.328 -2.064  11.868  1.00 45.45 ? 128 PHE X CE2 1 
ATOM   1040 C CZ  . PHE A 1 128 ? -11.500 -0.967  11.691  1.00 53.33 ? 128 PHE X CZ  1 
ATOM   1041 N N   . GLU A 1 129 ? -10.241 -6.255  16.680  1.00 39.34 ? 129 GLU X N   1 
ATOM   1042 C CA  . GLU A 1 129 ? -9.819  -6.988  17.872  1.00 49.46 ? 129 GLU X CA  1 
ATOM   1043 C C   . GLU A 1 129 ? -8.295  -7.093  17.969  1.00 49.63 ? 129 GLU X C   1 
ATOM   1044 O O   . GLU A 1 129 ? -7.746  -7.196  19.065  1.00 56.68 ? 129 GLU X O   1 
ATOM   1045 C CB  . GLU A 1 129 ? -10.417 -8.405  17.890  1.00 62.56 ? 129 GLU X CB  1 
ATOM   1046 C CG  . GLU A 1 129 ? -11.935 -8.489  18.056  1.00 76.24 ? 129 GLU X CG  1 
ATOM   1047 C CD  . GLU A 1 129 ? -12.439 -9.937  18.062  1.00 88.75 ? 129 GLU X CD  1 
ATOM   1048 O OE1 . GLU A 1 129 ? -12.011 -10.714 18.952  1.00 91.55 ? 129 GLU X OE1 1 
ATOM   1049 O OE2 . GLU A 1 129 ? -13.272 -10.289 17.193  1.00 73.65 ? 129 GLU X OE2 1 
ATOM   1050 N N   . ASP A 1 130 ? -7.615  -7.072  16.826  1.00 41.26 ? 130 ASP X N   1 
ATOM   1051 C CA  . ASP A 1 130 ? -6.171  -7.263  16.807  1.00 38.89 ? 130 ASP X CA  1 
ATOM   1052 C C   . ASP A 1 130 ? -5.392  -5.975  16.597  1.00 39.92 ? 130 ASP X C   1 
ATOM   1053 O O   . ASP A 1 130 ? -4.159  -5.991  16.653  1.00 40.10 ? 130 ASP X O   1 
ATOM   1054 C CB  . ASP A 1 130 ? -5.777  -8.247  15.708  1.00 49.28 ? 130 ASP X CB  1 
ATOM   1055 C CG  . ASP A 1 130 ? -6.485  -9.564  15.833  1.00 50.13 ? 130 ASP X CG  1 
ATOM   1056 O OD1 . ASP A 1 130 ? -6.690  -10.221 14.784  1.00 43.81 ? 130 ASP X OD1 1 
ATOM   1057 O OD2 . ASP A 1 130 ? -6.848  -9.918  16.979  1.00 51.32 ? 130 ASP X OD2 1 
ATOM   1058 N N   . TRP A 1 131 ? -6.102  -4.873  16.344  1.00 40.81 ? 131 TRP X N   1 
ATOM   1059 C CA  . TRP A 1 131 ? -5.465  -3.601  15.994  1.00 27.69 ? 131 TRP X CA  1 
ATOM   1060 C C   . TRP A 1 131 ? -5.978  -2.453  16.841  1.00 31.49 ? 131 TRP X C   1 
ATOM   1061 O O   . TRP A 1 131 ? -7.185  -2.281  16.982  1.00 41.32 ? 131 TRP X O   1 
ATOM   1062 C CB  . TRP A 1 131 ? -5.690  -3.293  14.512  1.00 27.13 ? 131 TRP X CB  1 
ATOM   1063 C CG  . TRP A 1 131 ? -5.149  -4.352  13.626  1.00 30.07 ? 131 TRP X CG  1 
ATOM   1064 C CD1 . TRP A 1 131 ? -5.822  -5.434  13.128  1.00 28.56 ? 131 TRP X CD1 1 
ATOM   1065 C CD2 . TRP A 1 131 ? -3.801  -4.462  13.152  1.00 28.65 ? 131 TRP X CD2 1 
ATOM   1066 N NE1 . TRP A 1 131 ? -4.976  -6.201  12.361  1.00 26.40 ? 131 TRP X NE1 1 
ATOM   1067 C CE2 . TRP A 1 131 ? -3.731  -5.628  12.365  1.00 22.68 ? 131 TRP X CE2 1 
ATOM   1068 C CE3 . TRP A 1 131 ? -2.645  -3.690  13.323  1.00 30.10 ? 131 TRP X CE3 1 
ATOM   1069 C CZ2 . TRP A 1 131 ? -2.554  -6.033  11.745  1.00 25.76 ? 131 TRP X CZ2 1 
ATOM   1070 C CZ3 . TRP A 1 131 ? -1.472  -4.096  12.710  1.00 23.26 ? 131 TRP X CZ3 1 
ATOM   1071 C CH2 . TRP A 1 131 ? -1.436  -5.254  11.930  1.00 27.47 ? 131 TRP X CH2 1 
ATOM   1072 N N   . GLU A 1 132 ? -5.077  -1.665  17.416  1.00 33.21 ? 132 GLU X N   1 
ATOM   1073 C CA  . GLU A 1 132 ? -5.521  -0.474  18.125  1.00 30.57 ? 132 GLU X CA  1 
ATOM   1074 C C   . GLU A 1 132 ? -5.524  0.697   17.162  1.00 29.04 ? 132 GLU X C   1 
ATOM   1075 O O   . GLU A 1 132 ? -4.671  0.804   16.285  1.00 26.17 ? 132 GLU X O   1 
ATOM   1076 C CB  . GLU A 1 132 ? -4.651  -0.154  19.350  1.00 38.75 ? 132 GLU X CB  1 
ATOM   1077 C CG  . GLU A 1 132 ? -5.419  0.700   20.393  1.00 51.71 ? 132 GLU X CG  1 
ATOM   1078 C CD  . GLU A 1 132 ? -4.535  1.413   21.417  1.00 59.41 ? 132 GLU X CD  1 
ATOM   1079 O OE1 . GLU A 1 132 ? -3.321  1.115   21.490  1.00 49.40 ? 132 GLU X OE1 1 
ATOM   1080 O OE2 . GLU A 1 132 ? -5.064  2.291   22.146  1.00 66.55 ? 132 GLU X OE2 1 
ATOM   1081 N N   . VAL A 1 133 ? -6.509  1.568   17.316  1.00 37.17 ? 133 VAL X N   1 
ATOM   1082 C CA  . VAL A 1 133 ? -6.611  2.740   16.471  1.00 23.58 ? 133 VAL X CA  1 
ATOM   1083 C C   . VAL A 1 133 ? -5.747  3.871   17.019  1.00 24.93 ? 133 VAL X C   1 
ATOM   1084 O O   . VAL A 1 133 ? -6.117  4.540   17.984  1.00 29.79 ? 133 VAL X O   1 
ATOM   1085 C CB  . VAL A 1 133 ? -8.050  3.203   16.352  1.00 22.22 ? 133 VAL X CB  1 
ATOM   1086 C CG1 . VAL A 1 133 ? -8.131  4.370   15.376  1.00 25.27 ? 133 VAL X CG1 1 
ATOM   1087 C CG2 . VAL A 1 133 ? -8.936  2.035   15.900  1.00 14.90 ? 133 VAL X CG2 1 
ATOM   1088 N N   . ALA A 1 134 ? -4.584  4.069   16.412  1.00 15.59 ? 134 ALA X N   1 
ATOM   1089 C CA  . ALA A 1 134 ? -3.663  5.078   16.881  1.00 22.37 ? 134 ALA X CA  1 
ATOM   1090 C C   . ALA A 1 134 ? -4.174  6.464   16.482  1.00 26.10 ? 134 ALA X C   1 
ATOM   1091 O O   . ALA A 1 134 ? -3.994  7.453   17.201  1.00 22.58 ? 134 ALA X O   1 
ATOM   1092 C CB  . ALA A 1 134 ? -2.274  4.825   16.322  1.00 18.59 ? 134 ALA X CB  1 
ATOM   1093 N N   . SER A 1 135 ? -4.832  6.518   15.333  1.00 26.45 ? 135 SER X N   1 
ATOM   1094 C CA  . SER A 1 135 ? -5.364  7.768   14.825  1.00 21.15 ? 135 SER X CA  1 
ATOM   1095 C C   . SER A 1 135 ? -6.368  7.522   13.699  1.00 19.04 ? 135 SER X C   1 
ATOM   1096 O O   . SER A 1 135 ? -6.224  6.620   12.904  1.00 18.66 ? 135 SER X O   1 
ATOM   1097 C CB  . SER A 1 135 ? -4.232  8.676   14.342  1.00 20.10 ? 135 SER X CB  1 
ATOM   1098 O OG  . SER A 1 135 ? -3.506  8.090   13.278  1.00 24.48 ? 135 SER X OG  1 
ATOM   1099 N N   . SER A 1 136 ? -7.404  8.334   13.658  1.00 26.06 ? 136 SER X N   1 
ATOM   1100 C CA  . SER A 1 136 ? -8.397  8.245   12.613  1.00 21.66 ? 136 SER X CA  1 
ATOM   1101 C C   . SER A 1 136 ? -8.768  9.674   12.221  1.00 22.22 ? 136 SER X C   1 
ATOM   1102 O O   . SER A 1 136 ? -9.384  10.390  13.003  1.00 30.58 ? 136 SER X O   1 
ATOM   1103 C CB  . SER A 1 136 ? -9.601  7.443   13.094  1.00 19.61 ? 136 SER X CB  1 
ATOM   1104 O OG  . SER A 1 136 ? -10.654 7.489   12.152  1.00 29.45 ? 136 SER X OG  1 
ATOM   1105 N N   . VAL A 1 137 ? -8.344  10.084  11.029  1.00 19.17 ? 137 VAL X N   1 
ATOM   1106 C CA  . VAL A 1 137 ? -8.555  11.429  10.499  1.00 17.44 ? 137 VAL X CA  1 
ATOM   1107 C C   . VAL A 1 137 ? -9.344  11.394  9.195   1.00 21.93 ? 137 VAL X C   1 
ATOM   1108 O O   . VAL A 1 137 ? -8.904  10.747  8.245   1.00 24.10 ? 137 VAL X O   1 
ATOM   1109 C CB  . VAL A 1 137 ? -7.217  12.126  10.205  1.00 16.88 ? 137 VAL X CB  1 
ATOM   1110 C CG1 . VAL A 1 137 ? -7.445  13.493  9.579   1.00 14.37 ? 137 VAL X CG1 1 
ATOM   1111 C CG2 . VAL A 1 137 ? -6.364  12.206  11.452  1.00 16.09 ? 137 VAL X CG2 1 
ATOM   1112 N N   . GLU A 1 138 ? -10.492 12.077  9.137   1.00 22.91 ? 138 GLU X N   1 
ATOM   1113 C CA  . GLU A 1 138 ? -11.253 12.201  7.886   1.00 18.66 ? 138 GLU X CA  1 
ATOM   1114 C C   . GLU A 1 138 ? -10.550 13.090  6.883   1.00 20.64 ? 138 GLU X C   1 
ATOM   1115 O O   . GLU A 1 138 ? -10.022 14.143  7.240   1.00 25.12 ? 138 GLU X O   1 
ATOM   1116 C CB  . GLU A 1 138 ? -12.632 12.775  8.127   1.00 21.50 ? 138 GLU X CB  1 
ATOM   1117 C CG  . GLU A 1 138 ? -13.562 11.907  8.925   1.00 33.81 ? 138 GLU X CG  1 
ATOM   1118 C CD  . GLU A 1 138 ? -14.906 12.598  9.132   1.00 54.97 ? 138 GLU X CD  1 
ATOM   1119 O OE1 . GLU A 1 138 ? -15.619 12.253  10.108  1.00 54.74 ? 138 GLU X OE1 1 
ATOM   1120 O OE2 . GLU A 1 138 ? -15.247 13.492  8.312   1.00 52.57 ? 138 GLU X OE2 1 
ATOM   1121 N N   . GLY A 1 139 ? -10.544 12.663  5.626   1.00 21.57 ? 139 GLY X N   1 
ATOM   1122 C CA  . GLY A 1 139 ? -10.008 13.473  4.553   1.00 26.71 ? 139 GLY X CA  1 
ATOM   1123 C C   . GLY A 1 139 ? -11.014 14.568  4.280   1.00 26.88 ? 139 GLY X C   1 
ATOM   1124 O O   . GLY A 1 139 ? -12.174 14.447  4.668   1.00 30.29 ? 139 GLY X O   1 
ATOM   1125 N N   . LYS A 1 140 ? -10.590 15.645  3.636   1.00 24.55 ? 140 LYS X N   1 
ATOM   1126 C CA  . LYS A 1 140 ? -11.523 16.733  3.387   1.00 33.94 ? 140 LYS X CA  1 
ATOM   1127 C C   . LYS A 1 140 ? -12.072 16.631  1.984   1.00 37.84 ? 140 LYS X C   1 
ATOM   1128 O O   . LYS A 1 140 ? -11.316 16.513  1.015   1.00 35.38 ? 140 LYS X O   1 
ATOM   1129 C CB  . LYS A 1 140 ? -10.859 18.096  3.605   1.00 42.19 ? 140 LYS X CB  1 
ATOM   1130 C CG  . LYS A 1 140 ? -10.373 18.335  5.042   1.00 52.70 ? 140 LYS X CG  1 
ATOM   1131 C CD  . LYS A 1 140 ? -11.523 18.693  5.974   1.00 51.31 ? 140 LYS X CD  1 
ATOM   1132 C CE  . LYS A 1 140 ? -11.113 18.551  7.435   1.00 67.89 ? 140 LYS X CE  1 
ATOM   1133 N NZ  . LYS A 1 140 ? -9.857  19.279  7.773   1.00 61.07 ? 140 LYS X NZ  1 
ATOM   1134 N N   . LEU A 1 141 ? -13.395 16.657  1.881   1.00 34.93 ? 141 LEU X N   1 
ATOM   1135 C CA  . LEU A 1 141 ? -14.046 16.714  0.581   1.00 42.31 ? 141 LEU X CA  1 
ATOM   1136 C C   . LEU A 1 141 ? -13.871 18.075  -0.095  1.00 50.59 ? 141 LEU X C   1 
ATOM   1137 O O   . LEU A 1 141 ? -13.996 19.123  0.558   1.00 45.19 ? 141 LEU X O   1 
ATOM   1138 C CB  . LEU A 1 141 ? -15.529 16.424  0.722   1.00 37.96 ? 141 LEU X CB  1 
ATOM   1139 C CG  . LEU A 1 141 ? -15.920 14.998  1.045   1.00 35.44 ? 141 LEU X CG  1 
ATOM   1140 C CD1 . LEU A 1 141 ? -17.420 14.848  0.819   1.00 35.46 ? 141 LEU X CD1 1 
ATOM   1141 C CD2 . LEU A 1 141 ? -15.126 14.075  0.160   1.00 35.30 ? 141 LEU X CD2 1 
ATOM   1142 N N   . ASP A 1 142 ? -13.590 18.062  -1.396  1.00 42.97 ? 142 ASP X N   1 
ATOM   1143 C CA  . ASP A 1 142 ? -13.602 19.297  -2.171  1.00 43.47 ? 142 ASP X CA  1 
ATOM   1144 C C   . ASP A 1 142 ? -13.781 19.036  -3.659  1.00 44.07 ? 142 ASP X C   1 
ATOM   1145 O O   . ASP A 1 142 ? -14.335 18.010  -4.063  1.00 51.49 ? 142 ASP X O   1 
ATOM   1146 C CB  . ASP A 1 142 ? -12.328 20.114  -1.925  1.00 39.31 ? 142 ASP X CB  1 
ATOM   1147 C CG  . ASP A 1 142 ? -11.057 19.353  -2.256  1.00 50.57 ? 142 ASP X CG  1 
ATOM   1148 O OD1 . ASP A 1 142 ? -10.085 19.497  -1.486  1.00 57.29 ? 142 ASP X OD1 1 
ATOM   1149 O OD2 . ASP A 1 142 ? -11.009 18.632  -3.282  1.00 52.87 ? 142 ASP X OD2 1 
ATOM   1150 N N   . GLU A 1 143 ? -13.302 19.986  -4.458  1.00 47.92 ? 143 GLU X N   1 
ATOM   1151 C CA  . GLU A 1 143 ? -13.431 19.959  -5.911  1.00 61.01 ? 143 GLU X CA  1 
ATOM   1152 C C   . GLU A 1 143 ? -12.878 18.671  -6.508  1.00 61.27 ? 143 GLU X C   1 
ATOM   1153 O O   . GLU A 1 143 ? -13.592 17.930  -7.202  1.00 52.31 ? 143 GLU X O   1 
ATOM   1154 C CB  . GLU A 1 143 ? -12.712 21.170  -6.525  1.00 66.36 ? 143 GLU X CB  1 
ATOM   1155 C CG  . GLU A 1 143 ? -12.821 21.262  -8.051  1.00 89.50 ? 143 GLU X CG  1 
ATOM   1156 C CD  . GLU A 1 143 ? -11.649 22.008  -8.691  1.00 89.88 ? 143 GLU X CD  1 
ATOM   1157 O OE1 . GLU A 1 143 ? -10.980 22.796  -7.985  1.00 86.12 ? 143 GLU X OE1 1 
ATOM   1158 O OE2 . GLU A 1 143 ? -11.396 21.799  -9.903  1.00 84.96 ? 143 GLU X OE2 1 
ATOM   1159 N N   . LYS A 1 144 ? -11.607 18.409  -6.208  1.00 60.89 ? 144 LYS X N   1 
ATOM   1160 C CA  . LYS A 1 144 ? -10.873 17.301  -6.810  1.00 63.78 ? 144 LYS X CA  1 
ATOM   1161 C C   . LYS A 1 144 ? -10.925 16.019  -5.980  1.00 50.46 ? 144 LYS X C   1 
ATOM   1162 O O   . LYS A 1 144 ? -10.668 14.932  -6.500  1.00 49.01 ? 144 LYS X O   1 
ATOM   1163 C CB  . LYS A 1 144 ? -9.423  17.719  -7.046  1.00 53.89 ? 144 LYS X CB  1 
ATOM   1164 C CG  . LYS A 1 144 ? -9.308  19.127  -7.633  1.00 64.93 ? 144 LYS X CG  1 
ATOM   1165 C CD  . LYS A 1 144 ? -8.137  19.234  -8.604  1.00 79.56 ? 144 LYS X CD  1 
ATOM   1166 C CE  . LYS A 1 144 ? -7.974  20.651  -9.130  1.00 72.04 ? 144 LYS X CE  1 
ATOM   1167 N NZ  . LYS A 1 144 ? -7.508  21.589  -8.068  1.00 70.58 ? 144 LYS X NZ  1 
ATOM   1168 N N   . ASN A 1 145 ? -11.267 16.145  -4.698  1.00 41.43 ? 145 ASN X N   1 
ATOM   1169 C CA  . ASN A 1 145 ? -11.422 14.973  -3.837  1.00 40.76 ? 145 ASN X CA  1 
ATOM   1170 C C   . ASN A 1 145 ? -12.880 14.760  -3.450  1.00 41.51 ? 145 ASN X C   1 
ATOM   1171 O O   . ASN A 1 145 ? -13.388 15.370  -2.505  1.00 39.40 ? 145 ASN X O   1 
ATOM   1172 C CB  . ASN A 1 145 ? -10.558 15.113  -2.595  1.00 34.69 ? 145 ASN X CB  1 
ATOM   1173 C CG  . ASN A 1 145 ? -9.093  15.276  -2.927  1.00 36.83 ? 145 ASN X CG  1 
ATOM   1174 O OD1 . ASN A 1 145 ? -8.349  14.295  -3.026  1.00 37.57 ? 145 ASN X OD1 1 
ATOM   1175 N ND2 . ASN A 1 145 ? -8.663  16.514  -3.089  1.00 33.22 ? 145 ASN X ND2 1 
ATOM   1176 N N   . THR A 1 146 ? -13.554 13.888  -4.191  1.00 36.24 ? 146 THR X N   1 
ATOM   1177 C CA  . THR A 1 146 ? -15.008 13.887  -4.187  1.00 39.12 ? 146 THR X CA  1 
ATOM   1178 C C   . THR A 1 146 ? -15.601 12.654  -3.526  1.00 37.02 ? 146 THR X C   1 
ATOM   1179 O O   . THR A 1 146 ? -16.827 12.492  -3.515  1.00 31.68 ? 146 THR X O   1 
ATOM   1180 C CB  . THR A 1 146 ? -15.556 14.004  -5.629  1.00 40.61 ? 146 THR X CB  1 
ATOM   1181 O OG1 . THR A 1 146 ? -15.395 12.756  -6.314  1.00 38.16 ? 146 THR X OG1 1 
ATOM   1182 C CG2 . THR A 1 146 ? -14.799 15.092  -6.389  1.00 37.66 ? 146 THR X CG2 1 
ATOM   1183 N N   . ILE A 1 147 ? -14.732 11.793  -2.982  1.00 32.27 ? 147 ILE X N   1 
ATOM   1184 C CA  . ILE A 1 147 ? -15.273 10.632  -2.255  1.00 30.43 ? 147 ILE X CA  1 
ATOM   1185 C C   . ILE A 1 147 ? -14.797 10.621  -0.800  1.00 23.85 ? 147 ILE X C   1 
ATOM   1186 O O   . ILE A 1 147 ? -13.606 10.743  -0.531  1.00 22.64 ? 147 ILE X O   1 
ATOM   1187 C CB  . ILE A 1 147 ? -14.847 9.302   -2.917  1.00 28.53 ? 147 ILE X CB  1 
ATOM   1188 C CG1 . ILE A 1 147 ? -14.905 9.436   -4.435  1.00 51.82 ? 147 ILE X CG1 1 
ATOM   1189 C CG2 . ILE A 1 147 ? -15.717 8.147   -2.448  1.00 28.87 ? 147 ILE X CG2 1 
ATOM   1190 C CD1 . ILE A 1 147 ? -13.538 9.443   -5.093  1.00 52.20 ? 147 ILE X CD1 1 
ATOM   1191 N N   . PRO A 1 148 ? -15.765 10.337  0.068   1.00 17.66 ? 148 PRO X N   1 
ATOM   1192 C CA  . PRO A 1 148 ? -15.410 10.331  1.486   1.00 20.57 ? 148 PRO X CA  1 
ATOM   1193 C C   . PRO A 1 148 ? -14.304 9.320   1.750   1.00 23.57 ? 148 PRO X C   1 
ATOM   1194 O O   . PRO A 1 148 ? -14.342 8.213   1.199   1.00 30.16 ? 148 PRO X O   1 
ATOM   1195 C CB  . PRO A 1 148 ? -16.715 9.921   2.186   1.00 24.46 ? 148 PRO X CB  1 
ATOM   1196 C CG  . PRO A 1 148 ? -17.788 10.090  1.177   1.00 25.66 ? 148 PRO X CG  1 
ATOM   1197 C CD  . PRO A 1 148 ? -17.148 9.906   -0.167  1.00 18.02 ? 148 PRO X CD  1 
ATOM   1198 N N   . HIS A 1 149 ? -13.328 9.695   2.570   1.00 22.26 ? 149 HIS X N   1 
ATOM   1199 C CA  . HIS A 1 149 ? -12.220 8.807   2.884   1.00 20.72 ? 149 HIS X CA  1 
ATOM   1200 C C   . HIS A 1 149 ? -11.615 9.119   4.250   1.00 22.00 ? 149 HIS X C   1 
ATOM   1201 O O   . HIS A 1 149 ? -11.805 10.199  4.787   1.00 25.80 ? 149 HIS X O   1 
ATOM   1202 C CB  . HIS A 1 149 ? -11.156 8.894   1.799   1.00 20.37 ? 149 HIS X CB  1 
ATOM   1203 C CG  . HIS A 1 149 ? -10.640 10.276  1.572   1.00 17.40 ? 149 HIS X CG  1 
ATOM   1204 N ND1 . HIS A 1 149 ? -11.410 11.272  1.015   1.00 26.12 ? 149 HIS X ND1 1 
ATOM   1205 C CD2 . HIS A 1 149 ? -9.427  10.828  1.817   1.00 16.68 ? 149 HIS X CD2 1 
ATOM   1206 C CE1 . HIS A 1 149 ? -10.700 12.384  0.940   1.00 27.58 ? 149 HIS X CE1 1 
ATOM   1207 N NE2 . HIS A 1 149 ? -9.493  12.138  1.418   1.00 28.17 ? 149 HIS X NE2 1 
ATOM   1208 N N   . THR A 1 150 ? -10.866 8.172   4.802   1.00 24.81 ? 150 THR X N   1 
ATOM   1209 C CA  . THR A 1 150 ? -10.425 8.258   6.192   1.00 23.09 ? 150 THR X CA  1 
ATOM   1210 C C   . THR A 1 150 ? -9.049  7.631   6.406   1.00 24.43 ? 150 THR X C   1 
ATOM   1211 O O   . THR A 1 150 ? -8.825  6.460   6.085   1.00 21.43 ? 150 THR X O   1 
ATOM   1212 C CB  . THR A 1 150 ? -11.436 7.563   7.131   1.00 19.87 ? 150 THR X CB  1 
ATOM   1213 O OG1 . THR A 1 150 ? -12.687 8.249   7.067   1.00 28.51 ? 150 THR X OG1 1 
ATOM   1214 C CG2 . THR A 1 150 ? -10.933 7.554   8.560   1.00 15.35 ? 150 THR X CG2 1 
ATOM   1215 N N   . PHE A 1 151 ? -8.125  8.395   6.971   1.00 18.61 ? 151 PHE X N   1 
ATOM   1216 C CA  . PHE A 1 151 ? -6.820  7.834   7.243   1.00 20.15 ? 151 PHE X CA  1 
ATOM   1217 C C   . PHE A 1 151 ? -6.786  7.165   8.601   1.00 21.74 ? 151 PHE X C   1 
ATOM   1218 O O   . PHE A 1 151 ? -7.030  7.800   9.617   1.00 23.41 ? 151 PHE X O   1 
ATOM   1219 C CB  . PHE A 1 151 ? -5.762  8.913   7.135   1.00 22.61 ? 151 PHE X CB  1 
ATOM   1220 C CG  . PHE A 1 151 ? -5.776  9.609   5.819   1.00 23.97 ? 151 PHE X CG  1 
ATOM   1221 C CD1 . PHE A 1 151 ? -5.194  9.019   4.710   1.00 19.77 ? 151 PHE X CD1 1 
ATOM   1222 C CD2 . PHE A 1 151 ? -6.407  10.838  5.675   1.00 21.09 ? 151 PHE X CD2 1 
ATOM   1223 C CE1 . PHE A 1 151 ? -5.218  9.655   3.482   1.00 22.13 ? 151 PHE X CE1 1 
ATOM   1224 C CE2 . PHE A 1 151 ? -6.433  11.477  4.454   1.00 21.15 ? 151 PHE X CE2 1 
ATOM   1225 C CZ  . PHE A 1 151 ? -5.832  10.884  3.354   1.00 18.40 ? 151 PHE X CZ  1 
ATOM   1226 N N   . LEU A 1 152 ? -6.507  5.866   8.587   1.00 22.02 ? 152 LEU X N   1 
ATOM   1227 C CA  . LEU A 1 152 ? -6.302  5.072   9.787   1.00 14.47 ? 152 LEU X CA  1 
ATOM   1228 C C   . LEU A 1 152 ? -4.840  4.714   9.935   1.00 17.11 ? 152 LEU X C   1 
ATOM   1229 O O   . LEU A 1 152 ? -4.178  4.361   8.960   1.00 23.03 ? 152 LEU X O   1 
ATOM   1230 C CB  . LEU A 1 152 ? -7.115  3.784   9.735   1.00 22.31 ? 152 LEU X CB  1 
ATOM   1231 C CG  . LEU A 1 152 ? -8.626  3.840   9.542   1.00 21.18 ? 152 LEU X CG  1 
ATOM   1232 C CD1 . LEU A 1 152 ? -9.217  2.488   9.890   1.00 19.56 ? 152 LEU X CD1 1 
ATOM   1233 C CD2 . LEU A 1 152 ? -9.220  4.911   10.405  1.00 21.99 ? 152 LEU X CD2 1 
ATOM   1234 N N   . HIS A 1 153 ? -4.334  4.812   11.153  1.00 19.00 ? 153 HIS X N   1 
ATOM   1235 C CA  . HIS A 1 153 ? -3.045  4.250   11.500  1.00 17.23 ? 153 HIS X CA  1 
ATOM   1236 C C   . HIS A 1 153 ? -3.326  3.218   12.577  1.00 22.69 ? 153 HIS X C   1 
ATOM   1237 O O   . HIS A 1 153 ? -3.548  3.581   13.731  1.00 26.41 ? 153 HIS X O   1 
ATOM   1238 C CB  . HIS A 1 153 ? -2.086  5.323   11.993  1.00 17.89 ? 153 HIS X CB  1 
ATOM   1239 C CG  . HIS A 1 153 ? -0.752  4.792   12.417  1.00 23.54 ? 153 HIS X CG  1 
ATOM   1240 N ND1 . HIS A 1 153 ? 0.047   5.437   13.341  1.00 22.71 ? 153 HIS X ND1 1 
ATOM   1241 C CD2 . HIS A 1 153 ? -0.072  3.683   12.042  1.00 24.59 ? 153 HIS X CD2 1 
ATOM   1242 C CE1 . HIS A 1 153 ? 1.151   4.738   13.530  1.00 22.29 ? 153 HIS X CE1 1 
ATOM   1243 N NE2 . HIS A 1 153 ? 1.104   3.666   12.756  1.00 22.14 ? 153 HIS X NE2 1 
ATOM   1244 N N   . LEU A 1 154 ? -3.371  1.946   12.188  1.00 18.64 ? 154 LEU X N   1 
ATOM   1245 C CA  . LEU A 1 154 ? -3.619  0.850   13.119  1.00 21.06 ? 154 LEU X CA  1 
ATOM   1246 C C   . LEU A 1 154 ? -2.315  0.206   13.574  1.00 26.24 ? 154 LEU X C   1 
ATOM   1247 O O   . LEU A 1 154 ? -1.394  -0.027  12.767  1.00 20.31 ? 154 LEU X O   1 
ATOM   1248 C CB  . LEU A 1 154 ? -4.503  -0.218  12.482  1.00 22.89 ? 154 LEU X CB  1 
ATOM   1249 C CG  . LEU A 1 154 ? -5.723  0.267   11.715  1.00 27.27 ? 154 LEU X CG  1 
ATOM   1250 C CD1 . LEU A 1 154 ? -6.438  -0.935  11.118  1.00 24.82 ? 154 LEU X CD1 1 
ATOM   1251 C CD2 . LEU A 1 154 ? -6.652  1.072   12.624  1.00 26.62 ? 154 LEU X CD2 1 
ATOM   1252 N N   . ILE A 1 155 ? -2.249  -0.100  14.864  1.00 26.35 ? 155 ILE X N   1 
ATOM   1253 C CA  . ILE A 1 155 ? -1.068  -0.715  15.446  1.00 27.79 ? 155 ILE X CA  1 
ATOM   1254 C C   . ILE A 1 155 ? -1.455  -2.046  16.058  1.00 28.19 ? 155 ILE X C   1 
ATOM   1255 O O   . ILE A 1 155 ? -2.541  -2.183  16.617  1.00 30.26 ? 155 ILE X O   1 
ATOM   1256 C CB  . ILE A 1 155 ? -0.411  0.199   16.501  1.00 27.48 ? 155 ILE X CB  1 
ATOM   1257 C CG1 . ILE A 1 155 ? 0.060   1.505   15.858  1.00 16.53 ? 155 ILE X CG1 1 
ATOM   1258 C CG2 . ILE A 1 155 ? 0.780   -0.496  17.139  1.00 39.01 ? 155 ILE X CG2 1 
ATOM   1259 C CD1 . ILE A 1 155 ? 0.839   2.383   16.813  1.00 24.56 ? 155 ILE X CD1 1 
ATOM   1260 N N   . ARG A 1 156 ? -0.582  -3.040  15.921  1.00 30.62 ? 156 ARG X N   1 
ATOM   1261 C CA  . ARG A 1 156 ? -0.889  -4.382  16.410  1.00 36.15 ? 156 ARG X CA  1 
ATOM   1262 C C   . ARG A 1 156 ? -0.898  -4.428  17.920  1.00 31.40 ? 156 ARG X C   1 
ATOM   1263 O O   . ARG A 1 156 ? -0.072  -3.792  18.572  1.00 38.06 ? 156 ARG X O   1 
ATOM   1264 C CB  . ARG A 1 156 ? 0.114   -5.407  15.879  1.00 39.28 ? 156 ARG X CB  1 
ATOM   1265 C CG  . ARG A 1 156 ? -0.419  -6.830  15.931  1.00 46.69 ? 156 ARG X CG  1 
ATOM   1266 C CD  . ARG A 1 156 ? 0.626   -7.853  15.512  1.00 40.99 ? 156 ARG X CD  1 
ATOM   1267 N NE  . ARG A 1 156 ? 0.997   -7.719  14.108  1.00 44.79 ? 156 ARG X NE  1 
ATOM   1268 C CZ  . ARG A 1 156 ? 0.372   -8.325  13.100  1.00 39.91 ? 156 ARG X CZ  1 
ATOM   1269 N NH1 . ARG A 1 156 ? -0.679  -9.115  13.330  1.00 28.86 ? 156 ARG X NH1 1 
ATOM   1270 N NH2 . ARG A 1 156 ? 0.800   -8.128  11.856  1.00 33.98 ? 156 ARG X NH2 1 
ATOM   1271 N N   . LYS A 1 157 ? -1.841  -5.180  18.474  1.00 37.62 ? 157 LYS X N   1 
ATOM   1272 C CA  . LYS A 1 157 ? -1.926  -5.358  19.919  1.00 43.67 ? 157 LYS X CA  1 
ATOM   1273 C C   . LYS A 1 157 ? -1.037  -6.524  20.395  1.00 58.17 ? 157 LYS X C   1 
ATOM   1274 O O   . LYS A 1 157 ? -0.444  -6.477  21.482  1.00 53.41 ? 157 LYS X O   1 
ATOM   1275 C CB  . LYS A 1 157 ? -3.378  -5.590  20.339  1.00 38.93 ? 157 LYS X CB  1 
ATOM   1276 C CG  . LYS A 1 157 ? -4.333  -4.415  20.129  1.00 39.28 ? 157 LYS X CG  1 
ATOM   1277 C CD  . LYS A 1 157 ? -5.764  -4.870  20.392  1.00 33.85 ? 157 LYS X CD  1 
ATOM   1278 C CE  . LYS A 1 157 ? -6.771  -3.760  20.242  1.00 40.20 ? 157 LYS X CE  1 
ATOM   1279 N NZ  . LYS A 1 157 ? -8.095  -4.221  20.760  1.00 44.90 ? 157 LYS X NZ  1 
ATOM   1280 O OXT . LYS A 1 157 ? -0.871  -7.539  19.702  1.00 54.76 ? 157 LYS X OXT 1 
HETATM 1281 N N1  . 06U B 2 .   ? -1.542  3.064   -0.293  1.00 20.52 ? 201 06U X N1  1 
HETATM 1282 C C2  . 06U B 2 .   ? -2.295  4.178   -0.309  1.00 24.74 ? 201 06U X C2  1 
HETATM 1283 N N3  . 06U B 2 .   ? -2.738  4.683   -1.466  1.00 22.99 ? 201 06U X N3  1 
HETATM 1284 C C4  . 06U B 2 .   ? -2.467  4.097   -2.633  1.00 19.51 ? 201 06U X C4  1 
HETATM 1285 C C5  . 06U B 2 .   ? -1.694  2.962   -2.656  1.00 22.25 ? 201 06U X C5  1 
HETATM 1286 C C6  . 06U B 2 .   ? -1.243  2.453   -1.445  1.00 20.11 ? 201 06U X C6  1 
HETATM 1287 C CAA . 06U B 2 .   ? 0.480   6.314   -9.360  1.00 53.96 ? 201 06U X CAA 1 
HETATM 1288 N NAH . 06U B 2 .   ? -2.612  4.800   0.826   1.00 24.79 ? 201 06U X NAH 1 
HETATM 1289 C CAI . 06U B 2 .   ? -2.933  4.633   -3.813  1.00 21.60 ? 201 06U X CAI 1 
HETATM 1290 N NAJ . 06U B 2 .   ? -0.515  1.351   -1.481  1.00 21.78 ? 201 06U X NAJ 1 
HETATM 1291 C CAK . 06U B 2 .   ? -1.411  2.368   -3.924  1.00 25.70 ? 201 06U X CAK 1 
HETATM 1292 C CAL . 06U B 2 .   ? -1.178  1.844   -5.106  1.00 29.27 ? 201 06U X CAL 1 
HETATM 1293 C CAM . 06U B 2 .   ? -0.886  1.206   -6.371  1.00 30.36 ? 201 06U X CAM 1 
HETATM 1294 C CAN . 06U B 2 .   ? 0.524   0.680   -6.249  1.00 42.53 ? 201 06U X CAN 1 
HETATM 1295 C CAO . 06U B 2 .   ? -0.885  2.083   -7.441  1.00 36.72 ? 201 06U X CAO 1 
HETATM 1296 C CAP . 06U B 2 .   ? -1.496  1.707   -8.632  1.00 40.66 ? 201 06U X CAP 1 
HETATM 1297 C CAQ . 06U B 2 .   ? -1.505  2.559   -9.741  1.00 41.12 ? 201 06U X CAQ 1 
HETATM 1298 C CAR . 06U B 2 .   ? -0.871  3.807   -9.642  1.00 35.62 ? 201 06U X CAR 1 
HETATM 1299 C CAS . 06U B 2 .   ? -0.255  4.190   -8.439  1.00 45.61 ? 201 06U X CAS 1 
HETATM 1300 C CAT . 06U B 2 .   ? -0.243  3.317   -7.347  1.00 37.47 ? 201 06U X CAT 1 
HETATM 1301 C CAU . 06U B 2 .   ? 0.412   5.410   -8.310  1.00 41.82 ? 201 06U X CAU 1 
HETATM 1302 C CAV . 06U B 2 .   ? 1.063   5.708   -7.119  1.00 45.70 ? 201 06U X CAV 1 
HETATM 1303 C CAW . 06U B 2 .   ? 1.761   6.904   -6.949  1.00 52.25 ? 201 06U X CAW 1 
HETATM 1304 N NAX . 06U B 2 .   ? 1.827   7.816   -8.004  1.00 52.07 ? 201 06U X NAX 1 
HETATM 1305 C CAY . 06U B 2 .   ? 1.177   7.511   -9.208  1.00 63.04 ? 201 06U X CAY 1 
HETATM 1306 C CAZ . 06U B 2 .   ? -2.194  5.953   -4.036  1.00 27.58 ? 201 06U X CAZ 1 
HETATM 1307 O OBA . 06U B 2 .   ? -2.140  2.123   -10.886 1.00 34.25 ? 201 06U X OBA 1 
HETATM 1308 C CBB . 06U B 2 .   ? -2.101  3.058   -11.966 1.00 45.89 ? 201 06U X CBB 1 
HETATM 1309 C C   . ACT C 3 .   ? -12.777 -5.352  7.514   1.00 54.54 ? 202 ACT X C   1 
HETATM 1310 O O   . ACT C 3 .   ? -12.047 -6.382  7.397   1.00 36.96 ? 202 ACT X O   1 
HETATM 1311 O OXT . ACT C 3 .   ? -13.459 -5.044  6.500   1.00 46.18 ? 202 ACT X OXT 1 
HETATM 1312 C CH3 . ACT C 3 .   ? -12.845 -4.526  8.783   1.00 29.15 ? 202 ACT X CH3 1 
HETATM 1313 P PA  . NDP D 4 .   ? 1.327   -8.367  -6.547  1.00 27.32 ? 203 NDP X PA  1 
HETATM 1314 O O1A . NDP D 4 .   ? 1.261   -8.857  -5.154  1.00 22.22 ? 203 NDP X O1A 1 
HETATM 1315 O O2A . NDP D 4 .   ? 1.819   -6.978  -6.656  1.00 25.19 ? 203 NDP X O2A 1 
HETATM 1316 O O5B . NDP D 4 .   ? 2.259   -9.311  -7.460  1.00 28.98 ? 203 NDP X O5B 1 
HETATM 1317 C C5B . NDP D 4 .   ? 2.414   -10.695 -7.235  1.00 28.97 ? 203 NDP X C5B 1 
HETATM 1318 C C4B . NDP D 4 .   ? 3.785   -11.068 -7.746  1.00 27.68 ? 203 NDP X C4B 1 
HETATM 1319 O O4B . NDP D 4 .   ? 4.778   -10.725 -6.789  1.00 35.79 ? 203 NDP X O4B 1 
HETATM 1320 C C3B . NDP D 4 .   ? 3.962   -12.551 -8.013  1.00 24.89 ? 203 NDP X C3B 1 
HETATM 1321 O O3B . NDP D 4 .   ? 3.394   -12.969 -9.248  1.00 26.97 ? 203 NDP X O3B 1 
HETATM 1322 C C2B . NDP D 4 .   ? 5.471   -12.621 -7.914  1.00 28.79 ? 203 NDP X C2B 1 
HETATM 1323 O O2B . NDP D 4 .   ? 6.079   -12.027 -9.030  1.00 34.85 ? 203 NDP X O2B 1 
HETATM 1324 C C1B . NDP D 4 .   ? 5.787   -11.705 -6.749  1.00 29.94 ? 203 NDP X C1B 1 
HETATM 1325 N N9A . NDP D 4 .   ? 5.797   -12.405 -5.454  1.00 27.73 ? 203 NDP X N9A 1 
HETATM 1326 C C8A . NDP D 4 .   ? 4.834   -12.394 -4.469  1.00 27.87 ? 203 NDP X C8A 1 
HETATM 1327 N N7A . NDP D 4 .   ? 5.271   -13.169 -3.443  1.00 27.33 ? 203 NDP X N7A 1 
HETATM 1328 C C5A . NDP D 4 .   ? 6.495   -13.661 -3.756  1.00 31.11 ? 203 NDP X C5A 1 
HETATM 1329 C C6A . NDP D 4 .   ? 7.401   -14.490 -3.093  1.00 27.78 ? 203 NDP X C6A 1 
HETATM 1330 N N6A . NDP D 4 .   ? 7.132   -14.976 -1.889  1.00 26.44 ? 203 NDP X N6A 1 
HETATM 1331 N N1A . NDP D 4 .   ? 8.603   -14.819 -3.698  1.00 36.83 ? 203 NDP X N1A 1 
HETATM 1332 C C2A . NDP D 4 .   ? 8.911   -14.324 -4.948  1.00 31.25 ? 203 NDP X C2A 1 
HETATM 1333 N N3A . NDP D 4 .   ? 8.019   -13.504 -5.606  1.00 31.13 ? 203 NDP X N3A 1 
HETATM 1334 C C4A . NDP D 4 .   ? 6.833   -13.180 -5.017  1.00 32.64 ? 203 NDP X C4A 1 
HETATM 1335 O O3  . NDP D 4 .   ? -0.109  -8.439  -7.240  1.00 23.57 ? 203 NDP X O3  1 
HETATM 1336 P PN  . NDP D 4 .   ? -1.282  -9.501  -7.068  1.00 22.71 ? 203 NDP X PN  1 
HETATM 1337 O O1N . NDP D 4 .   ? -0.727  -10.859 -7.311  1.00 31.79 ? 203 NDP X O1N 1 
HETATM 1338 O O2N . NDP D 4 .   ? -1.989  -9.210  -5.807  1.00 25.54 ? 203 NDP X O2N 1 
HETATM 1339 O O5D . NDP D 4 .   ? -2.181  -9.187  -8.357  1.00 19.74 ? 203 NDP X O5D 1 
HETATM 1340 C C5D . NDP D 4 .   ? -3.450  -8.605  -8.296  1.00 22.72 ? 203 NDP X C5D 1 
HETATM 1341 C C4D . NDP D 4 .   ? -3.334  -7.172  -8.767  1.00 20.63 ? 203 NDP X C4D 1 
HETATM 1342 O O4D . NDP D 4 .   ? -2.422  -6.419  -7.982  1.00 27.20 ? 203 NDP X O4D 1 
HETATM 1343 C C3D . NDP D 4 .   ? -2.847  -7.064  -10.222 1.00 22.53 ? 203 NDP X C3D 1 
HETATM 1344 O O3D . NDP D 4 .   ? -3.918  -7.130  -11.141 1.00 30.74 ? 203 NDP X O3D 1 
HETATM 1345 C C2D . NDP D 4 .   ? -2.116  -5.737  -10.261 1.00 29.21 ? 203 NDP X C2D 1 
HETATM 1346 O O2D . NDP D 4 .   ? -2.772  -4.785  -11.053 1.00 38.01 ? 203 NDP X O2D 1 
HETATM 1347 C C1D . NDP D 4 .   ? -2.278  -5.351  -8.839  1.00 26.82 ? 203 NDP X C1D 1 
HETATM 1348 N N1N . NDP D 4 .   ? -2.738  -4.047  -8.467  1.00 30.82 ? 203 NDP X N1N 1 
HETATM 1349 C C2N . NDP D 4 .   ? -2.407  -3.530  -7.262  1.00 24.27 ? 203 NDP X C2N 1 
HETATM 1350 C C3N . NDP D 4 .   ? -2.935  -2.301  -6.939  1.00 25.76 ? 203 NDP X C3N 1 
HETATM 1351 C C7N . NDP D 4 .   ? -2.832  -1.871  -5.522  1.00 20.62 ? 203 NDP X C7N 1 
HETATM 1352 O O7N . NDP D 4 .   ? -1.762  -2.366  -4.758  1.00 25.12 ? 203 NDP X O7N 1 
HETATM 1353 N N7N . NDP D 4 .   ? -3.748  -1.052  -5.039  1.00 25.26 ? 203 NDP X N7N 1 
HETATM 1354 C C4N . NDP D 4 .   ? -3.782  -1.619  -7.804  1.00 27.97 ? 203 NDP X C4N 1 
HETATM 1355 C C5N . NDP D 4 .   ? -4.115  -2.186  -9.014  1.00 30.57 ? 203 NDP X C5N 1 
HETATM 1356 C C6N . NDP D 4 .   ? -3.619  -3.434  -9.323  1.00 22.13 ? 203 NDP X C6N 1 
HETATM 1357 P P2B . NDP D 4 .   ? 6.551   -12.903 -10.297 1.00 33.21 ? 203 NDP X P2B 1 
HETATM 1358 O O1X . NDP D 4 .   ? 5.313   -13.532 -10.890 1.00 18.15 ? 203 NDP X O1X 1 
HETATM 1359 O O2X . NDP D 4 .   ? 7.185   -11.959 -11.278 1.00 30.33 ? 203 NDP X O2X 1 
HETATM 1360 O O3X . NDP D 4 .   ? 7.520   -13.946 -9.805  1.00 24.88 ? 203 NDP X O3X 1 
HETATM 1361 O O   . HOH E 5 .   ? -2.052  0.361   -15.060 1.00 29.04 ? 301 HOH X O   1 
HETATM 1362 O O   . HOH E 5 .   ? -7.007  -10.352 0.083   1.00 23.80 ? 302 HOH X O   1 
HETATM 1363 O O   . HOH E 5 .   ? -15.514 -7.574  -10.317 1.00 25.57 ? 303 HOH X O   1 
HETATM 1364 O O   . HOH E 5 .   ? 1.444   -12.120 -14.966 1.00 22.93 ? 304 HOH X O   1 
HETATM 1365 O O   . HOH E 5 .   ? -0.685  8.293   14.157  1.00 33.39 ? 305 HOH X O   1 
HETATM 1366 O O   . HOH E 5 .   ? -8.426  6.363   18.398  1.00 21.26 ? 306 HOH X O   1 
HETATM 1367 O O   . HOH E 5 .   ? 0.105   -14.129 -13.565 1.00 19.18 ? 307 HOH X O   1 
HETATM 1368 O O   . HOH E 5 .   ? -11.850 11.582  14.542  1.00 24.24 ? 308 HOH X O   1 
HETATM 1369 O O   . HOH E 5 .   ? 18.276  -14.352 -15.715 1.00 31.17 ? 309 HOH X O   1 
HETATM 1370 O O   . HOH E 5 .   ? -0.787  8.133   16.945  1.00 27.95 ? 310 HOH X O   1 
HETATM 1371 O O   . HOH E 5 .   ? -16.704 -6.016  -4.273  1.00 25.37 ? 311 HOH X O   1 
HETATM 1372 O O   . HOH E 5 .   ? 12.858  -16.556 -14.354 1.00 34.77 ? 312 HOH X O   1 
HETATM 1373 O O   . HOH E 5 .   ? -17.329 -7.784  -2.126  1.00 29.61 ? 313 HOH X O   1 
HETATM 1374 O O   . HOH E 5 .   ? -16.552 12.953  4.675   1.00 30.27 ? 314 HOH X O   1 
HETATM 1375 O O   . HOH E 5 .   ? 17.476  -19.186 -15.354 1.00 28.31 ? 315 HOH X O   1 
HETATM 1376 O O   . HOH E 5 .   ? -2.956  4.957   3.831   1.00 17.89 ? 316 HOH X O   1 
HETATM 1377 O O   . HOH E 5 .   ? 4.744   3.353   11.697  1.00 21.56 ? 317 HOH X O   1 
HETATM 1378 O O   . HOH E 5 .   ? -6.088  6.676   -3.671  1.00 21.56 ? 318 HOH X O   1 
HETATM 1379 O O   . HOH E 5 .   ? -2.154  8.153   9.027   1.00 18.66 ? 319 HOH X O   1 
HETATM 1380 O O   . HOH E 5 .   ? -3.002  6.444   6.758   1.00 21.88 ? 320 HOH X O   1 
HETATM 1381 O O   . HOH E 5 .   ? -2.523  -10.400 12.047  1.00 30.92 ? 321 HOH X O   1 
HETATM 1382 O O   . HOH E 5 .   ? 14.261  9.672   -7.210  1.00 29.51 ? 322 HOH X O   1 
HETATM 1383 O O   . HOH E 5 .   ? -1.362  -12.779 -8.589  1.00 21.92 ? 323 HOH X O   1 
HETATM 1384 O O   . HOH E 5 .   ? -6.934  -9.077  12.152  1.00 29.99 ? 324 HOH X O   1 
HETATM 1385 O O   . HOH E 5 .   ? -12.237 5.054   12.555  1.00 31.33 ? 325 HOH X O   1 
HETATM 1386 O O   . HOH E 5 .   ? -5.131  4.059   -11.472 1.00 31.16 ? 326 HOH X O   1 
HETATM 1387 O O   . HOH E 5 .   ? -4.255  8.571   10.727  1.00 28.49 ? 327 HOH X O   1 
HETATM 1388 O O   . HOH E 5 .   ? -5.575  -12.808 -7.127  1.00 36.09 ? 328 HOH X O   1 
HETATM 1389 O O   . HOH E 5 .   ? -0.060  10.353  8.873   1.00 23.71 ? 329 HOH X O   1 
HETATM 1390 O O   . HOH E 5 .   ? 9.098   7.173   8.903   1.00 34.62 ? 330 HOH X O   1 
HETATM 1391 O O   . HOH E 5 .   ? 17.912  -1.029  -11.163 1.00 39.88 ? 331 HOH X O   1 
HETATM 1392 O O   . HOH E 5 .   ? 13.106  3.122   -14.357 1.00 39.13 ? 332 HOH X O   1 
HETATM 1393 O O   . HOH E 5 .   ? -14.415 10.063  6.022   1.00 24.43 ? 333 HOH X O   1 
HETATM 1394 O O   . HOH E 5 .   ? 18.637  -5.187  -7.548  1.00 31.95 ? 334 HOH X O   1 
HETATM 1395 O O   . HOH E 5 .   ? 8.283   12.771  -3.239  1.00 33.26 ? 335 HOH X O   1 
HETATM 1396 O O   . HOH E 5 .   ? -3.782  0.665   -2.208  1.00 14.11 ? 336 HOH X O   1 
HETATM 1397 O O   . HOH E 5 .   ? -2.101  -1.409  -2.361  1.00 19.55 ? 337 HOH X O   1 
HETATM 1398 O O   . HOH E 5 .   ? -16.714 -2.868  -3.472  1.00 32.55 ? 338 HOH X O   1 
# 
_database_PDB_caveat.id     1 
_database_PDB_caveat.text   'NDP X 203 HAS WRONG CHIRALITY AT ATOM C1D' 
# 
loop_
_pdbx_poly_seq_scheme.asym_id 
_pdbx_poly_seq_scheme.entity_id 
_pdbx_poly_seq_scheme.seq_id 
_pdbx_poly_seq_scheme.mon_id 
_pdbx_poly_seq_scheme.ndb_seq_num 
_pdbx_poly_seq_scheme.pdb_seq_num 
_pdbx_poly_seq_scheme.auth_seq_num 
_pdbx_poly_seq_scheme.pdb_mon_id 
_pdbx_poly_seq_scheme.auth_mon_id 
_pdbx_poly_seq_scheme.pdb_strand_id 
_pdbx_poly_seq_scheme.pdb_ins_code 
_pdbx_poly_seq_scheme.hetero 
A 1 1   THR 1   1   1   THR THR X . n 
A 1 2   LEU 2   2   2   LEU LEU X . n 
A 1 3   SER 3   3   3   SER SER X . n 
A 1 4   ILE 4   4   4   ILE ILE X . n 
A 1 5   LEU 5   5   5   LEU LEU X . n 
A 1 6   VAL 6   6   6   VAL VAL X . n 
A 1 7   ALA 7   7   7   ALA ALA X . n 
A 1 8   HIS 8   8   8   HIS HIS X . n 
A 1 9   ASP 9   9   9   ASP ASP X . n 
A 1 10  LEU 10  10  10  LEU LEU X . n 
A 1 11  GLN 11  11  11  GLN GLN X . n 
A 1 12  ARG 12  12  12  ARG ARG X . n 
A 1 13  VAL 13  13  13  VAL VAL X . n 
A 1 14  ILE 14  14  14  ILE ILE X . n 
A 1 15  GLY 15  15  15  GLY GLY X . n 
A 1 16  PHE 16  16  16  PHE PHE X . n 
A 1 17  GLU 17  17  17  GLU GLU X . n 
A 1 18  ASN 18  18  18  ASN ASN X . n 
A 1 19  GLN 19  19  19  GLN GLN X . n 
A 1 20  LEU 20  20  20  LEU LEU X . n 
A 1 21  PRO 21  21  21  PRO PRO X . n 
A 1 22  TRP 22  22  22  TRP TRP X . n 
A 1 23  HIS 23  23  23  HIS HIS X . n 
A 1 24  LEU 24  24  24  LEU LEU X . n 
A 1 25  PRO 25  25  25  PRO PRO X . n 
A 1 26  ASN 26  26  26  ASN ASN X . n 
A 1 27  ASP 27  27  27  ASP ASP X . n 
A 1 28  LEU 28  28  28  LEU LEU X . n 
A 1 29  LYS 29  29  29  LYS LYS X . n 
A 1 30  HIS 30  30  30  HIS HIS X . n 
A 1 31  VAL 31  31  31  VAL VAL X . n 
A 1 32  LYS 32  32  32  LYS LYS X . n 
A 1 33  LYS 33  33  33  LYS LYS X . n 
A 1 34  LEU 34  34  34  LEU LEU X . n 
A 1 35  SER 35  35  35  SER SER X . n 
A 1 36  THR 36  36  36  THR THR X . n 
A 1 37  GLY 37  37  37  GLY GLY X . n 
A 1 38  HIS 38  38  38  HIS HIS X . n 
A 1 39  THR 39  39  39  THR THR X . n 
A 1 40  LEU 40  40  40  LEU LEU X . n 
A 1 41  VAL 41  41  41  VAL VAL X . n 
A 1 42  MET 42  42  42  MET MET X . n 
A 1 43  GLY 43  43  43  GLY GLY X . n 
A 1 44  ARG 44  44  44  ARG ARG X . n 
A 1 45  LYS 45  45  45  LYS LYS X . n 
A 1 46  THR 46  46  46  THR THR X . n 
A 1 47  PHE 47  47  47  PHE PHE X . n 
A 1 48  GLU 48  48  48  GLU GLU X . n 
A 1 49  SER 49  49  49  SER SER X . n 
A 1 50  ILE 50  50  50  ILE ILE X . n 
A 1 51  GLY 51  51  51  GLY GLY X . n 
A 1 52  LYS 52  52  52  LYS LYS X . n 
A 1 53  PRO 53  53  53  PRO PRO X . n 
A 1 54  LEU 54  54  54  LEU LEU X . n 
A 1 55  PRO 55  55  55  PRO PRO X . n 
A 1 56  ASN 56  56  56  ASN ASN X . n 
A 1 57  ARG 57  57  57  ARG ARG X . n 
A 1 58  ARG 58  58  58  ARG ARG X . n 
A 1 59  ASN 59  59  59  ASN ASN X . n 
A 1 60  VAL 60  60  60  VAL VAL X . n 
A 1 61  VAL 61  61  61  VAL VAL X . n 
A 1 62  LEU 62  62  62  LEU LEU X . n 
A 1 63  THR 63  63  63  THR THR X . n 
A 1 64  SER 64  64  64  SER SER X . n 
A 1 65  ASP 65  65  65  ASP ASP X . n 
A 1 66  THR 66  66  66  THR THR X . n 
A 1 67  SER 67  67  67  SER SER X . n 
A 1 68  PHE 68  68  68  PHE PHE X . n 
A 1 69  ASN 69  69  69  ASN ASN X . n 
A 1 70  VAL 70  70  70  VAL VAL X . n 
A 1 71  GLU 71  71  71  GLU GLU X . n 
A 1 72  GLY 72  72  72  GLY GLY X . n 
A 1 73  VAL 73  73  73  VAL VAL X . n 
A 1 74  ASP 74  74  74  ASP ASP X . n 
A 1 75  VAL 75  75  75  VAL VAL X . n 
A 1 76  ILE 76  76  76  ILE ILE X . n 
A 1 77  HIS 77  77  77  HIS HIS X . n 
A 1 78  SER 78  78  78  SER SER X . n 
A 1 79  ILE 79  79  79  ILE ILE X . n 
A 1 80  GLU 80  80  80  GLU GLU X . n 
A 1 81  ASP 81  81  81  ASP ASP X . n 
A 1 82  ILE 82  82  82  ILE ILE X . n 
A 1 83  TYR 83  83  83  TYR TYR X . n 
A 1 84  GLN 84  84  84  GLN GLN X . n 
A 1 85  LEU 85  85  85  LEU LEU X . n 
A 1 86  PRO 86  86  86  PRO PRO X . n 
A 1 87  GLY 87  87  87  GLY GLY X . n 
A 1 88  HIS 88  88  88  HIS HIS X . n 
A 1 89  VAL 89  89  89  VAL VAL X . n 
A 1 90  PHE 90  90  90  PHE PHE X . n 
A 1 91  ILE 91  91  91  ILE ILE X . n 
A 1 92  PHE 92  92  92  PHE PHE X . n 
A 1 93  GLY 93  93  93  GLY GLY X . n 
A 1 94  GLY 94  94  94  GLY GLY X . n 
A 1 95  GLN 95  95  95  GLN GLN X . n 
A 1 96  THR 96  96  96  THR THR X . n 
A 1 97  LEU 97  97  97  LEU LEU X . n 
A 1 98  PHE 98  98  98  PHE PHE X . n 
A 1 99  GLU 99  99  99  GLU GLU X . n 
A 1 100 GLU 100 100 100 GLU GLU X . n 
A 1 101 MET 101 101 101 MET MET X . n 
A 1 102 ILE 102 102 102 ILE ILE X . n 
A 1 103 ASP 103 103 103 ASP ASP X . n 
A 1 104 LYS 104 104 104 LYS LYS X . n 
A 1 105 VAL 105 105 105 VAL VAL X . n 
A 1 106 ASP 106 106 106 ASP ASP X . n 
A 1 107 ASP 107 107 107 ASP ASP X . n 
A 1 108 MET 108 108 108 MET MET X . n 
A 1 109 TYR 109 109 109 TYR TYR X . n 
A 1 110 ILE 110 110 110 ILE ILE X . n 
A 1 111 THR 111 111 111 THR THR X . n 
A 1 112 VAL 112 112 112 VAL VAL X . n 
A 1 113 ILE 113 113 113 ILE ILE X . n 
A 1 114 GLU 114 114 114 GLU GLU X . n 
A 1 115 GLY 115 115 115 GLY GLY X . n 
A 1 116 LYS 116 116 116 LYS LYS X . n 
A 1 117 PHE 117 117 117 PHE PHE X . n 
A 1 118 ARG 118 118 118 ARG ARG X . n 
A 1 119 GLY 119 119 119 GLY GLY X . n 
A 1 120 ASP 120 120 120 ASP ASP X . n 
A 1 121 THR 121 121 121 THR THR X . n 
A 1 122 PHE 122 122 122 PHE PHE X . n 
A 1 123 PHE 123 123 123 PHE PHE X . n 
A 1 124 PRO 124 124 124 PRO PRO X . n 
A 1 125 PRO 125 125 125 PRO PRO X . n 
A 1 126 TYR 126 126 126 TYR TYR X . n 
A 1 127 THR 127 127 127 THR THR X . n 
A 1 128 PHE 128 128 128 PHE PHE X . n 
A 1 129 GLU 129 129 129 GLU GLU X . n 
A 1 130 ASP 130 130 130 ASP ASP X . n 
A 1 131 TRP 131 131 131 TRP TRP X . n 
A 1 132 GLU 132 132 132 GLU GLU X . n 
A 1 133 VAL 133 133 133 VAL VAL X . n 
A 1 134 ALA 134 134 134 ALA ALA X . n 
A 1 135 SER 135 135 135 SER SER X . n 
A 1 136 SER 136 136 136 SER SER X . n 
A 1 137 VAL 137 137 137 VAL VAL X . n 
A 1 138 GLU 138 138 138 GLU GLU X . n 
A 1 139 GLY 139 139 139 GLY GLY X . n 
A 1 140 LYS 140 140 140 LYS LYS X . n 
A 1 141 LEU 141 141 141 LEU LEU X . n 
A 1 142 ASP 142 142 142 ASP ASP X . n 
A 1 143 GLU 143 143 143 GLU GLU X . n 
A 1 144 LYS 144 144 144 LYS LYS X . n 
A 1 145 ASN 145 145 145 ASN ASN X . n 
A 1 146 THR 146 146 146 THR THR X . n 
A 1 147 ILE 147 147 147 ILE ILE X . n 
A 1 148 PRO 148 148 148 PRO PRO X . n 
A 1 149 HIS 149 149 149 HIS HIS X . n 
A 1 150 THR 150 150 150 THR THR X . n 
A 1 151 PHE 151 151 151 PHE PHE X . n 
A 1 152 LEU 152 152 152 LEU LEU X . n 
A 1 153 HIS 153 153 153 HIS HIS X . n 
A 1 154 LEU 154 154 154 LEU LEU X . n 
A 1 155 ILE 155 155 155 ILE ILE X . n 
A 1 156 ARG 156 156 156 ARG ARG X . n 
A 1 157 LYS 157 157 157 LYS LYS X . n 
# 
loop_
_pdbx_nonpoly_scheme.asym_id 
_pdbx_nonpoly_scheme.entity_id 
_pdbx_nonpoly_scheme.mon_id 
_pdbx_nonpoly_scheme.ndb_seq_num 
_pdbx_nonpoly_scheme.pdb_seq_num 
_pdbx_nonpoly_scheme.auth_seq_num 
_pdbx_nonpoly_scheme.pdb_mon_id 
_pdbx_nonpoly_scheme.auth_mon_id 
_pdbx_nonpoly_scheme.pdb_strand_id 
_pdbx_nonpoly_scheme.pdb_ins_code 
B 2 06U 1  201 1   06U DRG X . 
C 3 ACT 1  202 701 ACT ACT X . 
D 4 NDP 1  203 207 NDP NAP X . 
E 5 HOH 1  301 26  HOH HOH X . 
E 5 HOH 2  302 12  HOH HOH X . 
E 5 HOH 3  303 32  HOH HOH X . 
E 5 HOH 4  304 8   HOH HOH X . 
E 5 HOH 5  305 30  HOH HOH X . 
E 5 HOH 6  306 6   HOH HOH X . 
E 5 HOH 7  307 19  HOH HOH X . 
E 5 HOH 8  308 15  HOH HOH X . 
E 5 HOH 9  309 40  HOH HOH X . 
E 5 HOH 10 310 27  HOH HOH X . 
E 5 HOH 11 311 24  HOH HOH X . 
E 5 HOH 12 312 36  HOH HOH X . 
E 5 HOH 13 313 23  HOH HOH X . 
E 5 HOH 14 314 16  HOH HOH X . 
E 5 HOH 15 315 35  HOH HOH X . 
E 5 HOH 16 316 1   HOH HOH X . 
E 5 HOH 17 317 2   HOH HOH X . 
E 5 HOH 18 318 4   HOH HOH X . 
E 5 HOH 19 319 9   HOH HOH X . 
E 5 HOH 20 320 10  HOH HOH X . 
E 5 HOH 21 321 14  HOH HOH X . 
E 5 HOH 22 322 18  HOH HOH X . 
E 5 HOH 23 323 21  HOH HOH X . 
E 5 HOH 24 324 22  HOH HOH X . 
E 5 HOH 25 325 25  HOH HOH X . 
E 5 HOH 26 326 28  HOH HOH X . 
E 5 HOH 27 327 31  HOH HOH X . 
E 5 HOH 28 328 33  HOH HOH X . 
E 5 HOH 29 329 34  HOH HOH X . 
E 5 HOH 30 330 37  HOH HOH X . 
E 5 HOH 31 331 41  HOH HOH X . 
E 5 HOH 32 332 42  HOH HOH X . 
E 5 HOH 33 333 43  HOH HOH X . 
E 5 HOH 34 334 44  HOH HOH X . 
E 5 HOH 35 335 45  HOH HOH X . 
E 5 HOH 36 336 46  HOH HOH X . 
E 5 HOH 37 337 47  HOH HOH X . 
E 5 HOH 38 338 48  HOH HOH X . 
# 
_pdbx_struct_assembly.id                   1 
_pdbx_struct_assembly.details              author_and_software_defined_assembly 
_pdbx_struct_assembly.method_details       PISA 
_pdbx_struct_assembly.oligomeric_details   monomeric 
_pdbx_struct_assembly.oligomeric_count     1 
# 
_pdbx_struct_assembly_gen.assembly_id       1 
_pdbx_struct_assembly_gen.oper_expression   1 
_pdbx_struct_assembly_gen.asym_id_list      A,B,C,D,E 
# 
loop_
_pdbx_struct_assembly_prop.biol_id 
_pdbx_struct_assembly_prop.type 
_pdbx_struct_assembly_prop.value 
_pdbx_struct_assembly_prop.details 
1 'ABSA (A^2)' 1420 ? 
1 MORE         -4   ? 
1 'SSA (A^2)'  8260 ? 
# 
_pdbx_struct_oper_list.id                   1 
_pdbx_struct_oper_list.type                 'identity operation' 
_pdbx_struct_oper_list.name                 1_555 
_pdbx_struct_oper_list.symmetry_operation   x,y,z 
_pdbx_struct_oper_list.matrix[1][1]         1.0000000000 
_pdbx_struct_oper_list.matrix[1][2]         0.0000000000 
_pdbx_struct_oper_list.matrix[1][3]         0.0000000000 
_pdbx_struct_oper_list.vector[1]            0.0000000000 
_pdbx_struct_oper_list.matrix[2][1]         0.0000000000 
_pdbx_struct_oper_list.matrix[2][2]         1.0000000000 
_pdbx_struct_oper_list.matrix[2][3]         0.0000000000 
_pdbx_struct_oper_list.vector[2]            0.0000000000 
_pdbx_struct_oper_list.matrix[3][1]         0.0000000000 
_pdbx_struct_oper_list.matrix[3][2]         0.0000000000 
_pdbx_struct_oper_list.matrix[3][3]         1.0000000000 
_pdbx_struct_oper_list.vector[3]            0.0000000000 
# 
loop_
_pdbx_audit_revision_history.ordinal 
_pdbx_audit_revision_history.data_content_type 
_pdbx_audit_revision_history.major_revision 
_pdbx_audit_revision_history.minor_revision 
_pdbx_audit_revision_history.revision_date 
1 'Structure model' 1 0 2015-07-22 
2 'Structure model' 1 1 2015-08-05 
3 'Structure model' 1 2 2017-09-20 
4 'Structure model' 1 3 2018-01-31 
5 'Structure model' 1 4 2019-12-11 
6 'Structure model' 1 5 2023-09-27 
# 
_pdbx_audit_revision_details.ordinal             1 
_pdbx_audit_revision_details.revision_ordinal    1 
_pdbx_audit_revision_details.data_content_type   'Structure model' 
_pdbx_audit_revision_details.provider            repository 
_pdbx_audit_revision_details.type                'Initial release' 
_pdbx_audit_revision_details.description         ? 
_pdbx_audit_revision_details.details             ? 
# 
loop_
_pdbx_audit_revision_group.ordinal 
_pdbx_audit_revision_group.revision_ordinal 
_pdbx_audit_revision_group.data_content_type 
_pdbx_audit_revision_group.group 
1 2 'Structure model' 'Database references'        
2 3 'Structure model' 'Author supporting evidence' 
3 3 'Structure model' 'Derived calculations'       
4 4 'Structure model' 'Experimental preparation'   
5 5 'Structure model' 'Author supporting evidence' 
6 6 'Structure model' 'Data collection'            
7 6 'Structure model' 'Database references'        
8 6 'Structure model' 'Refinement description'     
# 
loop_
_pdbx_audit_revision_category.ordinal 
_pdbx_audit_revision_category.revision_ordinal 
_pdbx_audit_revision_category.data_content_type 
_pdbx_audit_revision_category.category 
1 3 'Structure model' pdbx_audit_support            
2 3 'Structure model' pdbx_struct_oper_list         
3 4 'Structure model' exptl_crystal_grow            
4 5 'Structure model' pdbx_audit_support            
5 6 'Structure model' chem_comp_atom                
6 6 'Structure model' chem_comp_bond                
7 6 'Structure model' database_2                    
8 6 'Structure model' pdbx_initial_refinement_model 
# 
loop_
_pdbx_audit_revision_item.ordinal 
_pdbx_audit_revision_item.revision_ordinal 
_pdbx_audit_revision_item.data_content_type 
_pdbx_audit_revision_item.item 
1 3 'Structure model' '_pdbx_audit_support.funding_organization'  
2 3 'Structure model' '_pdbx_struct_oper_list.symmetry_operation' 
3 4 'Structure model' '_exptl_crystal_grow.temp'                  
4 5 'Structure model' '_pdbx_audit_support.funding_organization'  
5 6 'Structure model' '_database_2.pdbx_DOI'                      
6 6 'Structure model' '_database_2.pdbx_database_accession'       
# 
loop_
_software.citation_id 
_software.classification 
_software.compiler_name 
_software.compiler_version 
_software.contact_author 
_software.contact_author_email 
_software.date 
_software.description 
_software.dependencies 
_software.hardware 
_software.language 
_software.location 
_software.mods 
_software.name 
_software.os 
_software.os_version 
_software.type 
_software.version 
_software.pdbx_ordinal 
? refinement       ? ? ? ? ? ? ? ? ? ? ? PHENIX   ? ? ? '(phenix.refine: 1.9_1692)' 1 
? 'data reduction' ? ? ? ? ? ? ? ? ? ? ? HKL-2000 ? ? ? .                           2 
? 'data scaling'   ? ? ? ? ? ? ? ? ? ? ? HKL-2000 ? ? ? .                           3 
? phasing          ? ? ? ? ? ? ? ? ? ? ? PHENIX   ? ? ? '(phenix.refine: 1.9_1692)' 4 
# 
loop_
_pdbx_validate_torsion.id 
_pdbx_validate_torsion.PDB_model_num 
_pdbx_validate_torsion.auth_comp_id 
_pdbx_validate_torsion.auth_asym_id 
_pdbx_validate_torsion.auth_seq_id 
_pdbx_validate_torsion.PDB_ins_code 
_pdbx_validate_torsion.label_alt_id 
_pdbx_validate_torsion.phi 
_pdbx_validate_torsion.psi 
1 1 HIS X 38  ? ? -126.28 -150.82 
2 1 ASP X 142 ? ? -158.44 -155.14 
# 
_pdbx_validate_chiral.id              1 
_pdbx_validate_chiral.PDB_model_num   1 
_pdbx_validate_chiral.auth_atom_id    C1D 
_pdbx_validate_chiral.label_alt_id    ? 
_pdbx_validate_chiral.auth_asym_id    X 
_pdbx_validate_chiral.auth_comp_id    NDP 
_pdbx_validate_chiral.auth_seq_id     203 
_pdbx_validate_chiral.PDB_ins_code    ? 
_pdbx_validate_chiral.details         'WRONG HAND' 
_pdbx_validate_chiral.omega           . 
# 
loop_
_chem_comp_atom.comp_id 
_chem_comp_atom.atom_id 
_chem_comp_atom.type_symbol 
_chem_comp_atom.pdbx_aromatic_flag 
_chem_comp_atom.pdbx_stereo_config 
_chem_comp_atom.pdbx_ordinal 
06U N1   N Y N 1   
06U C2   C Y N 2   
06U N3   N Y N 3   
06U C4   C Y N 4   
06U C5   C Y N 5   
06U C6   C Y N 6   
06U CAA  C Y N 7   
06U NAH  N N N 8   
06U CAI  C N N 9   
06U NAJ  N N N 10  
06U CAK  C N N 11  
06U CAL  C N N 12  
06U CAM  C N R 13  
06U CAN  C N N 14  
06U CAO  C Y N 15  
06U CAP  C Y N 16  
06U CAQ  C Y N 17  
06U CAR  C Y N 18  
06U CAS  C Y N 19  
06U CAT  C Y N 20  
06U CAU  C Y N 21  
06U CAV  C Y N 22  
06U CAW  C Y N 23  
06U NAX  N Y N 24  
06U CAY  C Y N 25  
06U CAZ  C N N 26  
06U OBA  O N N 27  
06U CBB  C N N 28  
06U HAA  H N N 29  
06U HNAH H N N 30  
06U HNAA H N N 31  
06U HAI  H N N 32  
06U HAIA H N N 33  
06U HNAJ H N N 34  
06U HNAB H N N 35  
06U HAM  H N N 36  
06U HAN  H N N 37  
06U HANA H N N 38  
06U HANB H N N 39  
06U HAP  H N N 40  
06U HAR  H N N 41  
06U HAT  H N N 42  
06U HAV  H N N 43  
06U HAW  H N N 44  
06U HAY  H N N 45  
06U HAZ  H N N 46  
06U HAZA H N N 47  
06U HAZB H N N 48  
06U HBB  H N N 49  
06U HBBA H N N 50  
06U HBBB H N N 51  
ACT C    C N N 52  
ACT O    O N N 53  
ACT OXT  O N N 54  
ACT CH3  C N N 55  
ACT H1   H N N 56  
ACT H2   H N N 57  
ACT H3   H N N 58  
ALA N    N N N 59  
ALA CA   C N S 60  
ALA C    C N N 61  
ALA O    O N N 62  
ALA CB   C N N 63  
ALA OXT  O N N 64  
ALA H    H N N 65  
ALA H2   H N N 66  
ALA HA   H N N 67  
ALA HB1  H N N 68  
ALA HB2  H N N 69  
ALA HB3  H N N 70  
ALA HXT  H N N 71  
ARG N    N N N 72  
ARG CA   C N S 73  
ARG C    C N N 74  
ARG O    O N N 75  
ARG CB   C N N 76  
ARG CG   C N N 77  
ARG CD   C N N 78  
ARG NE   N N N 79  
ARG CZ   C N N 80  
ARG NH1  N N N 81  
ARG NH2  N N N 82  
ARG OXT  O N N 83  
ARG H    H N N 84  
ARG H2   H N N 85  
ARG HA   H N N 86  
ARG HB2  H N N 87  
ARG HB3  H N N 88  
ARG HG2  H N N 89  
ARG HG3  H N N 90  
ARG HD2  H N N 91  
ARG HD3  H N N 92  
ARG HE   H N N 93  
ARG HH11 H N N 94  
ARG HH12 H N N 95  
ARG HH21 H N N 96  
ARG HH22 H N N 97  
ARG HXT  H N N 98  
ASN N    N N N 99  
ASN CA   C N S 100 
ASN C    C N N 101 
ASN O    O N N 102 
ASN CB   C N N 103 
ASN CG   C N N 104 
ASN OD1  O N N 105 
ASN ND2  N N N 106 
ASN OXT  O N N 107 
ASN H    H N N 108 
ASN H2   H N N 109 
ASN HA   H N N 110 
ASN HB2  H N N 111 
ASN HB3  H N N 112 
ASN HD21 H N N 113 
ASN HD22 H N N 114 
ASN HXT  H N N 115 
ASP N    N N N 116 
ASP CA   C N S 117 
ASP C    C N N 118 
ASP O    O N N 119 
ASP CB   C N N 120 
ASP CG   C N N 121 
ASP OD1  O N N 122 
ASP OD2  O N N 123 
ASP OXT  O N N 124 
ASP H    H N N 125 
ASP H2   H N N 126 
ASP HA   H N N 127 
ASP HB2  H N N 128 
ASP HB3  H N N 129 
ASP HD2  H N N 130 
ASP HXT  H N N 131 
GLN N    N N N 132 
GLN CA   C N S 133 
GLN C    C N N 134 
GLN O    O N N 135 
GLN CB   C N N 136 
GLN CG   C N N 137 
GLN CD   C N N 138 
GLN OE1  O N N 139 
GLN NE2  N N N 140 
GLN OXT  O N N 141 
GLN H    H N N 142 
GLN H2   H N N 143 
GLN HA   H N N 144 
GLN HB2  H N N 145 
GLN HB3  H N N 146 
GLN HG2  H N N 147 
GLN HG3  H N N 148 
GLN HE21 H N N 149 
GLN HE22 H N N 150 
GLN HXT  H N N 151 
GLU N    N N N 152 
GLU CA   C N S 153 
GLU C    C N N 154 
GLU O    O N N 155 
GLU CB   C N N 156 
GLU CG   C N N 157 
GLU CD   C N N 158 
GLU OE1  O N N 159 
GLU OE2  O N N 160 
GLU OXT  O N N 161 
GLU H    H N N 162 
GLU H2   H N N 163 
GLU HA   H N N 164 
GLU HB2  H N N 165 
GLU HB3  H N N 166 
GLU HG2  H N N 167 
GLU HG3  H N N 168 
GLU HE2  H N N 169 
GLU HXT  H N N 170 
GLY N    N N N 171 
GLY CA   C N N 172 
GLY C    C N N 173 
GLY O    O N N 174 
GLY OXT  O N N 175 
GLY H    H N N 176 
GLY H2   H N N 177 
GLY HA2  H N N 178 
GLY HA3  H N N 179 
GLY HXT  H N N 180 
HIS N    N N N 181 
HIS CA   C N S 182 
HIS C    C N N 183 
HIS O    O N N 184 
HIS CB   C N N 185 
HIS CG   C Y N 186 
HIS ND1  N Y N 187 
HIS CD2  C Y N 188 
HIS CE1  C Y N 189 
HIS NE2  N Y N 190 
HIS OXT  O N N 191 
HIS H    H N N 192 
HIS H2   H N N 193 
HIS HA   H N N 194 
HIS HB2  H N N 195 
HIS HB3  H N N 196 
HIS HD1  H N N 197 
HIS HD2  H N N 198 
HIS HE1  H N N 199 
HIS HE2  H N N 200 
HIS HXT  H N N 201 
HOH O    O N N 202 
HOH H1   H N N 203 
HOH H2   H N N 204 
ILE N    N N N 205 
ILE CA   C N S 206 
ILE C    C N N 207 
ILE O    O N N 208 
ILE CB   C N S 209 
ILE CG1  C N N 210 
ILE CG2  C N N 211 
ILE CD1  C N N 212 
ILE OXT  O N N 213 
ILE H    H N N 214 
ILE H2   H N N 215 
ILE HA   H N N 216 
ILE HB   H N N 217 
ILE HG12 H N N 218 
ILE HG13 H N N 219 
ILE HG21 H N N 220 
ILE HG22 H N N 221 
ILE HG23 H N N 222 
ILE HD11 H N N 223 
ILE HD12 H N N 224 
ILE HD13 H N N 225 
ILE HXT  H N N 226 
LEU N    N N N 227 
LEU CA   C N S 228 
LEU C    C N N 229 
LEU O    O N N 230 
LEU CB   C N N 231 
LEU CG   C N N 232 
LEU CD1  C N N 233 
LEU CD2  C N N 234 
LEU OXT  O N N 235 
LEU H    H N N 236 
LEU H2   H N N 237 
LEU HA   H N N 238 
LEU HB2  H N N 239 
LEU HB3  H N N 240 
LEU HG   H N N 241 
LEU HD11 H N N 242 
LEU HD12 H N N 243 
LEU HD13 H N N 244 
LEU HD21 H N N 245 
LEU HD22 H N N 246 
LEU HD23 H N N 247 
LEU HXT  H N N 248 
LYS N    N N N 249 
LYS CA   C N S 250 
LYS C    C N N 251 
LYS O    O N N 252 
LYS CB   C N N 253 
LYS CG   C N N 254 
LYS CD   C N N 255 
LYS CE   C N N 256 
LYS NZ   N N N 257 
LYS OXT  O N N 258 
LYS H    H N N 259 
LYS H2   H N N 260 
LYS HA   H N N 261 
LYS HB2  H N N 262 
LYS HB3  H N N 263 
LYS HG2  H N N 264 
LYS HG3  H N N 265 
LYS HD2  H N N 266 
LYS HD3  H N N 267 
LYS HE2  H N N 268 
LYS HE3  H N N 269 
LYS HZ1  H N N 270 
LYS HZ2  H N N 271 
LYS HZ3  H N N 272 
LYS HXT  H N N 273 
MET N    N N N 274 
MET CA   C N S 275 
MET C    C N N 276 
MET O    O N N 277 
MET CB   C N N 278 
MET CG   C N N 279 
MET SD   S N N 280 
MET CE   C N N 281 
MET OXT  O N N 282 
MET H    H N N 283 
MET H2   H N N 284 
MET HA   H N N 285 
MET HB2  H N N 286 
MET HB3  H N N 287 
MET HG2  H N N 288 
MET HG3  H N N 289 
MET HE1  H N N 290 
MET HE2  H N N 291 
MET HE3  H N N 292 
MET HXT  H N N 293 
NDP PA   P N S 294 
NDP O1A  O N N 295 
NDP O2A  O N N 296 
NDP O5B  O N N 297 
NDP C5B  C N N 298 
NDP C4B  C N R 299 
NDP O4B  O N N 300 
NDP C3B  C N R 301 
NDP O3B  O N N 302 
NDP C2B  C N R 303 
NDP O2B  O N N 304 
NDP C1B  C N R 305 
NDP N9A  N Y N 306 
NDP C8A  C Y N 307 
NDP N7A  N Y N 308 
NDP C5A  C Y N 309 
NDP C6A  C Y N 310 
NDP N6A  N N N 311 
NDP N1A  N Y N 312 
NDP C2A  C Y N 313 
NDP N3A  N Y N 314 
NDP C4A  C Y N 315 
NDP O3   O N N 316 
NDP PN   P N S 317 
NDP O1N  O N N 318 
NDP O2N  O N N 319 
NDP O5D  O N N 320 
NDP C5D  C N N 321 
NDP C4D  C N R 322 
NDP O4D  O N N 323 
NDP C3D  C N S 324 
NDP O3D  O N N 325 
NDP C2D  C N R 326 
NDP O2D  O N N 327 
NDP C1D  C N R 328 
NDP N1N  N N N 329 
NDP C2N  C N N 330 
NDP C3N  C N N 331 
NDP C7N  C N N 332 
NDP O7N  O N N 333 
NDP N7N  N N N 334 
NDP C4N  C N N 335 
NDP C5N  C N N 336 
NDP C6N  C N N 337 
NDP P2B  P N N 338 
NDP O1X  O N N 339 
NDP O2X  O N N 340 
NDP O3X  O N N 341 
NDP HOA2 H N N 342 
NDP H51A H N N 343 
NDP H52A H N N 344 
NDP H4B  H N N 345 
NDP H3B  H N N 346 
NDP HO3A H N N 347 
NDP H2B  H N N 348 
NDP H1B  H N N 349 
NDP H8A  H N N 350 
NDP H61A H N N 351 
NDP H62A H N N 352 
NDP H2A  H N N 353 
NDP H21N H N N 354 
NDP H51N H N N 355 
NDP H52N H N N 356 
NDP H4D  H N N 357 
NDP H3D  H N N 358 
NDP HO3N H N N 359 
NDP H2D  H N N 360 
NDP HO2N H N N 361 
NDP H1D  H N N 362 
NDP H2N  H N N 363 
NDP H71N H N N 364 
NDP H72N H N N 365 
NDP H41N H N N 366 
NDP H42N H N N 367 
NDP H5N  H N N 368 
NDP H6N  H N N 369 
NDP HOP2 H N N 370 
NDP HOP3 H N N 371 
PHE N    N N N 372 
PHE CA   C N S 373 
PHE C    C N N 374 
PHE O    O N N 375 
PHE CB   C N N 376 
PHE CG   C Y N 377 
PHE CD1  C Y N 378 
PHE CD2  C Y N 379 
PHE CE1  C Y N 380 
PHE CE2  C Y N 381 
PHE CZ   C Y N 382 
PHE OXT  O N N 383 
PHE H    H N N 384 
PHE H2   H N N 385 
PHE HA   H N N 386 
PHE HB2  H N N 387 
PHE HB3  H N N 388 
PHE HD1  H N N 389 
PHE HD2  H N N 390 
PHE HE1  H N N 391 
PHE HE2  H N N 392 
PHE HZ   H N N 393 
PHE HXT  H N N 394 
PRO N    N N N 395 
PRO CA   C N S 396 
PRO C    C N N 397 
PRO O    O N N 398 
PRO CB   C N N 399 
PRO CG   C N N 400 
PRO CD   C N N 401 
PRO OXT  O N N 402 
PRO H    H N N 403 
PRO HA   H N N 404 
PRO HB2  H N N 405 
PRO HB3  H N N 406 
PRO HG2  H N N 407 
PRO HG3  H N N 408 
PRO HD2  H N N 409 
PRO HD3  H N N 410 
PRO HXT  H N N 411 
SER N    N N N 412 
SER CA   C N S 413 
SER C    C N N 414 
SER O    O N N 415 
SER CB   C N N 416 
SER OG   O N N 417 
SER OXT  O N N 418 
SER H    H N N 419 
SER H2   H N N 420 
SER HA   H N N 421 
SER HB2  H N N 422 
SER HB3  H N N 423 
SER HG   H N N 424 
SER HXT  H N N 425 
THR N    N N N 426 
THR CA   C N S 427 
THR C    C N N 428 
THR O    O N N 429 
THR CB   C N R 430 
THR OG1  O N N 431 
THR CG2  C N N 432 
THR OXT  O N N 433 
THR H    H N N 434 
THR H2   H N N 435 
THR HA   H N N 436 
THR HB   H N N 437 
THR HG1  H N N 438 
THR HG21 H N N 439 
THR HG22 H N N 440 
THR HG23 H N N 441 
THR HXT  H N N 442 
TRP N    N N N 443 
TRP CA   C N S 444 
TRP C    C N N 445 
TRP O    O N N 446 
TRP CB   C N N 447 
TRP CG   C Y N 448 
TRP CD1  C Y N 449 
TRP CD2  C Y N 450 
TRP NE1  N Y N 451 
TRP CE2  C Y N 452 
TRP CE3  C Y N 453 
TRP CZ2  C Y N 454 
TRP CZ3  C Y N 455 
TRP CH2  C Y N 456 
TRP OXT  O N N 457 
TRP H    H N N 458 
TRP H2   H N N 459 
TRP HA   H N N 460 
TRP HB2  H N N 461 
TRP HB3  H N N 462 
TRP HD1  H N N 463 
TRP HE1  H N N 464 
TRP HE3  H N N 465 
TRP HZ2  H N N 466 
TRP HZ3  H N N 467 
TRP HH2  H N N 468 
TRP HXT  H N N 469 
TYR N    N N N 470 
TYR CA   C N S 471 
TYR C    C N N 472 
TYR O    O N N 473 
TYR CB   C N N 474 
TYR CG   C Y N 475 
TYR CD1  C Y N 476 
TYR CD2  C Y N 477 
TYR CE1  C Y N 478 
TYR CE2  C Y N 479 
TYR CZ   C Y N 480 
TYR OH   O N N 481 
TYR OXT  O N N 482 
TYR H    H N N 483 
TYR H2   H N N 484 
TYR HA   H N N 485 
TYR HB2  H N N 486 
TYR HB3  H N N 487 
TYR HD1  H N N 488 
TYR HD2  H N N 489 
TYR HE1  H N N 490 
TYR HE2  H N N 491 
TYR HH   H N N 492 
TYR HXT  H N N 493 
VAL N    N N N 494 
VAL CA   C N S 495 
VAL C    C N N 496 
VAL O    O N N 497 
VAL CB   C N N 498 
VAL CG1  C N N 499 
VAL CG2  C N N 500 
VAL OXT  O N N 501 
VAL H    H N N 502 
VAL H2   H N N 503 
VAL HA   H N N 504 
VAL HB   H N N 505 
VAL HG11 H N N 506 
VAL HG12 H N N 507 
VAL HG13 H N N 508 
VAL HG21 H N N 509 
VAL HG22 H N N 510 
VAL HG23 H N N 511 
VAL HXT  H N N 512 
# 
loop_
_chem_comp_bond.comp_id 
_chem_comp_bond.atom_id_1 
_chem_comp_bond.atom_id_2 
_chem_comp_bond.value_order 
_chem_comp_bond.pdbx_aromatic_flag 
_chem_comp_bond.pdbx_stereo_config 
_chem_comp_bond.pdbx_ordinal 
06U C2  N1   doub Y N 1   
06U N1  C6   sing Y N 2   
06U N3  C2   sing Y N 3   
06U NAH C2   sing N N 4   
06U N3  C4   doub Y N 5   
06U CAI C4   sing N N 6   
06U C4  C5   sing Y N 7   
06U C5  CAK  sing N N 8   
06U C5  C6   doub Y N 9   
06U C6  NAJ  sing N N 10  
06U CAY CAA  doub Y N 11  
06U CAA CAU  sing Y N 12  
06U CAA HAA  sing N N 13  
06U NAH HNAH sing N N 14  
06U NAH HNAA sing N N 15  
06U CAZ CAI  sing N N 16  
06U CAI HAI  sing N N 17  
06U CAI HAIA sing N N 18  
06U NAJ HNAJ sing N N 19  
06U NAJ HNAB sing N N 20  
06U CAK CAL  trip N N 21  
06U CAL CAM  sing N N 22  
06U CAO CAM  sing N N 23  
06U CAM CAN  sing N N 24  
06U CAM HAM  sing N N 25  
06U CAN HAN  sing N N 26  
06U CAN HANA sing N N 27  
06U CAN HANB sing N N 28  
06U CAP CAO  doub Y N 29  
06U CAT CAO  sing Y N 30  
06U CAQ CAP  sing Y N 31  
06U CAP HAP  sing N N 32  
06U OBA CAQ  sing N N 33  
06U CAR CAQ  doub Y N 34  
06U CAR CAS  sing Y N 35  
06U CAR HAR  sing N N 36  
06U CAU CAS  sing Y N 37  
06U CAS CAT  doub Y N 38  
06U CAT HAT  sing N N 39  
06U CAU CAV  doub Y N 40  
06U CAW CAV  sing Y N 41  
06U CAV HAV  sing N N 42  
06U NAX CAW  doub Y N 43  
06U CAW HAW  sing N N 44  
06U CAY NAX  sing Y N 45  
06U CAY HAY  sing N N 46  
06U CAZ HAZ  sing N N 47  
06U CAZ HAZA sing N N 48  
06U CAZ HAZB sing N N 49  
06U OBA CBB  sing N N 50  
06U CBB HBB  sing N N 51  
06U CBB HBBA sing N N 52  
06U CBB HBBB sing N N 53  
ACT C   O    doub N N 54  
ACT C   OXT  sing N N 55  
ACT C   CH3  sing N N 56  
ACT CH3 H1   sing N N 57  
ACT CH3 H2   sing N N 58  
ACT CH3 H3   sing N N 59  
ALA N   CA   sing N N 60  
ALA N   H    sing N N 61  
ALA N   H2   sing N N 62  
ALA CA  C    sing N N 63  
ALA CA  CB   sing N N 64  
ALA CA  HA   sing N N 65  
ALA C   O    doub N N 66  
ALA C   OXT  sing N N 67  
ALA CB  HB1  sing N N 68  
ALA CB  HB2  sing N N 69  
ALA CB  HB3  sing N N 70  
ALA OXT HXT  sing N N 71  
ARG N   CA   sing N N 72  
ARG N   H    sing N N 73  
ARG N   H2   sing N N 74  
ARG CA  C    sing N N 75  
ARG CA  CB   sing N N 76  
ARG CA  HA   sing N N 77  
ARG C   O    doub N N 78  
ARG C   OXT  sing N N 79  
ARG CB  CG   sing N N 80  
ARG CB  HB2  sing N N 81  
ARG CB  HB3  sing N N 82  
ARG CG  CD   sing N N 83  
ARG CG  HG2  sing N N 84  
ARG CG  HG3  sing N N 85  
ARG CD  NE   sing N N 86  
ARG CD  HD2  sing N N 87  
ARG CD  HD3  sing N N 88  
ARG NE  CZ   sing N N 89  
ARG NE  HE   sing N N 90  
ARG CZ  NH1  sing N N 91  
ARG CZ  NH2  doub N N 92  
ARG NH1 HH11 sing N N 93  
ARG NH1 HH12 sing N N 94  
ARG NH2 HH21 sing N N 95  
ARG NH2 HH22 sing N N 96  
ARG OXT HXT  sing N N 97  
ASN N   CA   sing N N 98  
ASN N   H    sing N N 99  
ASN N   H2   sing N N 100 
ASN CA  C    sing N N 101 
ASN CA  CB   sing N N 102 
ASN CA  HA   sing N N 103 
ASN C   O    doub N N 104 
ASN C   OXT  sing N N 105 
ASN CB  CG   sing N N 106 
ASN CB  HB2  sing N N 107 
ASN CB  HB3  sing N N 108 
ASN CG  OD1  doub N N 109 
ASN CG  ND2  sing N N 110 
ASN ND2 HD21 sing N N 111 
ASN ND2 HD22 sing N N 112 
ASN OXT HXT  sing N N 113 
ASP N   CA   sing N N 114 
ASP N   H    sing N N 115 
ASP N   H2   sing N N 116 
ASP CA  C    sing N N 117 
ASP CA  CB   sing N N 118 
ASP CA  HA   sing N N 119 
ASP C   O    doub N N 120 
ASP C   OXT  sing N N 121 
ASP CB  CG   sing N N 122 
ASP CB  HB2  sing N N 123 
ASP CB  HB3  sing N N 124 
ASP CG  OD1  doub N N 125 
ASP CG  OD2  sing N N 126 
ASP OD2 HD2  sing N N 127 
ASP OXT HXT  sing N N 128 
GLN N   CA   sing N N 129 
GLN N   H    sing N N 130 
GLN N   H2   sing N N 131 
GLN CA  C    sing N N 132 
GLN CA  CB   sing N N 133 
GLN CA  HA   sing N N 134 
GLN C   O    doub N N 135 
GLN C   OXT  sing N N 136 
GLN CB  CG   sing N N 137 
GLN CB  HB2  sing N N 138 
GLN CB  HB3  sing N N 139 
GLN CG  CD   sing N N 140 
GLN CG  HG2  sing N N 141 
GLN CG  HG3  sing N N 142 
GLN CD  OE1  doub N N 143 
GLN CD  NE2  sing N N 144 
GLN NE2 HE21 sing N N 145 
GLN NE2 HE22 sing N N 146 
GLN OXT HXT  sing N N 147 
GLU N   CA   sing N N 148 
GLU N   H    sing N N 149 
GLU N   H2   sing N N 150 
GLU CA  C    sing N N 151 
GLU CA  CB   sing N N 152 
GLU CA  HA   sing N N 153 
GLU C   O    doub N N 154 
GLU C   OXT  sing N N 155 
GLU CB  CG   sing N N 156 
GLU CB  HB2  sing N N 157 
GLU CB  HB3  sing N N 158 
GLU CG  CD   sing N N 159 
GLU CG  HG2  sing N N 160 
GLU CG  HG3  sing N N 161 
GLU CD  OE1  doub N N 162 
GLU CD  OE2  sing N N 163 
GLU OE2 HE2  sing N N 164 
GLU OXT HXT  sing N N 165 
GLY N   CA   sing N N 166 
GLY N   H    sing N N 167 
GLY N   H2   sing N N 168 
GLY CA  C    sing N N 169 
GLY CA  HA2  sing N N 170 
GLY CA  HA3  sing N N 171 
GLY C   O    doub N N 172 
GLY C   OXT  sing N N 173 
GLY OXT HXT  sing N N 174 
HIS N   CA   sing N N 175 
HIS N   H    sing N N 176 
HIS N   H2   sing N N 177 
HIS CA  C    sing N N 178 
HIS CA  CB   sing N N 179 
HIS CA  HA   sing N N 180 
HIS C   O    doub N N 181 
HIS C   OXT  sing N N 182 
HIS CB  CG   sing N N 183 
HIS CB  HB2  sing N N 184 
HIS CB  HB3  sing N N 185 
HIS CG  ND1  sing Y N 186 
HIS CG  CD2  doub Y N 187 
HIS ND1 CE1  doub Y N 188 
HIS ND1 HD1  sing N N 189 
HIS CD2 NE2  sing Y N 190 
HIS CD2 HD2  sing N N 191 
HIS CE1 NE2  sing Y N 192 
HIS CE1 HE1  sing N N 193 
HIS NE2 HE2  sing N N 194 
HIS OXT HXT  sing N N 195 
HOH O   H1   sing N N 196 
HOH O   H2   sing N N 197 
ILE N   CA   sing N N 198 
ILE N   H    sing N N 199 
ILE N   H2   sing N N 200 
ILE CA  C    sing N N 201 
ILE CA  CB   sing N N 202 
ILE CA  HA   sing N N 203 
ILE C   O    doub N N 204 
ILE C   OXT  sing N N 205 
ILE CB  CG1  sing N N 206 
ILE CB  CG2  sing N N 207 
ILE CB  HB   sing N N 208 
ILE CG1 CD1  sing N N 209 
ILE CG1 HG12 sing N N 210 
ILE CG1 HG13 sing N N 211 
ILE CG2 HG21 sing N N 212 
ILE CG2 HG22 sing N N 213 
ILE CG2 HG23 sing N N 214 
ILE CD1 HD11 sing N N 215 
ILE CD1 HD12 sing N N 216 
ILE CD1 HD13 sing N N 217 
ILE OXT HXT  sing N N 218 
LEU N   CA   sing N N 219 
LEU N   H    sing N N 220 
LEU N   H2   sing N N 221 
LEU CA  C    sing N N 222 
LEU CA  CB   sing N N 223 
LEU CA  HA   sing N N 224 
LEU C   O    doub N N 225 
LEU C   OXT  sing N N 226 
LEU CB  CG   sing N N 227 
LEU CB  HB2  sing N N 228 
LEU CB  HB3  sing N N 229 
LEU CG  CD1  sing N N 230 
LEU CG  CD2  sing N N 231 
LEU CG  HG   sing N N 232 
LEU CD1 HD11 sing N N 233 
LEU CD1 HD12 sing N N 234 
LEU CD1 HD13 sing N N 235 
LEU CD2 HD21 sing N N 236 
LEU CD2 HD22 sing N N 237 
LEU CD2 HD23 sing N N 238 
LEU OXT HXT  sing N N 239 
LYS N   CA   sing N N 240 
LYS N   H    sing N N 241 
LYS N   H2   sing N N 242 
LYS CA  C    sing N N 243 
LYS CA  CB   sing N N 244 
LYS CA  HA   sing N N 245 
LYS C   O    doub N N 246 
LYS C   OXT  sing N N 247 
LYS CB  CG   sing N N 248 
LYS CB  HB2  sing N N 249 
LYS CB  HB3  sing N N 250 
LYS CG  CD   sing N N 251 
LYS CG  HG2  sing N N 252 
LYS CG  HG3  sing N N 253 
LYS CD  CE   sing N N 254 
LYS CD  HD2  sing N N 255 
LYS CD  HD3  sing N N 256 
LYS CE  NZ   sing N N 257 
LYS CE  HE2  sing N N 258 
LYS CE  HE3  sing N N 259 
LYS NZ  HZ1  sing N N 260 
LYS NZ  HZ2  sing N N 261 
LYS NZ  HZ3  sing N N 262 
LYS OXT HXT  sing N N 263 
MET N   CA   sing N N 264 
MET N   H    sing N N 265 
MET N   H2   sing N N 266 
MET CA  C    sing N N 267 
MET CA  CB   sing N N 268 
MET CA  HA   sing N N 269 
MET C   O    doub N N 270 
MET C   OXT  sing N N 271 
MET CB  CG   sing N N 272 
MET CB  HB2  sing N N 273 
MET CB  HB3  sing N N 274 
MET CG  SD   sing N N 275 
MET CG  HG2  sing N N 276 
MET CG  HG3  sing N N 277 
MET SD  CE   sing N N 278 
MET CE  HE1  sing N N 279 
MET CE  HE2  sing N N 280 
MET CE  HE3  sing N N 281 
MET OXT HXT  sing N N 282 
NDP PA  O1A  doub N N 283 
NDP PA  O2A  sing N N 284 
NDP PA  O5B  sing N N 285 
NDP PA  O3   sing N N 286 
NDP O2A HOA2 sing N N 287 
NDP O5B C5B  sing N N 288 
NDP C5B C4B  sing N N 289 
NDP C5B H51A sing N N 290 
NDP C5B H52A sing N N 291 
NDP C4B O4B  sing N N 292 
NDP C4B C3B  sing N N 293 
NDP C4B H4B  sing N N 294 
NDP O4B C1B  sing N N 295 
NDP C3B O3B  sing N N 296 
NDP C3B C2B  sing N N 297 
NDP C3B H3B  sing N N 298 
NDP O3B HO3A sing N N 299 
NDP C2B O2B  sing N N 300 
NDP C2B C1B  sing N N 301 
NDP C2B H2B  sing N N 302 
NDP O2B P2B  sing N N 303 
NDP C1B N9A  sing N N 304 
NDP C1B H1B  sing N N 305 
NDP N9A C8A  sing Y N 306 
NDP N9A C4A  sing Y N 307 
NDP C8A N7A  doub Y N 308 
NDP C8A H8A  sing N N 309 
NDP N7A C5A  sing Y N 310 
NDP C5A C6A  sing Y N 311 
NDP C5A C4A  doub Y N 312 
NDP C6A N6A  sing N N 313 
NDP C6A N1A  doub Y N 314 
NDP N6A H61A sing N N 315 
NDP N6A H62A sing N N 316 
NDP N1A C2A  sing Y N 317 
NDP C2A N3A  doub Y N 318 
NDP C2A H2A  sing N N 319 
NDP N3A C4A  sing Y N 320 
NDP O3  PN   sing N N 321 
NDP PN  O1N  doub N N 322 
NDP PN  O2N  sing N N 323 
NDP PN  O5D  sing N N 324 
NDP O2N H21N sing N N 325 
NDP O5D C5D  sing N N 326 
NDP C5D C4D  sing N N 327 
NDP C5D H51N sing N N 328 
NDP C5D H52N sing N N 329 
NDP C4D O4D  sing N N 330 
NDP C4D C3D  sing N N 331 
NDP C4D H4D  sing N N 332 
NDP O4D C1D  sing N N 333 
NDP C3D O3D  sing N N 334 
NDP C3D C2D  sing N N 335 
NDP C3D H3D  sing N N 336 
NDP O3D HO3N sing N N 337 
NDP C2D O2D  sing N N 338 
NDP C2D C1D  sing N N 339 
NDP C2D H2D  sing N N 340 
NDP O2D HO2N sing N N 341 
NDP C1D N1N  sing N N 342 
NDP C1D H1D  sing N N 343 
NDP N1N C2N  sing N N 344 
NDP N1N C6N  sing N N 345 
NDP C2N C3N  doub N N 346 
NDP C2N H2N  sing N N 347 
NDP C3N C7N  sing N N 348 
NDP C3N C4N  sing N N 349 
NDP C7N O7N  doub N N 350 
NDP C7N N7N  sing N N 351 
NDP N7N H71N sing N N 352 
NDP N7N H72N sing N N 353 
NDP C4N C5N  sing N N 354 
NDP C4N H41N sing N N 355 
NDP C4N H42N sing N N 356 
NDP C5N C6N  doub N N 357 
NDP C5N H5N  sing N N 358 
NDP C6N H6N  sing N N 359 
NDP P2B O1X  doub N N 360 
NDP P2B O2X  sing N N 361 
NDP P2B O3X  sing N N 362 
NDP O2X HOP2 sing N N 363 
NDP O3X HOP3 sing N N 364 
PHE N   CA   sing N N 365 
PHE N   H    sing N N 366 
PHE N   H2   sing N N 367 
PHE CA  C    sing N N 368 
PHE CA  CB   sing N N 369 
PHE CA  HA   sing N N 370 
PHE C   O    doub N N 371 
PHE C   OXT  sing N N 372 
PHE CB  CG   sing N N 373 
PHE CB  HB2  sing N N 374 
PHE CB  HB3  sing N N 375 
PHE CG  CD1  doub Y N 376 
PHE CG  CD2  sing Y N 377 
PHE CD1 CE1  sing Y N 378 
PHE CD1 HD1  sing N N 379 
PHE CD2 CE2  doub Y N 380 
PHE CD2 HD2  sing N N 381 
PHE CE1 CZ   doub Y N 382 
PHE CE1 HE1  sing N N 383 
PHE CE2 CZ   sing Y N 384 
PHE CE2 HE2  sing N N 385 
PHE CZ  HZ   sing N N 386 
PHE OXT HXT  sing N N 387 
PRO N   CA   sing N N 388 
PRO N   CD   sing N N 389 
PRO N   H    sing N N 390 
PRO CA  C    sing N N 391 
PRO CA  CB   sing N N 392 
PRO CA  HA   sing N N 393 
PRO C   O    doub N N 394 
PRO C   OXT  sing N N 395 
PRO CB  CG   sing N N 396 
PRO CB  HB2  sing N N 397 
PRO CB  HB3  sing N N 398 
PRO CG  CD   sing N N 399 
PRO CG  HG2  sing N N 400 
PRO CG  HG3  sing N N 401 
PRO CD  HD2  sing N N 402 
PRO CD  HD3  sing N N 403 
PRO OXT HXT  sing N N 404 
SER N   CA   sing N N 405 
SER N   H    sing N N 406 
SER N   H2   sing N N 407 
SER CA  C    sing N N 408 
SER CA  CB   sing N N 409 
SER CA  HA   sing N N 410 
SER C   O    doub N N 411 
SER C   OXT  sing N N 412 
SER CB  OG   sing N N 413 
SER CB  HB2  sing N N 414 
SER CB  HB3  sing N N 415 
SER OG  HG   sing N N 416 
SER OXT HXT  sing N N 417 
THR N   CA   sing N N 418 
THR N   H    sing N N 419 
THR N   H2   sing N N 420 
THR CA  C    sing N N 421 
THR CA  CB   sing N N 422 
THR CA  HA   sing N N 423 
THR C   O    doub N N 424 
THR C   OXT  sing N N 425 
THR CB  OG1  sing N N 426 
THR CB  CG2  sing N N 427 
THR CB  HB   sing N N 428 
THR OG1 HG1  sing N N 429 
THR CG2 HG21 sing N N 430 
THR CG2 HG22 sing N N 431 
THR CG2 HG23 sing N N 432 
THR OXT HXT  sing N N 433 
TRP N   CA   sing N N 434 
TRP N   H    sing N N 435 
TRP N   H2   sing N N 436 
TRP CA  C    sing N N 437 
TRP CA  CB   sing N N 438 
TRP CA  HA   sing N N 439 
TRP C   O    doub N N 440 
TRP C   OXT  sing N N 441 
TRP CB  CG   sing N N 442 
TRP CB  HB2  sing N N 443 
TRP CB  HB3  sing N N 444 
TRP CG  CD1  doub Y N 445 
TRP CG  CD2  sing Y N 446 
TRP CD1 NE1  sing Y N 447 
TRP CD1 HD1  sing N N 448 
TRP CD2 CE2  doub Y N 449 
TRP CD2 CE3  sing Y N 450 
TRP NE1 CE2  sing Y N 451 
TRP NE1 HE1  sing N N 452 
TRP CE2 CZ2  sing Y N 453 
TRP CE3 CZ3  doub Y N 454 
TRP CE3 HE3  sing N N 455 
TRP CZ2 CH2  doub Y N 456 
TRP CZ2 HZ2  sing N N 457 
TRP CZ3 CH2  sing Y N 458 
TRP CZ3 HZ3  sing N N 459 
TRP CH2 HH2  sing N N 460 
TRP OXT HXT  sing N N 461 
TYR N   CA   sing N N 462 
TYR N   H    sing N N 463 
TYR N   H2   sing N N 464 
TYR CA  C    sing N N 465 
TYR CA  CB   sing N N 466 
TYR CA  HA   sing N N 467 
TYR C   O    doub N N 468 
TYR C   OXT  sing N N 469 
TYR CB  CG   sing N N 470 
TYR CB  HB2  sing N N 471 
TYR CB  HB3  sing N N 472 
TYR CG  CD1  doub Y N 473 
TYR CG  CD2  sing Y N 474 
TYR CD1 CE1  sing Y N 475 
TYR CD1 HD1  sing N N 476 
TYR CD2 CE2  doub Y N 477 
TYR CD2 HD2  sing N N 478 
TYR CE1 CZ   doub Y N 479 
TYR CE1 HE1  sing N N 480 
TYR CE2 CZ   sing Y N 481 
TYR CE2 HE2  sing N N 482 
TYR CZ  OH   sing N N 483 
TYR OH  HH   sing N N 484 
TYR OXT HXT  sing N N 485 
VAL N   CA   sing N N 486 
VAL N   H    sing N N 487 
VAL N   H2   sing N N 488 
VAL CA  C    sing N N 489 
VAL CA  CB   sing N N 490 
VAL CA  HA   sing N N 491 
VAL C   O    doub N N 492 
VAL C   OXT  sing N N 493 
VAL CB  CG1  sing N N 494 
VAL CB  CG2  sing N N 495 
VAL CB  HB   sing N N 496 
VAL CG1 HG11 sing N N 497 
VAL CG1 HG12 sing N N 498 
VAL CG1 HG13 sing N N 499 
VAL CG2 HG21 sing N N 500 
VAL CG2 HG22 sing N N 501 
VAL CG2 HG23 sing N N 502 
VAL OXT HXT  sing N N 503 
# 
_pdbx_audit_support.funding_organization   
'National Institutes of Health/National Institute Of Allergy and Infectious Diseases (NIH/NIAID)' 
_pdbx_audit_support.country                'United States' 
_pdbx_audit_support.grant_number           AI111957 
_pdbx_audit_support.ordinal                1 
# 
loop_
_pdbx_entity_nonpoly.entity_id 
_pdbx_entity_nonpoly.name 
_pdbx_entity_nonpoly.comp_id 
2 '6-ethyl-5-{(3R)-3-[3-methoxy-5-(pyridin-4-yl)phenyl]but-1-yn-1-yl}pyrimidine-2,4-diamine' 06U 
3 'ACETATE ION'                                                                              ACT 
4 'NADPH DIHYDRO-NICOTINAMIDE-ADENINE-DINUCLEOTIDE PHOSPHATE'                                NDP 
5 water                                                                                      HOH 
# 
_pdbx_initial_refinement_model.id               1 
_pdbx_initial_refinement_model.entity_id_list   ? 
_pdbx_initial_refinement_model.type             'experimental model' 
_pdbx_initial_refinement_model.source_name      PDB 
_pdbx_initial_refinement_model.accession_code   3F0Q 
_pdbx_initial_refinement_model.details          ? 
# 
